data_5ZSL
#
_entry.id   5ZSL
#
_cell.length_a   99.630
_cell.length_b   139.424
_cell.length_c   150.893
_cell.angle_alpha   90.00
_cell.angle_beta   90.00
_cell.angle_gamma   90.00
#
_symmetry.space_group_name_H-M   'P 21 21 21'
#
loop_
_entity.id
_entity.type
_entity.pdbx_description
1 polymer 'Toll-like receptor 7'
2 polymer "RNA (5'-R(P*UP*UP*GP*A)-3')"
3 branched 2-acetamido-2-deoxy-beta-D-glucopyranose-(1-4)-2-acetamido-2-deoxy-beta-D-glucopyranose
4 non-polymer 2-acetamido-2-deoxy-beta-D-glucopyranose
5 non-polymer 'SULFATE ION'
6 non-polymer 2-amino-9-[(2S,3aR,4R,6R,6aR)-2-hydroxy-6-(hydroxymethyl)-2-oxotetrahydro-2H-2lambda~5~-furo[3,4-d][1,3,2]dioxaphosphol-4-yl]-3,9-dihydro-6H-purin-6-one
7 water water
#
loop_
_entity_poly.entity_id
_entity_poly.type
_entity_poly.pdbx_seq_one_letter_code
_entity_poly.pdbx_strand_id
1 'polypeptide(L)'
;RSPWARWFPKTLPCDVTLDVSKNHVIVDCTDKHLTEIPGGIPTNTTNLTLTINHIPDISPASFHRLVHLVEIDFRCNCVP
IRLGSKSNMCPRRLQIKPRSFSGLTYLKSLYLDGNQLLEIPQGLPPSLQLLSLEANNIFSIRKEQLTELANIEILYLGQN
CYYRNPCYVSYSIEKDAFLNLTKLKVLSLKDNNVTTVPTVLPSTLTELYLYNNMIAEIQEDDFNNLNQLQILDLSGNCPR
CYNAPFPCTPCKNNSPLQIPVNAFDALTELKVLRLHSNSLQHVPPRWFKNINNLQELDLSQNFLAKEIGDAKFLHFLPNL
IQLDLSFNFELQVYRASMNLSQAFSSLKSLKILRIRGYVFKELKSFQLSPLHNLQNLEVLDLGTNFIKIANLSMFKQFKR
LKVIDLSVNKISPSGDSLVPRGSSNARTSVESYEPQVLEQLYYFRYDKYARSCRFKNKEASFTSVQESCYKYGQTLDLSK
NSIFFIKSSDFQHLSFLKCLNLSGNLISQTLNGSEFQPLAELRYLDFSNNRLDLLHSTAFEELRKLEVLDISSNSHYFQS
EGITHMLNFTKNLKVLQKLMMNDNDISSSTSRTMESESLRTLEFRGNHLDVLWRDGDNRYLQLFKNLLKLEELDISKNSL
SFLPSGVFDGMPPNLKNLSLAKNGLKSFIWEKLRYLKNLETLDLSHNQLTTVPERLSNCSRSLKNLILKNNQIRSLTKYF
LQDAFQLRYLDLSSNKIQMIQKTSFPENVLNNLKMLLLHHNRFLCTCDAVWFVWWVQHTEVTIPYLATDVTCVGPGAHKG
QSVISLDLYTCELDLTNEFLVPR
;
B,A
2 'polyribonucleotide' GGUUGA D,E
#
loop_
_chem_comp.id
_chem_comp.type
_chem_comp.name
_chem_comp.formula
9K9 non-polymer 2-amino-9-[(2S,3aR,4R,6R,6aR)-2-hydroxy-6-(hydroxymethyl)-2-oxotetrahydro-2H-2lambda~5~-furo[3,4-d][1,3,2]dioxaphosphol-4-yl]-3,9-dihydro-6H-purin-6-one 'C10 H12 N5 O7 P'
A RNA linking ADENOSINE-5'-MONOPHOSPHATE 'C10 H14 N5 O7 P'
G RNA linking GUANOSINE-5'-MONOPHOSPHATE 'C10 H14 N5 O8 P'
NAG D-saccharide, beta linking 2-acetamido-2-deoxy-beta-D-glucopyranose 'C8 H15 N O6'
SO4 non-polymer 'SULFATE ION' 'O4 S -2'
U RNA linking URIDINE-5'-MONOPHOSPHATE 'C9 H13 N2 O9 P'
#
# COMPACT_ATOMS: atom_id res chain seq x y z
N ALA A 5 -12.84 -8.37 -43.48
CA ALA A 5 -12.29 -7.17 -44.13
C ALA A 5 -10.96 -7.54 -44.82
N ARG A 6 -9.89 -7.76 -44.05
CA ARG A 6 -8.51 -7.93 -44.58
C ARG A 6 -8.40 -9.22 -45.40
N TRP A 7 -7.62 -9.15 -46.48
CA TRP A 7 -7.34 -10.30 -47.34
C TRP A 7 -6.00 -10.95 -46.94
N PHE A 8 -5.04 -10.16 -46.42
CA PHE A 8 -3.74 -10.69 -46.01
C PHE A 8 -3.42 -10.32 -44.56
N PRO A 9 -3.65 -11.22 -43.58
CA PRO A 9 -3.35 -10.93 -42.18
C PRO A 9 -1.89 -10.47 -41.95
N LYS A 10 -1.72 -9.54 -41.01
CA LYS A 10 -0.40 -9.05 -40.64
C LYS A 10 0.20 -10.00 -39.62
N THR A 11 1.32 -10.64 -39.96
CA THR A 11 1.97 -11.60 -39.04
C THR A 11 3.24 -10.99 -38.41
N LEU A 12 3.76 -9.93 -39.03
CA LEU A 12 4.97 -9.23 -38.61
C LEU A 12 4.79 -8.71 -37.17
N PRO A 13 5.69 -9.06 -36.24
CA PRO A 13 5.51 -8.72 -34.82
C PRO A 13 5.88 -7.27 -34.45
N CYS A 14 5.63 -6.32 -35.36
CA CYS A 14 6.01 -4.93 -35.24
C CYS A 14 4.83 -4.07 -35.70
N ASP A 15 4.62 -2.93 -35.04
CA ASP A 15 3.65 -1.94 -35.46
C ASP A 15 4.14 -1.27 -36.76
N VAL A 16 3.24 -1.14 -37.74
CA VAL A 16 3.52 -0.47 -39.00
C VAL A 16 2.57 0.73 -39.13
N THR A 17 3.14 1.89 -39.42
CA THR A 17 2.42 3.13 -39.54
C THR A 17 2.80 3.78 -40.88
N LEU A 18 1.84 4.47 -41.50
CA LEU A 18 2.03 5.24 -42.73
C LEU A 18 1.82 6.72 -42.44
N ASP A 19 2.80 7.54 -42.86
CA ASP A 19 2.67 8.99 -42.90
C ASP A 19 2.92 9.44 -44.35
N VAL A 20 1.82 9.56 -45.12
CA VAL A 20 1.89 9.71 -46.57
C VAL A 20 2.51 11.06 -46.92
N SER A 21 2.27 12.08 -46.08
CA SER A 21 2.74 13.47 -46.32
C SER A 21 4.28 13.53 -46.35
N LYS A 22 4.92 12.90 -45.35
CA LYS A 22 6.37 12.94 -45.16
C LYS A 22 7.04 11.74 -45.85
N ASN A 23 6.27 10.89 -46.54
CA ASN A 23 6.82 9.74 -47.29
C ASN A 23 7.48 8.73 -46.35
N HIS A 24 6.84 8.44 -45.20
CA HIS A 24 7.42 7.59 -44.17
C HIS A 24 6.63 6.28 -44.02
N VAL A 25 7.37 5.16 -43.97
CA VAL A 25 6.85 3.85 -43.58
C VAL A 25 7.56 3.44 -42.28
N ILE A 26 6.84 3.58 -41.15
CA ILE A 26 7.41 3.42 -39.80
C ILE A 26 7.12 2.02 -39.27
N VAL A 27 8.18 1.28 -38.99
CA VAL A 27 8.13 -0.05 -38.42
C VAL A 27 8.76 -0.03 -37.02
N ASP A 28 7.94 -0.23 -35.99
CA ASP A 28 8.34 -0.20 -34.58
C ASP A 28 8.30 -1.61 -33.98
N CYS A 29 9.47 -2.22 -33.79
CA CYS A 29 9.61 -3.54 -33.19
C CYS A 29 10.19 -3.44 -31.77
N THR A 30 9.86 -2.35 -31.07
CA THR A 30 10.39 -2.12 -29.72
C THR A 30 9.93 -3.28 -28.81
N ASP A 31 10.88 -3.95 -28.15
CA ASP A 31 10.56 -4.83 -27.01
C ASP A 31 9.63 -5.96 -27.46
N LYS A 32 10.08 -6.78 -28.40
CA LYS A 32 9.30 -7.85 -28.96
C LYS A 32 10.02 -9.19 -28.77
N HIS A 33 10.98 -9.24 -27.83
CA HIS A 33 11.67 -10.46 -27.48
C HIS A 33 12.18 -11.15 -28.75
N LEU A 34 12.65 -10.37 -29.71
CA LEU A 34 13.21 -10.87 -30.96
C LEU A 34 14.64 -11.30 -30.73
N THR A 35 15.02 -12.44 -31.32
CA THR A 35 16.41 -12.89 -31.40
C THR A 35 16.92 -12.83 -32.85
N GLU A 36 16.06 -12.37 -33.77
CA GLU A 36 16.39 -12.21 -35.18
C GLU A 36 15.60 -11.02 -35.71
N ILE A 37 16.15 -10.32 -36.70
CA ILE A 37 15.33 -9.34 -37.40
C ILE A 37 14.21 -10.12 -38.08
N PRO A 38 12.92 -9.77 -37.89
CA PRO A 38 11.85 -10.54 -38.51
C PRO A 38 11.82 -10.33 -40.03
N GLY A 39 11.41 -11.38 -40.75
CA GLY A 39 11.20 -11.32 -42.18
C GLY A 39 9.93 -10.56 -42.51
N GLY A 40 9.85 -10.08 -43.76
CA GLY A 40 8.64 -9.47 -44.28
C GLY A 40 8.51 -7.99 -43.95
N ILE A 41 9.58 -7.36 -43.44
CA ILE A 41 9.61 -5.93 -43.19
C ILE A 41 9.35 -5.23 -44.53
N PRO A 42 8.40 -4.28 -44.62
CA PRO A 42 8.08 -3.64 -45.90
C PRO A 42 9.34 -3.08 -46.55
N THR A 43 9.43 -3.26 -47.87
CA THR A 43 10.56 -2.80 -48.69
C THR A 43 10.62 -1.27 -48.63
N ASN A 44 9.46 -0.61 -48.49
CA ASN A 44 9.35 0.86 -48.45
C ASN A 44 9.68 1.43 -47.05
N THR A 45 10.13 0.58 -46.10
CA THR A 45 10.40 1.00 -44.71
C THR A 45 11.45 2.13 -44.68
N THR A 46 11.08 3.28 -44.11
CA THR A 46 11.97 4.42 -43.93
C THR A 46 12.54 4.45 -42.50
N ASN A 47 11.70 4.22 -41.48
CA ASN A 47 12.10 4.25 -40.03
C ASN A 47 11.86 2.88 -39.38
N LEU A 48 12.94 2.19 -39.02
CA LEU A 48 12.90 0.89 -38.43
C LEU A 48 13.52 0.96 -37.03
N THR A 49 12.74 0.59 -36.02
CA THR A 49 13.19 0.60 -34.64
C THR A 49 13.18 -0.83 -34.08
N LEU A 50 14.34 -1.29 -33.60
CA LEU A 50 14.50 -2.62 -33.07
C LEU A 50 15.02 -2.58 -31.63
N THR A 51 14.84 -1.44 -30.94
CA THR A 51 15.38 -1.23 -29.60
C THR A 51 14.80 -2.26 -28.62
N ILE A 52 15.65 -2.71 -27.69
CA ILE A 52 15.29 -3.66 -26.62
C ILE A 52 14.79 -4.97 -27.25
N ASN A 53 15.73 -5.69 -27.85
CA ASN A 53 15.57 -7.04 -28.35
C ASN A 53 16.90 -7.73 -28.06
N HIS A 54 17.10 -8.96 -28.54
CA HIS A 54 18.32 -9.70 -28.28
C HIS A 54 18.87 -10.24 -29.60
N ILE A 55 18.92 -9.36 -30.61
CA ILE A 55 19.40 -9.74 -31.92
C ILE A 55 20.93 -9.70 -31.86
N PRO A 56 21.65 -10.82 -32.02
CA PRO A 56 23.06 -10.87 -31.64
C PRO A 56 24.03 -10.38 -32.72
N ASP A 57 23.53 -10.10 -33.93
CA ASP A 57 24.38 -9.72 -35.06
C ASP A 57 23.59 -8.92 -36.11
N ILE A 58 24.34 -8.04 -36.80
CA ILE A 58 23.93 -7.34 -37.98
C ILE A 58 24.87 -7.75 -39.13
N SER A 59 24.29 -7.88 -40.33
CA SER A 59 24.95 -8.40 -41.53
C SER A 59 24.37 -7.72 -42.75
N PRO A 60 25.04 -7.79 -43.93
CA PRO A 60 24.46 -7.30 -45.19
C PRO A 60 23.01 -7.77 -45.43
N ALA A 61 22.68 -9.00 -45.01
CA ALA A 61 21.28 -9.56 -45.10
C ALA A 61 20.30 -8.80 -44.19
N SER A 62 20.78 -8.14 -43.13
CA SER A 62 19.91 -7.49 -42.14
C SER A 62 18.96 -6.50 -42.82
N PHE A 63 19.50 -5.61 -43.67
CA PHE A 63 18.74 -4.48 -44.24
C PHE A 63 18.71 -4.52 -45.78
N HIS A 64 19.12 -5.65 -46.37
CA HIS A 64 19.31 -5.86 -47.83
C HIS A 64 18.23 -5.15 -48.66
N ARG A 65 16.97 -5.51 -48.40
CA ARG A 65 15.85 -5.07 -49.23
C ARG A 65 15.48 -3.61 -48.92
N LEU A 66 15.93 -3.12 -47.76
CA LEU A 66 15.35 -1.92 -47.14
C LEU A 66 16.17 -0.70 -47.56
N VAL A 67 16.21 -0.46 -48.87
CA VAL A 67 17.13 0.50 -49.47
C VAL A 67 16.65 1.94 -49.17
N HIS A 68 15.41 2.10 -48.69
CA HIS A 68 14.87 3.45 -48.43
C HIS A 68 15.03 3.88 -46.95
N LEU A 69 15.79 3.11 -46.15
CA LEU A 69 15.93 3.43 -44.70
C LEU A 69 16.60 4.81 -44.55
N VAL A 70 15.91 5.67 -43.81
CA VAL A 70 16.39 6.96 -43.35
C VAL A 70 16.90 6.85 -41.89
N GLU A 71 16.24 6.00 -41.06
CA GLU A 71 16.56 5.88 -39.63
C GLU A 71 16.55 4.41 -39.22
N ILE A 72 17.67 3.94 -38.66
CA ILE A 72 17.70 2.69 -37.95
C ILE A 72 17.98 2.97 -36.47
N ASP A 73 17.06 2.55 -35.61
CA ASP A 73 17.23 2.63 -34.18
C ASP A 73 17.43 1.20 -33.67
N PHE A 74 18.68 0.84 -33.41
CA PHE A 74 19.06 -0.49 -33.01
C PHE A 74 19.72 -0.43 -31.63
N ARG A 75 19.07 0.27 -30.69
CA ARG A 75 19.58 0.45 -29.32
C ARG A 75 19.30 -0.79 -28.44
N CYS A 76 20.18 -1.02 -27.48
CA CYS A 76 19.88 -1.85 -26.33
C CYS A 76 19.51 -3.29 -26.75
N ASN A 77 20.31 -3.87 -27.64
CA ASN A 77 20.24 -5.26 -27.94
C ASN A 77 21.34 -6.00 -27.22
N CYS A 78 22.28 -5.29 -26.58
CA CYS A 78 23.28 -5.90 -25.72
C CYS A 78 23.78 -4.86 -24.70
N VAL A 79 22.92 -4.56 -23.73
CA VAL A 79 23.17 -3.54 -22.73
C VAL A 79 24.34 -3.97 -21.86
N PRO A 80 25.28 -3.05 -21.53
CA PRO A 80 26.33 -3.37 -20.57
C PRO A 80 25.76 -3.91 -19.26
N ILE A 81 26.48 -4.88 -18.70
CA ILE A 81 25.99 -5.79 -17.66
C ILE A 81 25.28 -5.01 -16.54
N ARG A 82 25.89 -3.94 -16.02
CA ARG A 82 25.36 -3.25 -14.82
C ARG A 82 24.19 -2.34 -15.18
N LEU A 83 24.09 -1.96 -16.46
CA LEU A 83 23.01 -1.12 -16.96
C LEU A 83 21.78 -1.98 -17.29
N GLY A 84 22.01 -3.26 -17.59
CA GLY A 84 20.97 -4.14 -18.15
C GLY A 84 20.32 -5.03 -17.09
N SER A 85 19.33 -5.80 -17.53
CA SER A 85 18.64 -6.80 -16.70
C SER A 85 19.65 -7.79 -16.14
N LYS A 86 19.57 -8.07 -14.83
CA LYS A 86 20.35 -9.16 -14.24
C LYS A 86 19.67 -10.52 -14.45
N SER A 87 18.41 -10.54 -14.91
CA SER A 87 17.70 -11.81 -15.21
C SER A 87 17.96 -12.27 -16.67
N ASN A 88 18.35 -11.35 -17.55
CA ASN A 88 18.65 -11.65 -18.97
C ASN A 88 19.88 -10.82 -19.40
N MET A 89 21.04 -11.18 -18.86
CA MET A 89 22.29 -10.53 -19.18
C MET A 89 22.64 -10.91 -20.63
N CYS A 90 23.20 -9.96 -21.38
CA CYS A 90 23.64 -10.24 -22.75
C CYS A 90 24.97 -11.00 -22.72
N PRO A 91 25.05 -12.19 -23.36
CA PRO A 91 26.25 -13.03 -23.27
C PRO A 91 27.45 -12.53 -24.07
N ARG A 92 27.22 -12.00 -25.27
CA ARG A 92 28.31 -11.49 -26.11
C ARG A 92 27.86 -10.22 -26.82
N ARG A 93 28.77 -9.24 -26.89
CA ARG A 93 28.54 -7.98 -27.56
C ARG A 93 27.95 -8.23 -28.96
N LEU A 94 27.13 -7.28 -29.41
CA LEU A 94 26.60 -7.23 -30.77
C LEU A 94 27.76 -7.29 -31.77
N GLN A 95 27.59 -8.12 -32.81
CA GLN A 95 28.56 -8.28 -33.89
C GLN A 95 27.99 -7.60 -35.12
N ILE A 96 28.70 -6.61 -35.64
CA ILE A 96 28.32 -5.94 -36.87
C ILE A 96 29.31 -6.32 -37.96
N LYS A 97 28.83 -7.05 -38.99
CA LYS A 97 29.70 -7.54 -40.05
C LYS A 97 29.93 -6.42 -41.06
N PRO A 98 31.03 -6.48 -41.85
CA PRO A 98 31.31 -5.45 -42.86
C PRO A 98 30.17 -5.34 -43.86
N ARG A 99 29.92 -4.10 -44.34
CA ARG A 99 29.01 -3.76 -45.46
C ARG A 99 27.54 -3.74 -44.99
N SER A 100 27.30 -3.84 -43.67
CA SER A 100 25.92 -3.92 -43.16
C SER A 100 25.15 -2.63 -43.46
N PHE A 101 25.84 -1.49 -43.49
CA PHE A 101 25.18 -0.21 -43.67
C PHE A 101 25.59 0.50 -44.98
N SER A 102 26.66 0.05 -45.67
CA SER A 102 27.21 0.85 -46.79
C SER A 102 26.23 0.90 -47.98
N GLY A 103 25.30 -0.06 -48.06
CA GLY A 103 24.26 -0.05 -49.08
C GLY A 103 23.07 0.87 -48.78
N LEU A 104 23.03 1.51 -47.60
CA LEU A 104 21.86 2.33 -47.22
C LEU A 104 22.15 3.78 -47.58
N THR A 105 21.98 4.07 -48.88
CA THR A 105 22.35 5.33 -49.47
C THR A 105 21.58 6.51 -48.86
N TYR A 106 20.41 6.25 -48.24
CA TYR A 106 19.58 7.38 -47.77
C TYR A 106 19.61 7.54 -46.24
N LEU A 107 20.45 6.76 -45.56
CA LEU A 107 20.43 6.65 -44.09
C LEU A 107 20.97 7.96 -43.45
N LYS A 108 20.10 8.63 -42.71
CA LYS A 108 20.42 9.87 -41.99
C LYS A 108 20.77 9.64 -40.51
N SER A 109 20.09 8.70 -39.83
CA SER A 109 20.22 8.57 -38.36
C SER A 109 20.47 7.10 -38.02
N LEU A 110 21.54 6.85 -37.27
CA LEU A 110 21.83 5.51 -36.79
C LEU A 110 22.09 5.57 -35.28
N TYR A 111 21.27 4.84 -34.51
CA TYR A 111 21.45 4.68 -33.08
C TYR A 111 21.92 3.25 -32.79
N LEU A 112 23.13 3.11 -32.22
CA LEU A 112 23.65 1.82 -31.84
C LEU A 112 24.05 1.81 -30.37
N ASP A 113 23.32 2.60 -29.58
CA ASP A 113 23.55 2.73 -28.15
C ASP A 113 23.32 1.38 -27.45
N GLY A 114 24.09 1.09 -26.42
CA GLY A 114 23.77 0.02 -25.49
C GLY A 114 23.90 -1.36 -26.11
N ASN A 115 25.03 -1.61 -26.78
CA ASN A 115 25.25 -2.84 -27.52
C ASN A 115 26.61 -3.46 -27.20
N GLN A 116 27.31 -2.91 -26.21
CA GLN A 116 28.66 -3.35 -25.79
C GLN A 116 29.70 -3.26 -26.93
N LEU A 117 29.52 -2.31 -27.86
CA LEU A 117 30.48 -2.14 -28.96
C LEU A 117 31.82 -1.62 -28.42
N LEU A 118 32.93 -2.11 -29.03
CA LEU A 118 34.33 -1.80 -28.64
C LEU A 118 34.92 -0.68 -29.49
N GLU A 119 34.35 -0.46 -30.68
CA GLU A 119 34.93 0.47 -31.66
C GLU A 119 33.81 1.20 -32.37
N ILE A 120 34.13 2.35 -32.96
CA ILE A 120 33.21 3.07 -33.82
C ILE A 120 32.98 2.23 -35.07
N PRO A 121 31.74 1.80 -35.39
CA PRO A 121 31.50 0.96 -36.55
C PRO A 121 31.84 1.68 -37.86
N GLN A 122 32.51 0.94 -38.76
CA GLN A 122 33.02 1.49 -40.01
C GLN A 122 32.05 1.12 -41.13
N GLY A 123 32.25 1.73 -42.31
CA GLY A 123 31.45 1.42 -43.47
C GLY A 123 30.11 2.14 -43.43
N LEU A 124 30.04 3.26 -42.72
CA LEU A 124 28.79 3.98 -42.61
C LEU A 124 28.62 4.86 -43.83
N PRO A 125 27.40 4.98 -44.37
CA PRO A 125 27.17 5.76 -45.59
C PRO A 125 27.40 7.25 -45.40
N PRO A 126 27.80 7.98 -46.47
CA PRO A 126 28.11 9.41 -46.35
C PRO A 126 26.85 10.28 -46.17
N SER A 127 25.67 9.66 -46.27
CA SER A 127 24.41 10.37 -45.98
C SER A 127 24.23 10.67 -44.47
N LEU A 128 24.95 9.95 -43.58
CA LEU A 128 24.64 9.93 -42.14
C LEU A 128 24.85 11.32 -41.52
N GLN A 129 23.77 11.88 -40.95
CA GLN A 129 23.77 13.10 -40.16
C GLN A 129 23.89 12.83 -38.64
N LEU A 130 23.39 11.69 -38.14
CA LEU A 130 23.29 11.46 -36.69
C LEU A 130 23.76 10.06 -36.36
N LEU A 131 24.76 9.96 -35.49
CA LEU A 131 25.29 8.69 -34.99
C LEU A 131 25.29 8.74 -33.46
N SER A 132 24.87 7.64 -32.82
CA SER A 132 24.68 7.55 -31.39
C SER A 132 25.27 6.24 -30.88
N LEU A 133 26.26 6.35 -30.01
CA LEU A 133 26.93 5.18 -29.50
C LEU A 133 27.05 5.28 -27.97
N GLU A 134 26.03 5.83 -27.29
CA GLU A 134 26.00 5.87 -25.83
C GLU A 134 26.00 4.45 -25.25
N ALA A 135 26.56 4.29 -24.04
CA ALA A 135 26.41 3.04 -23.26
C ALA A 135 26.98 1.88 -24.05
N ASN A 136 28.09 2.15 -24.75
CA ASN A 136 28.91 1.13 -25.34
C ASN A 136 30.22 1.11 -24.55
N ASN A 137 31.27 0.55 -25.14
CA ASN A 137 32.59 0.39 -24.50
C ASN A 137 33.67 0.97 -25.42
N ILE A 138 33.40 2.16 -25.98
CA ILE A 138 34.30 2.88 -26.86
C ILE A 138 34.91 4.02 -26.06
N PHE A 139 36.20 3.90 -25.73
CA PHE A 139 36.85 4.86 -24.85
C PHE A 139 38.22 5.31 -25.39
N SER A 140 38.41 5.19 -26.70
CA SER A 140 39.54 5.76 -27.44
C SER A 140 39.03 6.24 -28.82
N ILE A 141 39.09 7.56 -29.04
CA ILE A 141 38.65 8.18 -30.30
C ILE A 141 39.88 8.52 -31.14
N ARG A 142 39.97 7.89 -32.32
CA ARG A 142 41.07 8.06 -33.28
C ARG A 142 40.54 8.74 -34.54
N LYS A 143 41.27 9.76 -35.02
CA LYS A 143 40.93 10.54 -36.22
C LYS A 143 40.59 9.61 -37.39
N GLU A 144 41.30 8.48 -37.49
CA GLU A 144 41.16 7.54 -38.61
C GLU A 144 39.77 6.87 -38.62
N GLN A 145 39.17 6.69 -37.43
CA GLN A 145 37.87 6.01 -37.28
C GLN A 145 36.73 6.98 -37.55
N LEU A 146 37.04 8.27 -37.70
CA LEU A 146 36.04 9.32 -37.88
C LEU A 146 36.01 9.84 -39.32
N THR A 147 36.90 9.38 -40.21
CA THR A 147 36.96 9.98 -41.57
C THR A 147 35.65 9.67 -42.30
N GLU A 148 35.08 8.48 -42.04
CA GLU A 148 33.79 8.04 -42.62
C GLU A 148 32.63 8.98 -42.25
N LEU A 149 32.79 9.84 -41.24
CA LEU A 149 31.68 10.70 -40.74
C LEU A 149 31.73 12.13 -41.30
N ALA A 150 32.22 12.30 -42.53
CA ALA A 150 32.43 13.63 -43.13
C ALA A 150 31.19 14.53 -42.99
N ASN A 151 29.99 13.97 -43.17
CA ASN A 151 28.77 14.80 -43.20
C ASN A 151 28.06 14.83 -41.83
N ILE A 152 28.70 14.32 -40.77
CA ILE A 152 28.00 14.09 -39.49
C ILE A 152 27.71 15.43 -38.83
N GLU A 153 26.48 15.58 -38.31
CA GLU A 153 26.07 16.81 -37.62
C GLU A 153 25.83 16.57 -36.11
N ILE A 154 25.49 15.34 -35.73
CA ILE A 154 25.14 15.02 -34.35
C ILE A 154 25.83 13.72 -33.99
N LEU A 155 26.67 13.77 -32.95
CA LEU A 155 27.47 12.64 -32.52
C LEU A 155 27.39 12.53 -30.99
N TYR A 156 26.79 11.43 -30.52
CA TYR A 156 26.65 11.10 -29.09
C TYR A 156 27.60 9.96 -28.76
N LEU A 157 28.52 10.17 -27.82
CA LEU A 157 29.51 9.16 -27.50
C LEU A 157 29.59 8.89 -25.99
N GLY A 158 28.65 9.48 -25.22
CA GLY A 158 28.71 9.49 -23.75
C GLY A 158 28.38 8.13 -23.14
N GLN A 159 28.56 8.02 -21.82
CA GLN A 159 28.17 6.86 -21.00
C GLN A 159 28.94 5.61 -21.45
N ASN A 160 30.15 5.82 -21.98
CA ASN A 160 31.01 4.74 -22.41
C ASN A 160 32.09 4.43 -21.38
N CYS A 161 32.31 5.30 -20.38
CA CYS A 161 33.29 5.03 -19.28
C CYS A 161 32.91 5.84 -18.03
N TYR A 162 32.06 5.26 -17.20
CA TYR A 162 31.64 5.85 -15.92
C TYR A 162 31.32 4.69 -14.99
N TYR A 163 30.94 5.02 -13.75
CA TYR A 163 30.84 4.04 -12.67
C TYR A 163 29.85 2.91 -12.98
N ARG A 164 28.81 3.17 -13.77
CA ARG A 164 27.83 2.13 -14.12
C ARG A 164 28.30 1.30 -15.32
N ASN A 165 29.33 1.77 -16.03
CA ASN A 165 29.81 1.14 -17.26
C ASN A 165 31.31 1.42 -17.38
N PRO A 166 32.12 0.87 -16.46
CA PRO A 166 33.51 1.28 -16.33
C PRO A 166 34.39 0.83 -17.50
N CYS A 167 35.41 1.63 -17.84
CA CYS A 167 36.45 1.22 -18.78
C CYS A 167 37.82 1.13 -18.09
N TYR A 168 37.96 1.60 -16.85
CA TYR A 168 39.15 1.39 -16.01
C TYR A 168 40.40 2.14 -16.53
N VAL A 169 40.23 3.07 -17.47
CA VAL A 169 41.28 3.99 -17.92
C VAL A 169 40.65 5.36 -18.16
N SER A 170 41.51 6.38 -18.31
CA SER A 170 41.13 7.66 -18.86
C SER A 170 40.68 7.48 -20.32
N TYR A 171 39.67 8.26 -20.72
CA TYR A 171 39.23 8.37 -22.09
C TYR A 171 40.37 9.02 -22.87
N SER A 172 40.54 8.62 -24.14
CA SER A 172 41.60 9.15 -25.03
C SER A 172 40.95 9.69 -26.31
N ILE A 173 41.34 10.91 -26.66
CA ILE A 173 40.92 11.55 -27.89
C ILE A 173 42.17 12.08 -28.60
N GLU A 174 42.46 11.55 -29.79
CA GLU A 174 43.58 12.05 -30.57
C GLU A 174 43.35 13.55 -30.84
N LYS A 175 44.46 14.29 -30.84
CA LYS A 175 44.52 15.69 -31.21
C LYS A 175 43.73 15.89 -32.52
N ASP A 176 42.88 16.92 -32.56
CA ASP A 176 42.21 17.34 -33.81
C ASP A 176 41.30 16.23 -34.39
N ALA A 177 40.99 15.21 -33.58
CA ALA A 177 40.16 14.08 -34.00
C ALA A 177 38.88 14.55 -34.69
N PHE A 178 38.27 15.62 -34.19
CA PHE A 178 36.97 16.05 -34.65
C PHE A 178 37.08 17.22 -35.63
N LEU A 179 38.29 17.77 -35.83
CA LEU A 179 38.45 19.05 -36.54
C LEU A 179 37.86 18.98 -37.96
N ASN A 180 38.13 17.88 -38.69
CA ASN A 180 37.74 17.75 -40.11
C ASN A 180 36.28 17.28 -40.27
N LEU A 181 35.50 17.19 -39.18
CA LEU A 181 34.06 16.96 -39.29
C LEU A 181 33.41 18.33 -39.45
N THR A 182 33.45 18.85 -40.69
CA THR A 182 33.24 20.28 -40.98
C THR A 182 31.78 20.71 -40.76
N LYS A 183 30.87 19.76 -40.50
CA LYS A 183 29.44 20.06 -40.33
C LYS A 183 28.92 19.64 -38.94
N LEU A 184 29.82 19.23 -38.03
CA LEU A 184 29.44 18.72 -36.72
C LEU A 184 28.85 19.86 -35.88
N LYS A 185 27.59 19.71 -35.44
CA LYS A 185 26.88 20.73 -34.67
C LYS A 185 26.82 20.36 -33.17
N VAL A 186 26.60 19.08 -32.87
CA VAL A 186 26.33 18.62 -31.52
C VAL A 186 27.29 17.51 -31.19
N LEU A 187 28.12 17.73 -30.16
CA LEU A 187 29.09 16.74 -29.69
C LEU A 187 28.86 16.51 -28.20
N SER A 188 28.69 15.25 -27.82
CA SER A 188 28.38 14.87 -26.46
C SER A 188 29.38 13.84 -25.99
N LEU A 189 30.18 14.20 -24.99
CA LEU A 189 31.22 13.31 -24.46
C LEU A 189 31.03 13.18 -22.94
N LYS A 190 29.80 13.29 -22.50
CA LYS A 190 29.43 13.21 -21.10
C LYS A 190 29.74 11.83 -20.53
N ASP A 191 29.86 11.76 -19.21
CA ASP A 191 29.89 10.50 -18.48
C ASP A 191 30.94 9.55 -19.08
N ASN A 192 32.17 10.04 -19.30
CA ASN A 192 33.15 9.32 -20.11
C ASN A 192 34.57 9.32 -19.53
N ASN A 193 34.81 9.87 -18.33
CA ASN A 193 36.15 9.82 -17.76
C ASN A 193 37.18 10.58 -18.64
N VAL A 194 36.75 11.66 -19.29
CA VAL A 194 37.61 12.53 -20.10
C VAL A 194 38.45 13.40 -19.14
N THR A 195 39.72 13.62 -19.51
CA THR A 195 40.65 14.36 -18.65
C THR A 195 40.90 15.78 -19.20
N THR A 196 40.78 15.99 -20.52
CA THR A 196 40.94 17.37 -21.05
C THR A 196 39.89 17.67 -22.13
N VAL A 197 39.61 18.96 -22.29
CA VAL A 197 38.78 19.38 -23.39
C VAL A 197 39.50 18.96 -24.68
N PRO A 198 38.90 18.12 -25.56
CA PRO A 198 39.57 17.74 -26.80
C PRO A 198 39.63 18.97 -27.71
N THR A 199 40.76 19.14 -28.40
CA THR A 199 41.02 20.26 -29.28
C THR A 199 41.73 19.73 -30.52
N VAL A 200 41.61 20.44 -31.65
CA VAL A 200 40.74 21.59 -31.83
C VAL A 200 39.41 21.05 -32.34
N LEU A 201 38.30 21.61 -31.82
CA LEU A 201 36.94 21.25 -32.24
C LEU A 201 36.59 22.09 -33.45
N PRO A 202 35.70 21.61 -34.34
CA PRO A 202 35.28 22.40 -35.50
C PRO A 202 34.41 23.56 -35.04
N SER A 203 34.49 24.68 -35.78
CA SER A 203 33.86 25.94 -35.43
C SER A 203 32.34 25.93 -35.71
N THR A 204 31.83 24.82 -36.27
CA THR A 204 30.39 24.68 -36.53
C THR A 204 29.60 24.20 -35.28
N LEU A 205 30.29 23.79 -34.20
CA LEU A 205 29.59 23.27 -32.98
C LEU A 205 28.57 24.29 -32.49
N THR A 206 27.33 23.84 -32.26
CA THR A 206 26.32 24.61 -31.58
C THR A 206 26.16 24.14 -30.12
N GLU A 207 26.52 22.88 -29.86
CA GLU A 207 26.27 22.29 -28.56
C GLU A 207 27.42 21.34 -28.21
N LEU A 208 27.99 21.54 -27.02
CA LEU A 208 29.10 20.75 -26.55
C LEU A 208 28.79 20.32 -25.11
N TYR A 209 28.77 19.01 -24.89
CA TYR A 209 28.41 18.38 -23.61
C TYR A 209 29.65 17.63 -23.11
N LEU A 210 30.24 18.12 -22.00
CA LEU A 210 31.48 17.56 -21.45
C LEU A 210 31.31 17.22 -19.97
N TYR A 211 30.06 17.04 -19.53
CA TYR A 211 29.78 16.94 -18.12
C TYR A 211 30.05 15.53 -17.61
N ASN A 212 30.18 15.42 -16.28
CA ASN A 212 30.49 14.19 -15.55
C ASN A 212 31.76 13.53 -16.12
N ASN A 213 32.87 14.24 -16.05
CA ASN A 213 34.15 13.77 -16.53
C ASN A 213 35.20 14.01 -15.45
N MET A 214 36.48 13.93 -15.83
CA MET A 214 37.61 14.20 -14.95
C MET A 214 38.44 15.37 -15.51
N ILE A 215 37.76 16.41 -16.00
CA ILE A 215 38.45 17.61 -16.45
C ILE A 215 38.72 18.50 -15.22
N ALA A 216 40.00 18.75 -14.91
CA ALA A 216 40.40 19.56 -13.74
C ALA A 216 40.64 21.04 -14.16
N GLU A 217 40.98 21.27 -15.43
CA GLU A 217 41.39 22.59 -15.91
C GLU A 217 40.87 22.84 -17.32
N ILE A 218 40.35 24.04 -17.56
CA ILE A 218 40.08 24.55 -18.89
C ILE A 218 41.28 25.42 -19.28
N GLN A 219 41.90 25.15 -20.42
CA GLN A 219 42.93 26.04 -20.98
C GLN A 219 42.23 27.26 -21.59
N GLU A 220 42.95 28.38 -21.63
CA GLU A 220 42.39 29.66 -22.04
C GLU A 220 41.95 29.64 -23.50
N ASP A 221 42.45 28.69 -24.29
CA ASP A 221 42.17 28.64 -25.72
C ASP A 221 41.32 27.40 -26.09
N ASP A 222 40.94 26.57 -25.11
CA ASP A 222 40.13 25.32 -25.33
C ASP A 222 38.87 25.57 -26.19
N PHE A 223 38.25 26.76 -26.12
CA PHE A 223 37.00 27.10 -26.83
C PHE A 223 37.18 28.29 -27.78
N ASN A 224 38.43 28.56 -28.18
CA ASN A 224 38.90 29.72 -29.01
C ASN A 224 38.05 29.99 -30.26
N ASN A 225 37.73 28.94 -31.01
CA ASN A 225 37.17 29.11 -32.36
C ASN A 225 35.64 28.89 -32.40
N LEU A 226 35.02 28.56 -31.25
CA LEU A 226 33.61 28.08 -31.23
C LEU A 226 32.65 29.27 -31.22
N ASN A 227 32.67 30.05 -32.30
CA ASN A 227 31.91 31.31 -32.38
C ASN A 227 30.43 30.99 -32.70
N GLN A 228 30.08 29.71 -32.89
CA GLN A 228 28.67 29.35 -33.12
C GLN A 228 28.08 28.60 -31.90
N LEU A 229 28.87 28.36 -30.86
CA LEU A 229 28.42 27.55 -29.73
C LEU A 229 27.27 28.25 -28.99
N GLN A 230 26.19 27.48 -28.75
CA GLN A 230 24.97 27.97 -28.09
C GLN A 230 24.82 27.34 -26.70
N ILE A 231 25.27 26.10 -26.55
CA ILE A 231 25.15 25.37 -25.30
C ILE A 231 26.51 24.75 -24.96
N LEU A 232 26.97 25.05 -23.73
CA LEU A 232 28.15 24.45 -23.18
C LEU A 232 27.80 23.92 -21.79
N ASP A 233 28.12 22.65 -21.55
CA ASP A 233 27.89 22.00 -20.27
C ASP A 233 29.22 21.38 -19.82
N LEU A 234 29.79 21.91 -18.74
CA LEU A 234 31.05 21.42 -18.16
C LEU A 234 30.82 20.86 -16.75
N SER A 235 29.54 20.66 -16.40
CA SER A 235 29.08 20.26 -15.04
C SER A 235 29.74 18.95 -14.60
N GLY A 236 29.88 18.72 -13.28
CA GLY A 236 30.34 17.44 -12.76
C GLY A 236 31.82 17.17 -13.08
N ASN A 237 32.61 18.24 -13.19
CA ASN A 237 34.08 18.22 -13.26
C ASN A 237 34.58 18.96 -12.02
N CYS A 238 35.25 18.26 -11.11
CA CYS A 238 35.47 18.70 -9.72
C CYS A 238 34.10 18.81 -9.05
N PRO A 239 33.42 17.67 -8.86
CA PRO A 239 32.09 17.66 -8.24
C PRO A 239 32.06 18.01 -6.75
N ARG A 240 30.95 18.66 -6.36
CA ARG A 240 30.52 18.75 -4.99
C ARG A 240 29.85 17.42 -4.62
N CYS A 241 30.45 16.66 -3.70
CA CYS A 241 30.10 15.28 -3.50
C CYS A 241 29.23 15.09 -2.25
N TYR A 242 28.93 16.15 -1.51
CA TYR A 242 28.20 15.98 -0.27
C TYR A 242 26.79 15.40 -0.58
N ASN A 243 26.46 14.27 0.06
CA ASN A 243 25.17 13.58 0.00
C ASN A 243 24.90 13.11 -1.44
N ALA A 244 25.95 12.90 -2.23
CA ALA A 244 25.78 12.43 -3.57
C ALA A 244 25.26 10.99 -3.54
N PRO A 245 24.26 10.65 -4.37
CA PRO A 245 23.71 9.30 -4.42
C PRO A 245 24.41 8.38 -5.43
N PHE A 246 25.61 8.76 -5.89
CA PHE A 246 26.44 7.96 -6.75
C PHE A 246 27.88 8.09 -6.27
N PRO A 247 28.77 7.12 -6.58
CA PRO A 247 30.17 7.21 -6.16
C PRO A 247 30.80 8.46 -6.79
N CYS A 248 31.35 9.33 -5.93
CA CYS A 248 31.74 10.69 -6.28
C CYS A 248 33.19 10.93 -5.81
N THR A 249 34.07 11.29 -6.74
CA THR A 249 35.45 11.60 -6.44
C THR A 249 35.70 13.08 -6.70
N PRO A 250 35.99 13.89 -5.65
CA PRO A 250 36.22 15.32 -5.82
C PRO A 250 37.65 15.54 -6.34
N CYS A 251 37.89 16.73 -6.87
CA CYS A 251 39.22 17.16 -7.21
C CYS A 251 39.98 17.36 -5.90
N LYS A 252 41.29 17.08 -5.91
CA LYS A 252 42.16 17.16 -4.74
C LYS A 252 42.07 18.56 -4.11
N ASN A 253 42.25 18.64 -2.78
CA ASN A 253 42.43 19.90 -2.05
C ASN A 253 41.20 20.82 -2.21
N ASN A 254 40.04 20.18 -2.32
CA ASN A 254 38.75 20.86 -2.49
C ASN A 254 38.86 21.91 -3.60
N SER A 255 39.57 21.58 -4.67
CA SER A 255 39.82 22.50 -5.73
C SER A 255 38.58 22.62 -6.61
N PRO A 256 38.28 23.80 -7.19
CA PRO A 256 37.24 23.91 -8.21
C PRO A 256 37.78 23.49 -9.58
N LEU A 257 36.88 23.25 -10.53
CA LEU A 257 37.27 23.27 -11.93
C LEU A 257 37.85 24.65 -12.18
N GLN A 258 39.07 24.70 -12.72
CA GLN A 258 39.78 25.96 -12.90
C GLN A 258 39.47 26.49 -14.29
N ILE A 259 38.81 27.67 -14.34
CA ILE A 259 38.36 28.24 -15.59
C ILE A 259 38.97 29.62 -15.75
N PRO A 260 39.90 29.81 -16.72
CA PRO A 260 40.52 31.12 -16.92
C PRO A 260 39.45 32.17 -17.24
N VAL A 261 39.76 33.42 -16.89
CA VAL A 261 38.81 34.49 -16.92
C VAL A 261 38.39 34.78 -18.38
N ASN A 262 39.24 34.41 -19.33
CA ASN A 262 39.04 34.71 -20.75
C ASN A 262 38.64 33.46 -21.54
N ALA A 263 38.35 32.34 -20.85
CA ALA A 263 38.01 31.05 -21.51
C ALA A 263 36.81 31.16 -22.46
N PHE A 264 35.86 32.07 -22.19
CA PHE A 264 34.57 32.12 -22.91
C PHE A 264 34.55 33.24 -23.96
N ASP A 265 35.68 33.96 -24.13
CA ASP A 265 35.72 35.20 -24.91
C ASP A 265 35.20 35.01 -26.33
N ALA A 266 35.40 33.84 -26.93
CA ALA A 266 34.95 33.62 -28.30
C ALA A 266 33.45 33.25 -28.38
N LEU A 267 32.80 32.93 -27.25
CA LEU A 267 31.43 32.32 -27.26
C LEU A 267 30.35 33.42 -27.31
N THR A 268 30.35 34.24 -28.38
CA THR A 268 29.43 35.39 -28.48
C THR A 268 27.98 34.92 -28.69
N GLU A 269 27.78 33.68 -29.15
CA GLU A 269 26.41 33.12 -29.40
C GLU A 269 25.86 32.30 -28.22
N LEU A 270 26.66 32.11 -27.15
CA LEU A 270 26.29 31.18 -26.06
C LEU A 270 24.97 31.61 -25.40
N LYS A 271 24.02 30.67 -25.34
CA LYS A 271 22.72 30.85 -24.72
C LYS A 271 22.63 30.10 -23.38
N VAL A 272 23.27 28.93 -23.31
CA VAL A 272 23.17 28.09 -22.11
C VAL A 272 24.57 27.77 -21.62
N LEU A 273 24.84 28.08 -20.34
CA LEU A 273 26.08 27.68 -19.67
C LEU A 273 25.70 26.90 -18.40
N ARG A 274 26.16 25.66 -18.33
CA ARG A 274 25.86 24.81 -17.24
C ARG A 274 27.17 24.48 -16.51
N LEU A 275 27.28 24.99 -15.28
CA LEU A 275 28.40 24.76 -14.40
C LEU A 275 27.87 24.21 -13.07
N HIS A 276 27.15 23.08 -13.16
CA HIS A 276 26.59 22.37 -11.99
C HIS A 276 27.67 21.44 -11.43
N SER A 277 27.85 21.46 -10.11
CA SER A 277 28.75 20.54 -9.43
C SER A 277 30.17 20.69 -9.99
N ASN A 278 30.73 21.90 -9.89
CA ASN A 278 32.11 22.20 -10.30
C ASN A 278 32.95 22.74 -9.14
N SER A 279 32.39 22.67 -7.92
CA SER A 279 32.97 23.13 -6.65
C SER A 279 33.50 24.57 -6.79
N LEU A 280 32.78 25.42 -7.54
CA LEU A 280 33.14 26.82 -7.70
C LEU A 280 32.96 27.56 -6.39
N GLN A 281 33.91 28.47 -6.09
CA GLN A 281 33.85 29.34 -4.91
C GLN A 281 33.67 30.78 -5.33
N HIS A 282 33.96 31.08 -6.59
CA HIS A 282 33.90 32.40 -7.14
C HIS A 282 33.31 32.27 -8.54
N VAL A 283 32.64 33.34 -8.99
CA VAL A 283 32.14 33.47 -10.33
C VAL A 283 32.69 34.80 -10.84
N PRO A 284 33.92 34.82 -11.39
CA PRO A 284 34.53 36.05 -11.92
C PRO A 284 33.70 36.72 -13.01
N PRO A 285 33.32 38.02 -12.84
CA PRO A 285 32.57 38.75 -13.85
C PRO A 285 33.21 38.77 -15.25
N ARG A 286 34.55 38.71 -15.26
CA ARG A 286 35.32 38.73 -16.49
C ARG A 286 34.93 37.54 -17.40
N TRP A 287 34.37 36.46 -16.80
CA TRP A 287 33.88 35.30 -17.59
C TRP A 287 32.92 35.77 -18.68
N PHE A 288 32.05 36.70 -18.33
CA PHE A 288 30.88 37.05 -19.15
C PHE A 288 31.10 38.37 -19.93
N LYS A 289 32.36 38.78 -20.13
CA LYS A 289 32.65 40.07 -20.78
C LYS A 289 32.09 40.10 -22.21
N ASN A 290 32.22 39.00 -22.96
CA ASN A 290 31.82 38.96 -24.38
C ASN A 290 30.58 38.10 -24.63
N ILE A 291 29.88 37.68 -23.57
CA ILE A 291 28.64 36.93 -23.73
C ILE A 291 27.50 37.82 -23.24
N ASN A 292 26.85 38.50 -24.17
CA ASN A 292 25.80 39.44 -23.84
C ASN A 292 24.45 38.74 -23.98
N ASN A 293 24.44 37.53 -24.59
CA ASN A 293 23.21 36.82 -25.04
C ASN A 293 22.82 35.66 -24.10
N LEU A 294 23.56 35.43 -23.01
CA LEU A 294 23.35 34.22 -22.20
C LEU A 294 21.94 34.31 -21.58
N GLN A 295 21.22 33.18 -21.62
CA GLN A 295 19.79 33.10 -21.26
C GLN A 295 19.59 32.20 -20.04
N GLU A 296 20.34 31.08 -20.01
CA GLU A 296 20.23 30.07 -18.95
C GLU A 296 21.61 29.87 -18.31
N LEU A 297 21.67 29.99 -16.97
CA LEU A 297 22.89 29.74 -16.20
C LEU A 297 22.57 28.87 -14.99
N ASP A 298 23.17 27.67 -14.96
CA ASP A 298 23.08 26.74 -13.87
C ASP A 298 24.40 26.73 -13.08
N LEU A 299 24.35 27.18 -11.82
CA LEU A 299 25.48 27.22 -10.91
C LEU A 299 25.16 26.44 -9.63
N SER A 300 24.25 25.48 -9.73
CA SER A 300 23.80 24.66 -8.62
C SER A 300 24.90 23.67 -8.24
N GLN A 301 24.89 23.26 -6.96
CA GLN A 301 25.83 22.30 -6.39
C GLN A 301 27.27 22.83 -6.50
N ASN A 302 27.49 24.06 -6.02
CA ASN A 302 28.83 24.59 -5.87
C ASN A 302 29.01 25.01 -4.39
N PHE A 303 29.94 25.94 -4.13
CA PHE A 303 30.20 26.49 -2.83
C PHE A 303 30.16 28.02 -2.95
N LEU A 304 29.05 28.55 -3.48
CA LEU A 304 28.90 29.96 -3.85
C LEU A 304 28.03 30.71 -2.83
N ALA A 305 27.94 30.21 -1.60
CA ALA A 305 27.14 30.84 -0.55
C ALA A 305 27.58 32.30 -0.33
N LYS A 306 28.88 32.55 -0.19
CA LYS A 306 29.39 33.94 0.03
C LYS A 306 29.10 34.78 -1.22
N GLU A 307 29.42 34.20 -2.39
CA GLU A 307 29.33 34.84 -3.70
C GLU A 307 27.90 35.34 -3.96
N ILE A 308 26.89 34.60 -3.46
CA ILE A 308 25.48 35.00 -3.69
C ILE A 308 25.24 36.39 -3.08
N GLY A 309 25.98 36.75 -2.02
CA GLY A 309 25.86 38.05 -1.32
C GLY A 309 26.65 39.17 -1.98
N ASP A 310 27.35 38.87 -3.07
CA ASP A 310 28.25 39.79 -3.77
C ASP A 310 27.82 39.82 -5.24
N ALA A 311 28.27 38.84 -6.02
CA ALA A 311 27.69 38.44 -7.29
C ALA A 311 27.78 39.59 -8.30
N LYS A 312 28.97 40.18 -8.44
CA LYS A 312 29.20 41.26 -9.38
C LYS A 312 28.89 40.80 -10.81
N PHE A 313 29.11 39.50 -11.09
CA PHE A 313 28.94 38.94 -12.42
C PHE A 313 27.51 39.16 -12.95
N LEU A 314 26.52 39.34 -12.08
CA LEU A 314 25.10 39.46 -12.50
C LEU A 314 24.90 40.72 -13.35
N HIS A 315 25.72 41.77 -13.11
CA HIS A 315 25.66 43.07 -13.83
C HIS A 315 25.87 42.84 -15.34
N PHE A 316 26.53 41.73 -15.71
CA PHE A 316 26.84 41.42 -17.10
C PHE A 316 25.79 40.49 -17.73
N LEU A 317 24.65 40.23 -17.06
CA LEU A 317 23.68 39.21 -17.52
C LEU A 317 22.27 39.81 -17.68
N PRO A 318 22.12 40.92 -18.43
CA PRO A 318 20.82 41.59 -18.56
C PRO A 318 19.78 40.81 -19.40
N ASN A 319 20.22 39.82 -20.18
CA ASN A 319 19.31 39.02 -21.02
C ASN A 319 19.02 37.63 -20.40
N LEU A 320 19.53 37.36 -19.19
CA LEU A 320 19.38 36.07 -18.55
C LEU A 320 17.91 35.84 -18.22
N ILE A 321 17.40 34.66 -18.61
CA ILE A 321 16.01 34.21 -18.41
C ILE A 321 15.92 33.34 -17.13
N GLN A 322 16.92 32.49 -16.92
CA GLN A 322 16.89 31.42 -15.92
C GLN A 322 18.23 31.38 -15.18
N LEU A 323 18.20 31.48 -13.85
CA LEU A 323 19.38 31.41 -13.00
C LEU A 323 19.12 30.37 -11.91
N ASP A 324 20.07 29.44 -11.73
CA ASP A 324 19.97 28.43 -10.68
C ASP A 324 21.24 28.49 -9.81
N LEU A 325 21.05 28.85 -8.54
CA LEU A 325 22.11 28.89 -7.55
C LEU A 325 21.79 27.95 -6.40
N SER A 326 21.14 26.82 -6.73
CA SER A 326 20.65 25.89 -5.71
C SER A 326 21.82 25.07 -5.14
N PHE A 327 21.76 24.77 -3.84
CA PHE A 327 22.66 23.83 -3.18
C PHE A 327 24.09 24.39 -3.26
N ASN A 328 24.26 25.57 -2.66
CA ASN A 328 25.51 26.25 -2.56
C ASN A 328 25.90 26.47 -1.09
N PHE A 329 25.15 25.88 -0.16
CA PHE A 329 25.36 26.11 1.27
C PHE A 329 26.72 25.56 1.72
N GLU A 330 27.27 26.21 2.75
CA GLU A 330 28.50 25.76 3.41
C GLU A 330 28.16 24.65 4.42
N LEU A 331 28.91 23.55 4.38
CA LEU A 331 28.60 22.41 5.18
C LEU A 331 28.68 22.81 6.66
N GLN A 332 27.69 22.39 7.43
CA GLN A 332 27.57 22.57 8.88
C GLN A 332 27.43 24.06 9.24
N VAL A 333 26.95 24.88 8.30
CA VAL A 333 26.58 26.27 8.56
C VAL A 333 25.08 26.45 8.29
N TYR A 334 24.38 27.00 9.26
CA TYR A 334 22.97 27.34 9.19
C TYR A 334 22.81 28.87 9.32
N ARG A 335 22.80 29.59 8.20
CA ARG A 335 22.76 31.04 8.20
C ARG A 335 21.44 31.54 8.81
N ALA A 336 21.51 32.73 9.42
CA ALA A 336 20.36 33.36 10.05
C ALA A 336 19.37 33.84 8.99
N SER A 337 19.87 34.30 7.84
CA SER A 337 19.00 34.83 6.79
C SER A 337 19.63 34.66 5.41
N MET A 338 18.87 35.00 4.37
CA MET A 338 19.37 34.94 3.02
C MET A 338 19.82 36.32 2.58
N ASN A 339 21.09 36.39 2.18
CA ASN A 339 21.77 37.58 1.77
C ASN A 339 21.89 37.49 0.24
N LEU A 340 20.93 38.11 -0.45
CA LEU A 340 20.98 38.31 -1.89
C LEU A 340 21.62 39.67 -2.16
N SER A 341 22.72 39.69 -2.92
CA SER A 341 23.35 40.91 -3.37
C SER A 341 22.34 41.79 -4.11
N GLN A 342 22.54 43.10 -3.99
CA GLN A 342 21.76 44.10 -4.72
C GLN A 342 21.89 43.88 -6.23
N ALA A 343 22.97 43.20 -6.64
CA ALA A 343 23.28 42.97 -8.05
C ALA A 343 22.14 42.20 -8.75
N PHE A 344 21.36 41.41 -7.99
CA PHE A 344 20.21 40.67 -8.57
C PHE A 344 19.26 41.63 -9.31
N SER A 345 19.18 42.90 -8.87
CA SER A 345 18.27 43.92 -9.46
C SER A 345 18.61 44.21 -10.93
N SER A 346 19.82 43.85 -11.38
CA SER A 346 20.25 44.14 -12.75
C SER A 346 19.80 43.07 -13.74
N LEU A 347 19.13 42.01 -13.24
CA LEU A 347 18.70 40.85 -14.05
C LEU A 347 17.35 41.12 -14.70
N LYS A 348 17.33 42.10 -15.59
CA LYS A 348 16.12 42.74 -16.11
C LYS A 348 15.22 41.72 -16.83
N SER A 349 15.79 40.65 -17.37
CA SER A 349 15.05 39.67 -18.18
C SER A 349 14.63 38.44 -17.36
N LEU A 350 15.10 38.33 -16.11
CA LEU A 350 14.97 37.09 -15.33
C LEU A 350 13.49 36.65 -15.21
N LYS A 351 13.19 35.42 -15.66
CA LYS A 351 11.86 34.80 -15.46
C LYS A 351 11.87 33.80 -14.30
N ILE A 352 12.99 33.12 -14.05
CA ILE A 352 13.06 31.95 -13.14
C ILE A 352 14.32 32.07 -12.30
N LEU A 353 14.15 32.14 -10.98
CA LEU A 353 15.24 32.11 -10.06
C LEU A 353 15.04 30.95 -9.09
N ARG A 354 16.06 30.06 -9.00
CA ARG A 354 16.00 28.96 -8.06
C ARG A 354 17.20 29.06 -7.11
N ILE A 355 16.91 29.06 -5.80
CA ILE A 355 17.93 29.04 -4.77
C ILE A 355 17.47 28.09 -3.67
N ARG A 356 17.36 26.81 -4.00
CA ARG A 356 17.18 25.79 -3.01
C ARG A 356 18.53 25.59 -2.30
N GLY A 357 18.48 25.00 -1.10
CA GLY A 357 19.67 24.55 -0.42
C GLY A 357 20.70 25.65 -0.21
N TYR A 358 20.21 26.84 0.14
CA TYR A 358 20.98 27.93 0.74
C TYR A 358 21.08 27.67 2.24
N VAL A 359 19.97 27.18 2.83
CA VAL A 359 19.88 26.68 4.19
C VAL A 359 20.01 27.87 5.16
N PHE A 360 18.86 28.41 5.60
CA PHE A 360 18.81 29.56 6.49
C PHE A 360 17.53 29.57 7.34
N LYS A 361 17.58 30.28 8.47
CA LYS A 361 16.58 30.13 9.54
C LYS A 361 15.32 30.95 9.27
N GLU A 362 15.49 32.13 8.69
CA GLU A 362 14.44 33.14 8.71
C GLU A 362 14.47 33.97 7.42
N LEU A 363 13.34 33.97 6.71
CA LEU A 363 13.15 34.78 5.53
C LEU A 363 12.32 36.00 5.92
N LYS A 364 12.86 37.19 5.61
CA LYS A 364 12.19 38.46 5.83
C LYS A 364 12.07 39.24 4.51
N SER A 365 11.03 40.05 4.43
CA SER A 365 10.60 40.82 3.26
C SER A 365 11.78 41.57 2.58
N PHE A 366 12.60 42.24 3.39
CA PHE A 366 13.61 43.14 2.82
C PHE A 366 14.69 42.30 2.11
N GLN A 367 14.92 41.06 2.54
CA GLN A 367 15.92 40.16 1.93
C GLN A 367 15.63 39.94 0.43
N LEU A 368 14.36 40.08 0.01
CA LEU A 368 13.94 39.86 -1.38
C LEU A 368 13.87 41.18 -2.16
N SER A 369 14.27 42.30 -1.54
CA SER A 369 14.13 43.65 -2.13
C SER A 369 14.89 43.72 -3.47
N PRO A 370 16.06 43.06 -3.60
CA PRO A 370 16.74 43.02 -4.89
C PRO A 370 15.93 42.49 -6.07
N LEU A 371 14.80 41.84 -5.79
CA LEU A 371 13.94 41.24 -6.80
C LEU A 371 12.70 42.09 -7.07
N HIS A 372 12.45 43.14 -6.28
CA HIS A 372 11.14 43.86 -6.33
C HIS A 372 10.86 44.38 -7.74
N ASN A 373 11.92 44.75 -8.47
CA ASN A 373 11.77 45.44 -9.75
C ASN A 373 12.13 44.53 -10.92
N LEU A 374 12.24 43.22 -10.70
CA LEU A 374 12.36 42.27 -11.82
C LEU A 374 10.97 42.00 -12.43
N GLN A 375 10.65 42.73 -13.50
CA GLN A 375 9.29 42.82 -14.02
C GLN A 375 8.84 41.46 -14.62
N ASN A 376 9.78 40.70 -15.16
CA ASN A 376 9.43 39.47 -15.89
C ASN A 376 9.52 38.23 -14.98
N LEU A 377 9.82 38.41 -13.69
CA LEU A 377 10.03 37.29 -12.80
C LEU A 377 8.73 36.51 -12.65
N GLU A 378 8.79 35.19 -12.91
CA GLU A 378 7.62 34.32 -12.93
C GLU A 378 7.71 33.24 -11.86
N VAL A 379 8.92 32.74 -11.54
CA VAL A 379 9.12 31.62 -10.60
C VAL A 379 10.22 32.00 -9.59
N LEU A 380 9.88 31.93 -8.30
CA LEU A 380 10.84 32.07 -7.25
C LEU A 380 10.81 30.79 -6.41
N ASP A 381 11.91 30.04 -6.45
CA ASP A 381 12.01 28.75 -5.81
C ASP A 381 12.97 28.85 -4.64
N LEU A 382 12.42 28.85 -3.43
CA LEU A 382 13.24 28.83 -2.21
C LEU A 382 13.01 27.53 -1.43
N GLY A 383 12.78 26.42 -2.16
CA GLY A 383 12.59 25.11 -1.54
C GLY A 383 13.87 24.55 -0.91
N THR A 384 13.68 23.55 -0.04
CA THR A 384 14.73 22.81 0.64
C THR A 384 15.76 23.76 1.22
N ASN A 385 15.29 24.65 2.11
CA ASN A 385 16.12 25.67 2.74
C ASN A 385 16.04 25.62 4.27
N PHE A 386 15.25 24.71 4.82
CA PHE A 386 15.02 24.60 6.26
C PHE A 386 14.64 25.95 6.89
N ILE A 387 13.87 26.74 6.16
CA ILE A 387 13.35 27.98 6.67
C ILE A 387 12.39 27.67 7.82
N LYS A 388 12.65 28.26 9.00
CA LYS A 388 11.80 28.09 10.21
C LYS A 388 10.73 29.20 10.28
N ILE A 389 11.01 30.39 9.73
CA ILE A 389 10.13 31.55 9.87
C ILE A 389 10.01 32.29 8.53
N ALA A 390 8.76 32.61 8.15
CA ALA A 390 8.46 33.40 6.95
C ALA A 390 7.03 33.95 7.01
N ASN A 391 6.91 35.27 7.10
CA ASN A 391 5.66 35.96 7.04
C ASN A 391 5.21 35.95 5.57
N LEU A 392 4.16 35.18 5.30
CA LEU A 392 3.69 34.91 3.96
C LEU A 392 3.18 36.19 3.31
N SER A 393 2.87 37.20 4.11
CA SER A 393 2.32 38.45 3.60
C SER A 393 3.30 39.13 2.63
N MET A 394 4.61 38.91 2.81
CA MET A 394 5.65 39.57 1.98
C MET A 394 5.39 39.32 0.49
N PHE A 395 4.62 38.28 0.15
CA PHE A 395 4.48 37.91 -1.26
C PHE A 395 3.43 38.80 -1.94
N LYS A 396 2.81 39.71 -1.17
CA LYS A 396 1.93 40.76 -1.74
C LYS A 396 2.70 41.61 -2.76
N GLN A 397 4.02 41.70 -2.60
CA GLN A 397 4.89 42.44 -3.53
C GLN A 397 5.25 41.58 -4.75
N PHE A 398 4.60 40.43 -4.93
CA PHE A 398 5.04 39.45 -5.95
C PHE A 398 3.84 38.87 -6.70
N LYS A 399 2.78 39.67 -6.87
CA LYS A 399 1.52 39.23 -7.46
C LYS A 399 1.74 38.79 -8.92
N ARG A 400 2.80 39.29 -9.55
CA ARG A 400 3.06 39.06 -10.96
C ARG A 400 3.60 37.65 -11.20
N LEU A 401 4.11 37.00 -10.15
CA LEU A 401 4.72 35.68 -10.24
C LEU A 401 3.64 34.62 -10.46
N LYS A 402 4.04 33.54 -11.16
CA LYS A 402 3.18 32.36 -11.38
C LYS A 402 3.34 31.34 -10.25
N VAL A 403 4.57 31.15 -9.73
CA VAL A 403 4.86 30.17 -8.69
C VAL A 403 5.83 30.76 -7.66
N ILE A 404 5.41 30.72 -6.40
CA ILE A 404 6.28 30.95 -5.27
C ILE A 404 6.38 29.62 -4.54
N ASP A 405 7.59 29.05 -4.52
CA ASP A 405 7.80 27.66 -4.11
C ASP A 405 8.60 27.65 -2.81
N LEU A 406 7.95 27.34 -1.69
CA LEU A 406 8.61 27.20 -0.37
C LEU A 406 8.50 25.75 0.13
N SER A 407 8.41 24.82 -0.83
CA SER A 407 8.32 23.37 -0.58
C SER A 407 9.54 22.87 0.19
N VAL A 408 9.32 21.97 1.15
CA VAL A 408 10.41 21.32 1.88
C VAL A 408 11.12 22.39 2.70
N ASN A 409 10.43 22.84 3.74
CA ASN A 409 11.03 23.81 4.63
C ASN A 409 10.58 23.42 6.04
N LYS A 410 10.83 24.31 7.00
CA LYS A 410 10.54 24.05 8.39
C LYS A 410 9.60 25.15 8.92
N ILE A 411 8.83 25.78 8.03
CA ILE A 411 7.96 26.87 8.40
C ILE A 411 6.87 26.36 9.34
N SER A 412 6.64 27.10 10.41
CA SER A 412 5.45 27.01 11.28
C SER A 412 5.19 28.34 11.98
N PRO A 413 3.94 28.71 12.29
CA PRO A 413 3.68 29.82 13.22
C PRO A 413 4.48 29.69 14.53
N PRO A 435 6.71 26.53 -16.27
CA PRO A 435 5.53 26.09 -15.50
C PRO A 435 5.48 24.57 -15.27
N GLN A 436 6.65 23.93 -15.09
CA GLN A 436 6.76 22.47 -14.87
C GLN A 436 7.49 22.17 -13.54
N VAL A 437 6.95 21.22 -12.79
CA VAL A 437 7.55 20.69 -11.53
C VAL A 437 8.84 19.92 -11.91
N LEU A 438 9.86 19.99 -11.04
CA LEU A 438 11.12 19.25 -11.23
C LEU A 438 10.96 17.85 -10.62
N GLU A 439 11.58 16.83 -11.27
CA GLU A 439 11.60 15.45 -10.76
C GLU A 439 12.10 15.45 -9.30
N GLN A 440 11.62 14.50 -8.49
CA GLN A 440 11.87 14.48 -7.01
C GLN A 440 13.38 14.36 -6.74
N LEU A 441 14.09 13.66 -7.64
CA LEU A 441 15.54 13.68 -7.75
C LEU A 441 15.87 14.53 -8.98
N TYR A 442 16.65 15.59 -8.77
CA TYR A 442 16.92 16.63 -9.76
C TYR A 442 18.29 17.27 -9.51
N TYR A 443 18.48 17.83 -8.33
CA TYR A 443 19.74 18.46 -7.99
C TYR A 443 20.78 17.39 -7.62
N PHE A 444 20.35 16.19 -7.21
CA PHE A 444 21.30 15.22 -6.69
C PHE A 444 21.54 14.06 -7.67
N ARG A 445 20.86 13.99 -8.80
CA ARG A 445 21.13 12.84 -9.65
C ARG A 445 22.36 13.08 -10.53
N TYR A 446 22.94 11.96 -10.99
CA TYR A 446 24.16 11.91 -11.70
C TYR A 446 24.02 12.63 -13.04
N ASP A 447 23.05 12.16 -13.84
CA ASP A 447 22.85 12.67 -15.18
C ASP A 447 21.34 12.74 -15.44
N LYS A 448 20.76 13.91 -15.19
CA LYS A 448 19.33 14.08 -15.32
C LYS A 448 18.85 14.11 -16.79
N TYR A 449 19.77 14.10 -17.77
CA TYR A 449 19.40 14.12 -19.20
C TYR A 449 19.62 12.73 -19.82
N ALA A 450 19.93 11.74 -18.98
CA ALA A 450 20.25 10.41 -19.49
C ALA A 450 19.04 9.86 -20.25
N ARG A 451 19.32 9.29 -21.42
CA ARG A 451 18.35 8.69 -22.33
C ARG A 451 18.11 7.24 -21.88
N SER A 452 16.84 6.83 -21.85
CA SER A 452 16.44 5.46 -21.56
C SER A 452 16.51 4.62 -22.84
N CYS A 453 16.56 3.30 -22.69
CA CYS A 453 16.55 2.39 -23.82
C CYS A 453 15.26 2.52 -24.64
N ARG A 454 14.10 2.69 -24.00
CA ARG A 454 12.86 3.11 -24.69
C ARG A 454 12.98 4.60 -25.00
N PHE A 455 12.41 5.08 -26.12
CA PHE A 455 12.14 6.54 -26.35
C PHE A 455 13.37 7.26 -26.96
N LYS A 456 13.13 7.93 -28.11
CA LYS A 456 14.09 8.76 -28.90
C LYS A 456 15.18 7.87 -29.53
N SER A 468 -0.92 18.91 -10.78
CA SER A 468 -0.29 20.22 -10.70
C SER A 468 -1.33 21.33 -10.86
N CYS A 469 -1.21 22.41 -10.09
CA CYS A 469 -2.23 23.48 -10.06
C CYS A 469 -1.73 24.82 -10.65
N TYR A 470 -0.50 24.86 -11.16
CA TYR A 470 0.06 26.09 -11.74
C TYR A 470 -0.91 26.71 -12.77
N LYS A 471 -1.60 25.87 -13.53
CA LYS A 471 -2.47 26.32 -14.63
C LYS A 471 -3.62 27.21 -14.13
N TYR A 472 -3.94 27.18 -12.83
CA TYR A 472 -5.05 27.95 -12.26
C TYR A 472 -4.63 29.42 -12.02
N GLY A 473 -3.33 29.73 -12.06
CA GLY A 473 -2.82 31.08 -11.79
C GLY A 473 -1.77 31.09 -10.68
N GLN A 474 -1.70 32.21 -9.93
CA GLN A 474 -0.70 32.45 -8.93
C GLN A 474 -0.74 31.31 -7.90
N THR A 475 0.41 30.67 -7.71
CA THR A 475 0.53 29.53 -6.84
C THR A 475 1.52 29.81 -5.71
N LEU A 476 1.08 29.62 -4.47
CA LEU A 476 1.95 29.59 -3.32
C LEU A 476 2.03 28.15 -2.82
N ASP A 477 3.22 27.53 -2.91
CA ASP A 477 3.43 26.13 -2.55
C ASP A 477 4.11 26.08 -1.19
N LEU A 478 3.36 25.69 -0.15
CA LEU A 478 3.88 25.57 1.22
C LEU A 478 3.96 24.11 1.63
N SER A 479 4.03 23.21 0.64
CA SER A 479 4.01 21.80 0.89
C SER A 479 5.27 21.38 1.65
N LYS A 480 5.12 20.36 2.51
CA LYS A 480 6.20 19.76 3.27
C LYS A 480 6.86 20.85 4.11
N ASN A 481 6.04 21.47 4.94
CA ASN A 481 6.50 22.35 5.98
C ASN A 481 5.99 21.78 7.30
N SER A 482 6.01 22.59 8.35
CA SER A 482 5.64 22.14 9.70
C SER A 482 4.48 22.98 10.20
N ILE A 483 3.56 23.31 9.30
CA ILE A 483 2.41 24.11 9.66
C ILE A 483 1.42 23.21 10.42
N PHE A 484 1.24 23.48 11.73
CA PHE A 484 0.33 22.69 12.63
C PHE A 484 -0.99 23.43 12.82
N PHE A 485 -0.96 24.77 12.75
CA PHE A 485 -2.11 25.60 13.02
C PHE A 485 -2.12 26.76 12.02
N ILE A 486 -3.29 27.03 11.44
CA ILE A 486 -3.46 28.15 10.56
C ILE A 486 -4.61 29.02 11.05
N LYS A 487 -4.51 30.31 10.73
CA LYS A 487 -5.54 31.29 11.01
C LYS A 487 -5.49 32.31 9.88
N SER A 488 -6.55 33.12 9.79
CA SER A 488 -6.80 33.99 8.64
C SER A 488 -5.64 34.95 8.40
N SER A 489 -5.04 35.46 9.49
CA SER A 489 -4.06 36.54 9.37
C SER A 489 -2.74 36.04 8.74
N ASP A 490 -2.50 34.71 8.73
CA ASP A 490 -1.36 34.09 8.05
C ASP A 490 -1.41 34.40 6.55
N PHE A 491 -2.61 34.65 6.01
CA PHE A 491 -2.86 34.85 4.59
C PHE A 491 -3.23 36.31 4.29
N GLN A 492 -3.01 37.20 5.26
CA GLN A 492 -3.26 38.61 5.10
C GLN A 492 -2.47 39.11 3.88
N HIS A 493 -3.18 39.81 2.99
CA HIS A 493 -2.63 40.48 1.80
C HIS A 493 -2.38 39.49 0.66
N LEU A 494 -2.90 38.26 0.73
CA LEU A 494 -2.61 37.25 -0.31
C LEU A 494 -3.88 36.88 -1.09
N SER A 495 -4.80 37.83 -1.29
CA SER A 495 -6.12 37.57 -1.89
C SER A 495 -5.99 37.24 -3.38
N PHE A 496 -4.86 37.63 -3.98
CA PHE A 496 -4.58 37.36 -5.41
C PHE A 496 -4.36 35.85 -5.70
N LEU A 497 -4.06 35.01 -4.68
CA LEU A 497 -3.69 33.57 -4.92
C LEU A 497 -4.85 32.79 -5.54
N LYS A 498 -4.51 31.99 -6.56
CA LYS A 498 -5.41 31.08 -7.21
C LYS A 498 -5.20 29.64 -6.70
N CYS A 499 -3.96 29.28 -6.33
CA CYS A 499 -3.65 27.94 -5.83
C CYS A 499 -2.77 28.05 -4.58
N LEU A 500 -3.17 27.36 -3.51
CA LEU A 500 -2.34 27.20 -2.31
C LEU A 500 -2.09 25.71 -2.09
N ASN A 501 -0.81 25.32 -2.00
CA ASN A 501 -0.45 23.95 -1.70
C ASN A 501 -0.01 23.83 -0.23
N LEU A 502 -0.85 23.19 0.59
CA LEU A 502 -0.54 22.89 1.98
C LEU A 502 -0.24 21.41 2.18
N SER A 503 0.02 20.69 1.09
CA SER A 503 0.22 19.25 1.17
C SER A 503 1.36 18.93 2.13
N GLY A 504 1.18 17.89 2.93
CA GLY A 504 2.25 17.33 3.74
C GLY A 504 2.69 18.26 4.85
N ASN A 505 1.73 18.91 5.51
CA ASN A 505 1.96 19.69 6.72
C ASN A 505 1.38 18.87 7.88
N LEU A 506 1.08 19.52 9.02
CA LEU A 506 0.73 18.82 10.23
C LEU A 506 -0.62 19.33 10.73
N ILE A 507 -1.46 19.82 9.81
CA ILE A 507 -2.65 20.54 10.18
C ILE A 507 -3.72 19.56 10.70
N SER A 508 -4.07 19.76 11.97
CA SER A 508 -4.85 18.83 12.77
C SER A 508 -6.09 19.52 13.37
N GLN A 509 -6.43 20.71 12.89
CA GLN A 509 -7.42 21.52 13.58
C GLN A 509 -8.80 21.26 12.96
N THR A 510 -9.83 21.58 13.73
CA THR A 510 -11.24 21.45 13.34
C THR A 510 -11.62 22.66 12.49
N LEU A 511 -11.18 22.71 11.23
CA LEU A 511 -11.46 23.87 10.39
C LEU A 511 -12.95 24.20 10.48
N ASN A 512 -13.27 25.49 10.61
CA ASN A 512 -14.67 25.88 10.84
C ASN A 512 -15.08 26.99 9.88
N GLY A 513 -14.26 27.29 8.88
CA GLY A 513 -14.62 28.27 7.87
C GLY A 513 -14.05 29.66 8.15
N SER A 514 -13.16 29.78 9.13
CA SER A 514 -12.59 31.07 9.53
C SER A 514 -11.11 31.19 9.19
N GLU A 515 -10.45 30.17 8.63
CA GLU A 515 -8.97 30.09 8.63
C GLU A 515 -8.34 30.66 7.35
N PHE A 516 -9.09 30.72 6.24
CA PHE A 516 -8.56 31.18 4.95
C PHE A 516 -9.33 32.41 4.42
N GLN A 517 -9.78 33.28 5.33
CA GLN A 517 -10.78 34.34 4.98
C GLN A 517 -10.23 35.22 3.85
N PRO A 518 -8.96 35.68 3.92
CA PRO A 518 -8.41 36.53 2.87
C PRO A 518 -8.34 35.94 1.46
N LEU A 519 -8.43 34.60 1.33
CA LEU A 519 -8.08 33.95 0.06
C LEU A 519 -9.33 33.92 -0.84
N ALA A 520 -9.78 35.12 -1.20
CA ALA A 520 -11.06 35.35 -1.87
C ALA A 520 -11.01 34.84 -3.31
N GLU A 521 -9.82 34.71 -3.90
CA GLU A 521 -9.76 34.35 -5.33
C GLU A 521 -9.37 32.87 -5.53
N LEU A 522 -9.09 32.15 -4.43
CA LEU A 522 -8.46 30.81 -4.49
C LEU A 522 -9.34 29.85 -5.28
N ARG A 523 -8.76 29.21 -6.32
CA ARG A 523 -9.47 28.20 -7.12
C ARG A 523 -9.10 26.79 -6.70
N TYR A 524 -7.91 26.60 -6.10
CA TYR A 524 -7.40 25.25 -5.84
C TYR A 524 -6.74 25.23 -4.47
N LEU A 525 -7.19 24.32 -3.61
CA LEU A 525 -6.49 24.03 -2.36
C LEU A 525 -6.09 22.56 -2.32
N ASP A 526 -4.80 22.31 -2.16
CA ASP A 526 -4.27 20.97 -1.95
C ASP A 526 -3.98 20.86 -0.46
N PHE A 527 -4.85 20.14 0.23
CA PHE A 527 -4.76 19.95 1.66
C PHE A 527 -4.40 18.50 1.95
N SER A 528 -3.85 17.78 0.94
CA SER A 528 -3.54 16.35 1.11
C SER A 528 -2.43 16.15 2.14
N ASN A 529 -2.42 14.99 2.80
CA ASN A 529 -1.35 14.62 3.69
C ASN A 529 -1.27 15.61 4.84
N ASN A 530 -2.44 15.96 5.40
CA ASN A 530 -2.53 16.66 6.68
C ASN A 530 -3.31 15.73 7.62
N ARG A 531 -3.86 16.26 8.71
CA ARG A 531 -4.74 15.48 9.58
C ARG A 531 -6.05 16.22 9.80
N LEU A 532 -6.77 16.47 8.71
CA LEU A 532 -8.01 17.21 8.79
C LEU A 532 -8.93 16.56 9.81
N ASP A 533 -9.49 17.37 10.70
CA ASP A 533 -10.53 16.95 11.64
C ASP A 533 -11.87 17.57 11.19
N LEU A 534 -12.67 16.81 10.44
CA LEU A 534 -13.89 17.30 9.82
C LEU A 534 -15.07 17.29 10.82
N LEU A 535 -14.89 17.93 11.98
CA LEU A 535 -15.95 18.04 12.98
C LEU A 535 -17.05 18.98 12.46
N HIS A 536 -16.66 20.03 11.74
CA HIS A 536 -17.56 21.11 11.38
C HIS A 536 -17.93 21.03 9.88
N SER A 537 -19.22 21.13 9.60
CA SER A 537 -19.70 21.09 8.22
C SER A 537 -19.46 22.43 7.51
N THR A 538 -18.89 23.43 8.21
CA THR A 538 -18.60 24.73 7.64
C THR A 538 -17.13 24.81 7.20
N ALA A 539 -16.38 23.70 7.28
CA ALA A 539 -14.97 23.71 6.87
C ALA A 539 -14.86 24.13 5.40
N PHE A 540 -13.90 25.03 5.12
CA PHE A 540 -13.54 25.49 3.76
C PHE A 540 -14.58 26.42 3.12
N GLU A 541 -15.72 26.68 3.77
CA GLU A 541 -16.77 27.46 3.13
C GLU A 541 -16.38 28.92 2.85
N GLU A 542 -15.39 29.46 3.54
CA GLU A 542 -14.91 30.83 3.24
C GLU A 542 -14.19 30.90 1.89
N LEU A 543 -13.78 29.77 1.30
CA LEU A 543 -13.10 29.83 -0.01
C LEU A 543 -14.17 29.85 -1.10
N ARG A 544 -14.79 31.02 -1.30
CA ARG A 544 -16.06 31.08 -2.06
C ARG A 544 -15.82 30.82 -3.55
N LYS A 545 -14.57 30.87 -4.02
CA LYS A 545 -14.29 30.61 -5.44
C LYS A 545 -13.57 29.28 -5.66
N LEU A 546 -13.59 28.38 -4.67
CA LEU A 546 -12.87 27.10 -4.70
C LEU A 546 -13.49 26.16 -5.73
N GLU A 547 -12.69 25.74 -6.73
CA GLU A 547 -13.14 24.83 -7.77
C GLU A 547 -12.67 23.38 -7.50
N VAL A 548 -11.50 23.22 -6.88
CA VAL A 548 -10.90 21.92 -6.63
C VAL A 548 -10.36 21.90 -5.19
N LEU A 549 -10.73 20.86 -4.45
CA LEU A 549 -10.27 20.66 -3.09
C LEU A 549 -9.76 19.21 -3.01
N ASP A 550 -8.53 19.06 -2.54
CA ASP A 550 -7.90 17.80 -2.33
C ASP A 550 -7.68 17.63 -0.83
N ILE A 551 -8.45 16.72 -0.20
CA ILE A 551 -8.28 16.41 1.20
C ILE A 551 -7.92 14.93 1.34
N SER A 552 -7.30 14.37 0.30
CA SER A 552 -6.76 12.99 0.28
C SER A 552 -5.66 12.80 1.34
N SER A 553 -5.53 11.57 1.80
CA SER A 553 -4.50 11.16 2.74
C SER A 553 -4.57 12.02 4.00
N ASN A 554 -5.78 12.21 4.51
CA ASN A 554 -6.06 12.85 5.79
C ASN A 554 -6.75 11.84 6.71
N SER A 555 -6.23 10.61 6.75
CA SER A 555 -6.93 9.47 7.32
C SER A 555 -6.95 9.49 8.85
N HIS A 556 -6.07 10.28 9.48
CA HIS A 556 -5.71 10.08 10.89
C HIS A 556 -6.96 9.96 11.79
N TYR A 557 -7.81 10.99 11.82
CA TYR A 557 -8.93 11.07 12.74
C TYR A 557 -10.09 10.14 12.30
N PHE A 558 -10.04 9.63 11.07
CA PHE A 558 -11.02 8.67 10.59
C PHE A 558 -10.68 7.25 11.05
N GLN A 559 -9.54 7.04 11.72
CA GLN A 559 -9.10 5.72 12.19
C GLN A 559 -9.52 5.46 13.65
N SER A 560 -10.14 6.42 14.33
CA SER A 560 -10.47 6.23 15.74
C SER A 560 -11.98 6.33 15.91
N GLU A 561 -12.58 5.32 16.53
CA GLU A 561 -13.99 5.24 16.77
C GLU A 561 -14.47 6.41 17.63
N GLY A 562 -15.73 6.78 17.42
CA GLY A 562 -16.43 7.73 18.26
C GLY A 562 -16.10 9.17 17.89
N ILE A 563 -15.45 9.39 16.75
CA ILE A 563 -15.14 10.75 16.36
C ILE A 563 -16.16 11.20 15.31
N THR A 564 -16.74 12.38 15.55
CA THR A 564 -17.71 13.01 14.69
C THR A 564 -17.04 13.60 13.46
N HIS A 565 -17.53 13.19 12.28
CA HIS A 565 -17.10 13.70 10.98
C HIS A 565 -18.34 14.15 10.18
N MET A 566 -18.29 15.32 9.57
CA MET A 566 -19.36 15.86 8.80
C MET A 566 -18.95 15.86 7.33
N LEU A 567 -19.22 14.72 6.65
CA LEU A 567 -18.99 14.61 5.22
C LEU A 567 -19.95 15.51 4.42
N ASN A 568 -20.98 16.09 5.06
CA ASN A 568 -21.94 16.96 4.39
C ASN A 568 -21.37 18.38 4.21
N PHE A 569 -20.08 18.58 4.50
CA PHE A 569 -19.45 19.89 4.37
C PHE A 569 -19.54 20.42 2.93
N THR A 570 -19.89 19.57 1.96
CA THR A 570 -19.88 19.94 0.53
C THR A 570 -20.94 21.00 0.20
N LYS A 571 -22.01 21.06 0.99
CA LYS A 571 -23.18 21.92 0.67
C LYS A 571 -22.75 23.39 0.50
N ASN A 572 -21.80 23.85 1.32
CA ASN A 572 -21.48 25.28 1.40
C ASN A 572 -20.57 25.74 0.24
N LEU A 573 -19.96 24.80 -0.50
CA LEU A 573 -18.97 25.14 -1.54
C LEU A 573 -19.65 25.24 -2.90
N LYS A 574 -19.99 26.47 -3.27
CA LYS A 574 -21.03 26.70 -4.26
C LYS A 574 -20.47 26.56 -5.67
N VAL A 575 -19.15 26.64 -5.85
CA VAL A 575 -18.60 26.49 -7.21
C VAL A 575 -17.59 25.33 -7.27
N LEU A 576 -17.57 24.45 -6.27
CA LEU A 576 -16.65 23.31 -6.23
C LEU A 576 -16.98 22.37 -7.38
N GLN A 577 -15.99 22.09 -8.24
CA GLN A 577 -16.13 21.18 -9.39
C GLN A 577 -15.59 19.78 -9.05
N LYS A 578 -14.50 19.71 -8.27
CA LYS A 578 -13.75 18.47 -8.08
C LYS A 578 -13.32 18.34 -6.61
N LEU A 579 -13.67 17.20 -6.01
CA LEU A 579 -13.32 16.89 -4.64
C LEU A 579 -12.55 15.58 -4.61
N MET A 580 -11.34 15.61 -4.06
CA MET A 580 -10.55 14.41 -3.91
C MET A 580 -10.45 14.05 -2.43
N MET A 581 -10.93 12.85 -2.08
CA MET A 581 -10.96 12.39 -0.69
C MET A 581 -10.40 10.98 -0.61
N ASN A 582 -9.29 10.73 -1.29
CA ASN A 582 -8.71 9.39 -1.44
C ASN A 582 -7.92 9.02 -0.17
N ASP A 583 -7.87 7.72 0.16
CA ASP A 583 -6.95 7.17 1.12
C ASP A 583 -7.22 7.80 2.48
N ASN A 584 -8.50 7.98 2.81
CA ASN A 584 -8.90 8.60 4.06
C ASN A 584 -9.43 7.55 5.03
N ASP A 585 -9.50 6.29 4.61
CA ASP A 585 -9.92 5.21 5.48
C ASP A 585 -11.28 5.55 6.10
N ILE A 586 -12.15 6.28 5.37
CA ILE A 586 -13.45 6.71 5.90
C ILE A 586 -14.37 5.48 6.05
N SER A 587 -14.74 5.21 7.29
CA SER A 587 -15.55 4.05 7.63
C SER A 587 -16.79 4.46 8.48
N SER A 588 -16.95 5.77 8.73
CA SER A 588 -17.99 6.30 9.57
C SER A 588 -18.24 7.76 9.17
N SER A 589 -19.46 8.25 9.39
CA SER A 589 -19.86 9.63 9.12
C SER A 589 -21.09 9.96 9.97
N THR A 590 -21.06 11.13 10.62
CA THR A 590 -22.19 11.54 11.40
C THR A 590 -23.32 11.89 10.43
N SER A 591 -23.01 12.60 9.35
CA SER A 591 -23.99 12.90 8.31
C SER A 591 -24.14 11.72 7.34
N ARG A 592 -25.33 11.63 6.77
CA ARG A 592 -25.79 10.51 6.00
C ARG A 592 -25.70 10.79 4.49
N THR A 593 -25.58 12.06 4.11
CA THR A 593 -25.62 12.47 2.72
C THR A 593 -24.62 13.59 2.44
N MET A 594 -23.99 13.52 1.27
CA MET A 594 -23.21 14.61 0.76
C MET A 594 -24.07 15.32 -0.30
N GLU A 595 -24.03 16.66 -0.30
CA GLU A 595 -24.89 17.49 -1.16
C GLU A 595 -24.03 18.53 -1.87
N SER A 596 -24.32 18.76 -3.15
CA SER A 596 -23.71 19.85 -3.91
C SER A 596 -24.50 20.05 -5.21
N GLU A 597 -24.63 21.32 -5.60
CA GLU A 597 -25.25 21.74 -6.85
C GLU A 597 -24.20 21.88 -7.95
N SER A 598 -22.92 21.85 -7.59
CA SER A 598 -21.84 22.17 -8.51
C SER A 598 -20.94 20.95 -8.81
N LEU A 599 -20.75 20.06 -7.83
CA LEU A 599 -19.65 19.03 -7.89
C LEU A 599 -19.81 18.09 -9.09
N ARG A 600 -18.75 17.93 -9.88
CA ARG A 600 -18.77 17.10 -11.07
C ARG A 600 -17.94 15.82 -10.88
N THR A 601 -16.89 15.88 -10.06
CA THR A 601 -15.95 14.76 -9.92
C THR A 601 -15.70 14.51 -8.45
N LEU A 602 -15.93 13.28 -7.99
CA LEU A 602 -15.58 12.92 -6.63
C LEU A 602 -14.68 11.70 -6.68
N GLU A 603 -13.46 11.85 -6.14
CA GLU A 603 -12.53 10.76 -5.93
C GLU A 603 -12.63 10.32 -4.47
N PHE A 604 -13.06 9.08 -4.26
CA PHE A 604 -13.31 8.52 -2.95
C PHE A 604 -12.65 7.15 -2.82
N ARG A 605 -11.45 7.04 -3.40
CA ARG A 605 -10.68 5.82 -3.51
C ARG A 605 -10.09 5.53 -2.13
N GLY A 606 -9.94 4.27 -1.72
CA GLY A 606 -9.11 3.97 -0.54
C GLY A 606 -9.79 4.37 0.76
N ASN A 607 -11.10 4.09 0.85
CA ASN A 607 -11.93 4.33 2.02
C ASN A 607 -12.63 3.01 2.37
N HIS A 608 -13.62 3.04 3.26
CA HIS A 608 -14.27 1.83 3.68
C HIS A 608 -15.77 1.91 3.49
N LEU A 609 -16.19 2.10 2.23
CA LEU A 609 -17.61 2.07 1.92
C LEU A 609 -18.18 0.68 2.25
N ASP A 610 -17.37 -0.37 2.25
CA ASP A 610 -17.84 -1.68 2.67
C ASP A 610 -18.40 -1.61 4.12
N VAL A 611 -17.78 -0.81 4.99
CA VAL A 611 -18.25 -0.71 6.39
C VAL A 611 -19.51 0.17 6.43
N LEU A 612 -19.52 1.28 5.68
CA LEU A 612 -20.70 2.14 5.64
C LEU A 612 -21.93 1.42 5.08
N TRP A 613 -21.72 0.50 4.15
CA TRP A 613 -22.77 -0.17 3.39
C TRP A 613 -22.89 -1.63 3.83
N ARG A 614 -22.55 -1.94 5.09
CA ARG A 614 -22.73 -3.29 5.65
C ARG A 614 -24.15 -3.75 5.31
N ASP A 615 -24.30 -4.98 4.82
CA ASP A 615 -25.60 -5.55 4.44
C ASP A 615 -26.53 -5.49 5.67
N GLY A 616 -27.68 -4.84 5.49
CA GLY A 616 -28.63 -4.61 6.58
C GLY A 616 -28.71 -3.15 7.03
N ASP A 617 -27.68 -2.36 6.73
CA ASP A 617 -27.64 -0.96 7.10
C ASP A 617 -27.92 -0.13 5.85
N ASN A 618 -29.10 0.51 5.83
CA ASN A 618 -29.62 1.27 4.73
C ASN A 618 -29.17 2.73 4.81
N ARG A 619 -28.60 3.16 5.94
CA ARG A 619 -28.54 4.59 6.29
C ARG A 619 -27.63 5.40 5.33
N TYR A 620 -26.59 4.77 4.78
CA TYR A 620 -25.63 5.46 3.94
C TYR A 620 -25.82 5.13 2.46
N LEU A 621 -26.89 4.43 2.09
CA LEU A 621 -27.08 4.03 0.67
C LEU A 621 -27.34 5.22 -0.27
N GLN A 622 -27.51 6.43 0.28
CA GLN A 622 -27.73 7.64 -0.56
C GLN A 622 -26.66 8.69 -0.29
N LEU A 623 -25.48 8.23 0.12
CA LEU A 623 -24.38 9.11 0.47
C LEU A 623 -24.12 10.14 -0.66
N PHE A 624 -24.18 9.69 -1.93
CA PHE A 624 -23.79 10.51 -3.08
C PHE A 624 -25.00 10.98 -3.90
N LYS A 625 -26.22 10.57 -3.54
CA LYS A 625 -27.43 10.80 -4.35
C LYS A 625 -27.64 12.29 -4.63
N ASN A 626 -27.33 13.17 -3.67
CA ASN A 626 -27.67 14.61 -3.75
C ASN A 626 -26.49 15.44 -4.30
N LEU A 627 -25.48 14.76 -4.87
CA LEU A 627 -24.48 15.42 -5.66
C LEU A 627 -25.00 15.50 -7.11
N LEU A 628 -25.90 16.46 -7.36
CA LEU A 628 -26.85 16.31 -8.50
C LEU A 628 -26.12 16.43 -9.84
N LYS A 629 -24.99 17.12 -9.87
CA LYS A 629 -24.29 17.29 -11.11
C LYS A 629 -23.10 16.34 -11.24
N LEU A 630 -22.93 15.39 -10.31
CA LEU A 630 -21.77 14.51 -10.32
C LEU A 630 -21.83 13.65 -11.58
N GLU A 631 -20.70 13.60 -12.27
CA GLU A 631 -20.52 12.80 -13.49
C GLU A 631 -19.46 11.71 -13.31
N GLU A 632 -18.44 11.94 -12.47
CA GLU A 632 -17.35 11.03 -12.30
C GLU A 632 -17.25 10.66 -10.81
N LEU A 633 -17.29 9.36 -10.51
CA LEU A 633 -17.16 8.86 -9.16
C LEU A 633 -16.17 7.70 -9.20
N ASP A 634 -15.13 7.81 -8.36
CA ASP A 634 -14.14 6.76 -8.19
C ASP A 634 -14.30 6.18 -6.78
N ILE A 635 -14.90 5.01 -6.68
CA ILE A 635 -14.96 4.26 -5.41
C ILE A 635 -14.23 2.92 -5.54
N SER A 636 -13.08 2.96 -6.23
CA SER A 636 -12.14 1.85 -6.24
C SER A 636 -11.51 1.74 -4.84
N LYS A 637 -11.05 0.54 -4.51
CA LYS A 637 -10.27 0.27 -3.29
C LYS A 637 -11.06 0.65 -2.06
N ASN A 638 -12.27 0.11 -1.97
CA ASN A 638 -13.16 0.36 -0.84
C ASN A 638 -13.56 -0.98 -0.23
N SER A 639 -12.78 -2.03 -0.53
CA SER A 639 -13.04 -3.43 -0.08
C SER A 639 -14.49 -3.83 -0.30
N LEU A 640 -15.08 -3.44 -1.43
CA LEU A 640 -16.45 -3.78 -1.72
C LEU A 640 -16.48 -5.15 -2.38
N SER A 641 -16.57 -6.19 -1.55
CA SER A 641 -16.55 -7.56 -2.10
C SER A 641 -17.93 -7.89 -2.71
N PHE A 642 -18.96 -7.13 -2.34
CA PHE A 642 -20.26 -7.16 -3.03
C PHE A 642 -20.88 -5.75 -2.93
N LEU A 643 -21.87 -5.46 -3.77
CA LEU A 643 -22.60 -4.21 -3.66
C LEU A 643 -23.98 -4.50 -3.13
N PRO A 644 -24.35 -4.00 -1.92
CA PRO A 644 -25.72 -4.17 -1.43
C PRO A 644 -26.68 -3.53 -2.43
N SER A 645 -27.88 -4.09 -2.51
CA SER A 645 -28.93 -3.51 -3.36
C SER A 645 -29.30 -2.17 -2.73
N GLY A 646 -29.48 -1.17 -3.59
CA GLY A 646 -29.71 0.19 -3.16
C GLY A 646 -28.56 1.10 -3.54
N VAL A 647 -27.38 0.50 -3.78
CA VAL A 647 -26.21 1.29 -4.16
C VAL A 647 -26.48 2.02 -5.47
N PHE A 648 -26.96 1.30 -6.48
CA PHE A 648 -27.09 1.89 -7.85
C PHE A 648 -28.24 2.91 -7.91
N ASP A 649 -29.36 2.56 -7.29
CA ASP A 649 -30.50 3.44 -7.09
C ASP A 649 -30.08 4.71 -6.33
N GLY A 650 -29.16 4.57 -5.36
CA GLY A 650 -28.69 5.71 -4.59
C GLY A 650 -27.71 6.60 -5.33
N MET A 651 -27.29 6.23 -6.54
CA MET A 651 -26.34 7.03 -7.32
C MET A 651 -27.02 8.27 -7.88
N PRO A 652 -26.32 9.42 -7.97
CA PRO A 652 -26.91 10.66 -8.48
C PRO A 652 -27.22 10.50 -9.96
N PRO A 653 -28.20 11.24 -10.52
CA PRO A 653 -28.80 10.84 -11.80
C PRO A 653 -27.89 11.00 -13.02
N ASN A 654 -26.86 11.86 -12.93
CA ASN A 654 -26.07 12.16 -14.13
C ASN A 654 -24.71 11.46 -14.13
N LEU A 655 -24.53 10.39 -13.34
CA LEU A 655 -23.26 9.66 -13.24
C LEU A 655 -22.88 9.08 -14.61
N LYS A 656 -21.71 9.46 -15.12
CA LYS A 656 -21.24 9.05 -16.43
C LYS A 656 -20.12 8.00 -16.30
N ASN A 657 -19.24 8.19 -15.32
CA ASN A 657 -17.96 7.52 -15.23
C ASN A 657 -17.81 6.98 -13.79
N LEU A 658 -17.92 5.65 -13.65
CA LEU A 658 -17.87 4.96 -12.38
C LEU A 658 -16.72 3.95 -12.41
N SER A 659 -15.79 4.06 -11.44
CA SER A 659 -14.81 3.04 -11.14
C SER A 659 -15.20 2.29 -9.87
N LEU A 660 -15.24 0.97 -10.01
CA LEU A 660 -15.38 0.02 -8.92
C LEU A 660 -14.17 -0.93 -8.87
N ALA A 661 -13.02 -0.46 -9.35
CA ALA A 661 -11.86 -1.28 -9.53
C ALA A 661 -11.27 -1.67 -8.17
N LYS A 662 -10.52 -2.78 -8.15
CA LYS A 662 -9.65 -3.15 -7.02
C LYS A 662 -10.45 -3.19 -5.73
N ASN A 663 -11.58 -3.89 -5.76
CA ASN A 663 -12.49 -3.94 -4.65
C ASN A 663 -12.60 -5.37 -4.14
N GLY A 664 -12.00 -6.34 -4.82
CA GLY A 664 -12.24 -7.76 -4.54
C GLY A 664 -13.68 -8.16 -4.81
N LEU A 665 -14.35 -7.51 -5.77
CA LEU A 665 -15.76 -7.82 -6.09
C LEU A 665 -15.86 -9.25 -6.58
N LYS A 666 -16.69 -10.09 -5.92
CA LYS A 666 -16.83 -11.50 -6.29
C LYS A 666 -18.12 -11.78 -7.03
N SER A 667 -19.05 -10.81 -7.01
CA SER A 667 -20.30 -10.94 -7.73
C SER A 667 -20.79 -9.55 -8.11
N PHE A 668 -21.67 -9.50 -9.10
CA PHE A 668 -22.15 -8.29 -9.65
C PHE A 668 -23.46 -8.57 -10.40
N ILE A 669 -24.52 -7.88 -9.97
CA ILE A 669 -25.83 -7.97 -10.56
C ILE A 669 -25.89 -6.94 -11.70
N TRP A 670 -25.59 -7.40 -12.91
CA TRP A 670 -25.45 -6.58 -14.10
C TRP A 670 -26.73 -5.76 -14.39
N GLU A 671 -27.89 -6.34 -14.07
CA GLU A 671 -29.21 -5.74 -14.33
C GLU A 671 -29.35 -4.40 -13.58
N LYS A 672 -28.67 -4.25 -12.46
CA LYS A 672 -28.76 -3.05 -11.67
C LYS A 672 -28.14 -1.86 -12.42
N LEU A 673 -27.40 -2.10 -13.50
CA LEU A 673 -26.87 -0.98 -14.30
C LEU A 673 -28.01 -0.17 -14.93
N ARG A 674 -29.20 -0.77 -14.99
CA ARG A 674 -30.39 -0.09 -15.59
C ARG A 674 -30.68 1.23 -14.85
N TYR A 675 -30.35 1.33 -13.55
CA TYR A 675 -30.58 2.56 -12.78
C TYR A 675 -29.67 3.73 -13.19
N LEU A 676 -28.53 3.47 -13.83
CA LEU A 676 -27.53 4.50 -14.14
C LEU A 676 -27.73 4.93 -15.60
N LYS A 677 -28.72 5.80 -15.82
CA LYS A 677 -29.27 6.02 -17.16
C LYS A 677 -28.29 6.82 -18.02
N ASN A 678 -27.27 7.43 -17.42
CA ASN A 678 -26.30 8.22 -18.15
C ASN A 678 -24.91 7.58 -18.07
N LEU A 679 -24.82 6.31 -17.66
CA LEU A 679 -23.53 5.64 -17.47
C LEU A 679 -22.84 5.43 -18.81
N GLU A 680 -21.59 5.87 -18.93
CA GLU A 680 -20.83 5.78 -20.19
C GLU A 680 -19.58 4.92 -20.02
N THR A 681 -18.87 5.07 -18.90
CA THR A 681 -17.68 4.30 -18.54
C THR A 681 -17.91 3.52 -17.23
N LEU A 682 -17.73 2.20 -17.29
CA LEU A 682 -17.75 1.31 -16.15
C LEU A 682 -16.40 0.60 -16.03
N ASP A 683 -15.65 0.91 -14.95
CA ASP A 683 -14.35 0.29 -14.69
C ASP A 683 -14.49 -0.73 -13.56
N LEU A 684 -14.38 -2.02 -13.89
CA LEU A 684 -14.46 -3.13 -12.94
C LEU A 684 -13.14 -3.92 -12.94
N SER A 685 -12.05 -3.25 -13.27
CA SER A 685 -10.75 -3.90 -13.38
C SER A 685 -10.27 -4.38 -12.01
N HIS A 686 -9.47 -5.44 -12.00
CA HIS A 686 -8.78 -5.96 -10.79
C HIS A 686 -9.81 -6.35 -9.73
N ASN A 687 -10.67 -7.31 -10.06
CA ASN A 687 -11.69 -7.82 -9.17
C ASN A 687 -11.67 -9.36 -9.31
N GLN A 688 -12.74 -10.02 -8.87
CA GLN A 688 -12.87 -11.48 -8.92
C GLN A 688 -14.15 -11.90 -9.65
N LEU A 689 -14.57 -11.13 -10.66
CA LEU A 689 -15.78 -11.45 -11.37
C LEU A 689 -15.52 -12.67 -12.25
N THR A 690 -16.53 -13.51 -12.40
CA THR A 690 -16.39 -14.74 -13.15
C THR A 690 -17.33 -14.73 -14.37
N THR A 691 -18.26 -13.78 -14.47
CA THR A 691 -19.23 -13.81 -15.56
C THR A 691 -19.50 -12.40 -16.09
N VAL A 692 -19.95 -12.38 -17.34
CA VAL A 692 -20.45 -11.19 -17.99
C VAL A 692 -21.96 -11.33 -18.14
N PRO A 693 -22.70 -10.24 -18.35
CA PRO A 693 -24.15 -10.32 -18.48
C PRO A 693 -24.56 -11.16 -19.70
N GLU A 694 -25.73 -11.78 -19.63
CA GLU A 694 -26.25 -12.57 -20.75
C GLU A 694 -26.39 -11.69 -22.00
N ARG A 695 -26.86 -10.45 -21.78
CA ARG A 695 -27.06 -9.43 -22.80
C ARG A 695 -26.74 -8.05 -22.22
N LEU A 696 -25.56 -7.53 -22.57
CA LEU A 696 -25.16 -6.25 -22.07
C LEU A 696 -26.15 -5.15 -22.47
N SER A 697 -26.74 -5.22 -23.67
CA SER A 697 -27.66 -4.14 -24.13
C SER A 697 -28.87 -4.03 -23.21
N ASN A 698 -29.33 -5.16 -22.66
CA ASN A 698 -30.46 -5.27 -21.75
C ASN A 698 -30.12 -4.69 -20.36
N CYS A 699 -28.84 -4.37 -20.09
CA CYS A 699 -28.39 -3.85 -18.79
C CYS A 699 -28.15 -2.34 -18.85
N SER A 700 -27.60 -1.88 -19.96
CA SER A 700 -27.29 -0.50 -20.11
C SER A 700 -27.29 -0.13 -21.59
N ARG A 701 -28.18 0.82 -21.93
CA ARG A 701 -28.30 1.41 -23.25
C ARG A 701 -27.22 2.46 -23.51
N SER A 702 -26.64 3.01 -22.43
CA SER A 702 -25.76 4.17 -22.53
C SER A 702 -24.28 3.78 -22.52
N LEU A 703 -23.97 2.56 -22.04
CA LEU A 703 -22.60 2.18 -21.75
C LEU A 703 -21.77 2.17 -23.04
N LYS A 704 -20.65 2.89 -23.03
CA LYS A 704 -19.74 2.98 -24.12
C LYS A 704 -18.43 2.25 -23.82
N ASN A 705 -17.91 2.37 -22.59
CA ASN A 705 -16.59 1.86 -22.26
C ASN A 705 -16.71 0.88 -21.08
N LEU A 706 -16.39 -0.39 -21.34
CA LEU A 706 -16.49 -1.44 -20.33
C LEU A 706 -15.09 -2.04 -20.09
N ILE A 707 -14.55 -1.79 -18.89
CA ILE A 707 -13.25 -2.29 -18.51
C ILE A 707 -13.42 -3.45 -17.54
N LEU A 708 -13.04 -4.65 -18.00
CA LEU A 708 -13.16 -5.87 -17.21
C LEU A 708 -11.79 -6.53 -17.01
N LYS A 709 -10.70 -5.81 -17.27
CA LYS A 709 -9.41 -6.46 -17.18
C LYS A 709 -9.16 -6.99 -15.76
N ASN A 710 -8.36 -8.05 -15.68
CA ASN A 710 -7.86 -8.64 -14.44
C ASN A 710 -9.00 -9.12 -13.55
N ASN A 711 -9.86 -9.98 -14.12
CA ASN A 711 -10.88 -10.69 -13.38
C ASN A 711 -10.67 -12.18 -13.61
N GLN A 712 -11.69 -13.00 -13.32
CA GLN A 712 -11.59 -14.45 -13.38
C GLN A 712 -12.60 -15.00 -14.40
N ILE A 713 -12.86 -14.26 -15.48
CA ILE A 713 -13.87 -14.67 -16.44
C ILE A 713 -13.28 -15.81 -17.27
N ARG A 714 -14.04 -16.91 -17.40
CA ARG A 714 -13.59 -18.12 -18.07
C ARG A 714 -14.34 -18.30 -19.38
N SER A 715 -15.54 -17.74 -19.51
CA SER A 715 -16.30 -17.78 -20.76
C SER A 715 -17.18 -16.53 -20.89
N LEU A 716 -17.55 -16.20 -22.13
CA LEU A 716 -18.52 -15.18 -22.42
C LEU A 716 -19.87 -15.85 -22.64
N THR A 717 -20.94 -15.20 -22.22
CA THR A 717 -22.31 -15.62 -22.47
C THR A 717 -22.55 -15.62 -23.98
N LYS A 718 -23.53 -16.42 -24.38
CA LYS A 718 -23.76 -16.76 -25.77
C LYS A 718 -24.04 -15.51 -26.60
N TYR A 719 -24.82 -14.56 -26.06
CA TYR A 719 -25.26 -13.38 -26.79
C TYR A 719 -24.72 -12.10 -26.11
N PHE A 720 -23.55 -12.19 -25.48
CA PHE A 720 -22.94 -11.14 -24.66
C PHE A 720 -23.22 -9.75 -25.24
N LEU A 721 -22.71 -9.50 -26.44
CA LEU A 721 -22.70 -8.13 -27.02
C LEU A 721 -23.82 -7.93 -28.03
N GLN A 722 -24.84 -8.80 -28.05
CA GLN A 722 -25.94 -8.68 -29.04
C GLN A 722 -26.64 -7.33 -28.88
N ASP A 723 -26.53 -6.50 -29.93
CA ASP A 723 -27.27 -5.24 -30.14
C ASP A 723 -26.76 -4.13 -29.19
N ALA A 724 -25.54 -4.30 -28.67
CA ALA A 724 -24.96 -3.28 -27.80
C ALA A 724 -24.32 -2.19 -28.67
N PHE A 725 -25.18 -1.42 -29.34
CA PHE A 725 -24.84 -0.46 -30.42
C PHE A 725 -24.05 0.75 -29.90
N GLN A 726 -24.25 1.08 -28.62
CA GLN A 726 -23.55 2.19 -27.97
C GLN A 726 -22.11 1.79 -27.58
N LEU A 727 -21.80 0.50 -27.45
CA LEU A 727 -20.45 0.06 -26.97
C LEU A 727 -19.37 0.50 -27.96
N ARG A 728 -18.27 1.04 -27.43
CA ARG A 728 -17.17 1.55 -28.23
C ARG A 728 -15.82 1.03 -27.75
N TYR A 729 -15.70 0.58 -26.49
CA TYR A 729 -14.42 0.15 -25.93
C TYR A 729 -14.65 -1.00 -24.95
N LEU A 730 -13.95 -2.11 -25.13
CA LEU A 730 -14.13 -3.31 -24.33
C LEU A 730 -12.77 -3.92 -23.99
N ASP A 731 -12.51 -4.08 -22.70
CA ASP A 731 -11.26 -4.63 -22.22
C ASP A 731 -11.57 -5.92 -21.45
N LEU A 732 -11.24 -7.05 -22.07
CA LEU A 732 -11.40 -8.36 -21.44
C LEU A 732 -10.02 -8.97 -21.18
N SER A 733 -8.98 -8.15 -21.17
CA SER A 733 -7.62 -8.67 -21.02
C SER A 733 -7.39 -9.20 -19.59
N SER A 734 -6.40 -10.08 -19.45
CA SER A 734 -5.96 -10.64 -18.18
C SER A 734 -7.14 -11.28 -17.45
N ASN A 735 -7.85 -12.14 -18.18
CA ASN A 735 -8.91 -13.02 -17.63
C ASN A 735 -8.47 -14.47 -17.93
N LYS A 736 -9.40 -15.44 -17.85
CA LYS A 736 -9.09 -16.83 -18.11
C LYS A 736 -9.97 -17.37 -19.23
N ILE A 737 -10.24 -16.55 -20.25
CA ILE A 737 -11.17 -16.94 -21.34
C ILE A 737 -10.52 -18.02 -22.23
N GLN A 738 -11.28 -19.06 -22.54
CA GLN A 738 -10.78 -20.17 -23.34
C GLN A 738 -11.24 -20.07 -24.80
N MET A 739 -12.53 -19.81 -24.99
CA MET A 739 -13.20 -19.85 -26.27
C MET A 739 -14.03 -18.57 -26.39
N ILE A 740 -14.09 -18.03 -27.62
CA ILE A 740 -15.05 -17.00 -27.96
C ILE A 740 -15.73 -17.42 -29.27
N GLN A 741 -17.07 -17.46 -29.30
CA GLN A 741 -17.88 -17.86 -30.46
C GLN A 741 -18.55 -16.60 -31.05
N LYS A 742 -18.94 -16.67 -32.33
CA LYS A 742 -19.47 -15.54 -33.12
C LYS A 742 -20.69 -14.90 -32.46
N THR A 743 -21.57 -15.71 -31.88
CA THR A 743 -22.81 -15.26 -31.30
C THR A 743 -22.56 -14.22 -30.21
N SER A 744 -21.45 -14.36 -29.45
CA SER A 744 -21.09 -13.42 -28.39
C SER A 744 -20.68 -12.04 -28.94
N PHE A 745 -20.09 -12.02 -30.14
CA PHE A 745 -19.40 -10.89 -30.71
C PHE A 745 -19.96 -10.58 -32.10
N PRO A 746 -21.24 -10.20 -32.24
CA PRO A 746 -21.79 -9.87 -33.57
C PRO A 746 -21.00 -8.74 -34.25
N GLU A 747 -20.91 -8.81 -35.57
CA GLU A 747 -20.03 -7.95 -36.36
C GLU A 747 -20.56 -6.50 -36.39
N ASN A 748 -21.89 -6.31 -36.27
CA ASN A 748 -22.45 -4.94 -36.32
C ASN A 748 -22.04 -4.13 -35.06
N VAL A 749 -21.59 -4.84 -34.00
CA VAL A 749 -21.04 -4.20 -32.78
C VAL A 749 -19.52 -4.08 -32.90
N LEU A 750 -18.84 -5.16 -33.28
CA LEU A 750 -17.37 -5.14 -33.31
C LEU A 750 -16.86 -4.00 -34.20
N ASN A 751 -17.62 -3.64 -35.24
CA ASN A 751 -17.20 -2.67 -36.25
C ASN A 751 -17.22 -1.24 -35.68
N ASN A 752 -17.97 -0.99 -34.60
CA ASN A 752 -18.02 0.31 -33.94
C ASN A 752 -16.88 0.49 -32.92
N LEU A 753 -16.17 -0.59 -32.57
CA LEU A 753 -15.24 -0.55 -31.44
C LEU A 753 -13.98 0.19 -31.87
N LYS A 754 -13.57 1.17 -31.05
CA LYS A 754 -12.31 1.82 -31.23
C LYS A 754 -11.19 0.90 -30.75
N MET A 755 -11.49 0.00 -29.80
CA MET A 755 -10.46 -0.91 -29.28
C MET A 755 -11.14 -2.09 -28.55
N LEU A 756 -10.60 -3.28 -28.76
CA LEU A 756 -11.02 -4.49 -28.11
C LEU A 756 -9.75 -5.14 -27.60
N LEU A 757 -9.63 -5.32 -26.28
CA LEU A 757 -8.46 -5.90 -25.66
C LEU A 757 -8.77 -7.34 -25.22
N LEU A 758 -7.89 -8.26 -25.62
CA LEU A 758 -8.10 -9.69 -25.43
C LEU A 758 -6.87 -10.37 -24.88
N HIS A 759 -5.81 -9.62 -24.62
CA HIS A 759 -4.52 -10.22 -24.38
C HIS A 759 -4.50 -10.88 -22.99
N HIS A 760 -3.57 -11.82 -22.83
CA HIS A 760 -3.31 -12.51 -21.59
C HIS A 760 -4.58 -13.25 -21.13
N ASN A 761 -5.12 -14.10 -22.01
CA ASN A 761 -6.24 -14.98 -21.70
C ASN A 761 -5.73 -16.43 -21.78
N ARG A 762 -6.62 -17.43 -21.91
CA ARG A 762 -6.22 -18.85 -21.87
C ARG A 762 -6.78 -19.58 -23.09
N PHE A 763 -6.51 -19.01 -24.27
CA PHE A 763 -7.21 -19.39 -25.49
C PHE A 763 -6.81 -20.82 -25.86
N LEU A 764 -7.81 -21.60 -26.24
CA LEU A 764 -7.69 -22.96 -26.65
C LEU A 764 -7.81 -23.00 -28.17
N CYS A 765 -6.73 -23.40 -28.84
CA CYS A 765 -6.64 -23.33 -30.29
C CYS A 765 -6.87 -24.71 -30.92
N THR A 766 -8.07 -25.23 -30.69
CA THR A 766 -8.57 -26.42 -31.28
C THR A 766 -9.45 -25.99 -32.44
N CYS A 767 -10.01 -26.99 -33.13
CA CYS A 767 -10.85 -26.76 -34.28
C CYS A 767 -12.15 -26.07 -33.85
N ASP A 768 -12.52 -26.12 -32.56
CA ASP A 768 -13.69 -25.37 -32.05
C ASP A 768 -13.47 -23.85 -32.18
N ALA A 769 -12.20 -23.42 -32.24
CA ALA A 769 -11.83 -22.01 -32.22
C ALA A 769 -11.66 -21.45 -33.64
N VAL A 770 -12.08 -22.22 -34.65
CA VAL A 770 -11.88 -21.83 -36.04
C VAL A 770 -12.34 -20.37 -36.27
N TRP A 771 -13.58 -20.03 -35.85
CA TRP A 771 -14.14 -18.70 -36.16
C TRP A 771 -13.28 -17.57 -35.54
N PHE A 772 -12.94 -17.74 -34.25
CA PHE A 772 -12.23 -16.73 -33.50
C PHE A 772 -10.84 -16.50 -34.08
N VAL A 773 -10.15 -17.60 -34.39
CA VAL A 773 -8.81 -17.50 -34.96
C VAL A 773 -8.93 -16.76 -36.29
N TRP A 774 -9.88 -17.17 -37.14
CA TRP A 774 -10.06 -16.51 -38.45
C TRP A 774 -10.32 -15.02 -38.25
N TRP A 775 -11.26 -14.70 -37.35
CA TRP A 775 -11.70 -13.33 -37.15
C TRP A 775 -10.55 -12.46 -36.63
N VAL A 776 -9.74 -12.98 -35.71
CA VAL A 776 -8.63 -12.25 -35.12
C VAL A 776 -7.60 -11.93 -36.22
N GLN A 777 -7.35 -12.90 -37.10
CA GLN A 777 -6.38 -12.76 -38.15
C GLN A 777 -6.83 -11.71 -39.17
N HIS A 778 -8.14 -11.64 -39.44
CA HIS A 778 -8.69 -10.88 -40.56
C HIS A 778 -9.32 -9.54 -40.16
N THR A 779 -9.57 -9.28 -38.86
CA THR A 779 -10.36 -8.09 -38.44
C THR A 779 -9.52 -6.81 -38.56
N GLU A 780 -10.23 -5.69 -38.72
CA GLU A 780 -9.67 -4.33 -38.78
C GLU A 780 -9.73 -3.67 -37.39
N VAL A 781 -10.47 -4.30 -36.47
CA VAL A 781 -10.65 -3.79 -35.12
C VAL A 781 -9.29 -3.72 -34.45
N THR A 782 -9.06 -2.64 -33.72
CA THR A 782 -7.78 -2.47 -33.04
C THR A 782 -7.72 -3.41 -31.83
N ILE A 783 -6.71 -4.29 -31.79
CA ILE A 783 -6.46 -5.25 -30.77
C ILE A 783 -4.99 -5.21 -30.44
N PRO A 784 -4.60 -4.70 -29.25
CA PRO A 784 -3.20 -4.55 -28.91
C PRO A 784 -2.57 -5.87 -28.50
N TYR A 785 -1.24 -5.95 -28.71
CA TYR A 785 -0.40 -7.02 -28.22
C TYR A 785 -0.67 -8.35 -28.97
N LEU A 786 -1.23 -8.30 -30.17
CA LEU A 786 -1.34 -9.51 -31.05
C LEU A 786 0.03 -10.22 -31.21
N ALA A 787 1.11 -9.44 -31.23
CA ALA A 787 2.44 -9.92 -31.51
C ALA A 787 3.06 -10.58 -30.27
N THR A 788 2.62 -10.21 -29.07
CA THR A 788 3.32 -10.63 -27.86
C THR A 788 2.44 -11.45 -26.90
N ASP A 789 1.11 -11.24 -26.85
CA ASP A 789 0.35 -11.72 -25.69
C ASP A 789 -1.11 -12.05 -26.05
N VAL A 790 -1.37 -12.48 -27.28
CA VAL A 790 -2.63 -13.10 -27.69
C VAL A 790 -2.32 -14.51 -28.21
N THR A 791 -2.24 -15.44 -27.27
CA THR A 791 -1.46 -16.64 -27.37
C THR A 791 -2.36 -17.84 -27.07
N CYS A 792 -2.14 -18.96 -27.76
CA CYS A 792 -2.74 -20.23 -27.40
C CYS A 792 -2.07 -20.75 -26.13
N VAL A 793 -2.82 -21.43 -25.26
CA VAL A 793 -2.18 -22.13 -24.13
C VAL A 793 -2.15 -23.63 -24.39
N GLY A 794 -2.76 -24.05 -25.50
CA GLY A 794 -3.04 -25.46 -25.82
C GLY A 794 -3.80 -25.55 -27.14
N PRO A 795 -3.99 -26.75 -27.73
CA PRO A 795 -3.48 -28.00 -27.15
C PRO A 795 -1.99 -28.20 -27.51
N GLY A 796 -1.28 -28.93 -26.64
CA GLY A 796 0.11 -29.38 -26.82
C GLY A 796 0.85 -28.70 -27.96
N ALA A 797 0.51 -29.07 -29.20
CA ALA A 797 1.20 -28.63 -30.41
C ALA A 797 1.38 -27.10 -30.42
N HIS A 798 0.26 -26.38 -30.23
CA HIS A 798 0.19 -24.95 -30.46
C HIS A 798 0.47 -24.15 -29.17
N LYS A 799 0.90 -24.82 -28.10
CA LYS A 799 1.13 -24.17 -26.79
C LYS A 799 2.21 -23.10 -26.93
N GLY A 800 1.89 -21.89 -26.45
CA GLY A 800 2.77 -20.71 -26.49
C GLY A 800 2.80 -20.02 -27.86
N GLN A 801 1.99 -20.50 -28.81
CA GLN A 801 1.96 -19.95 -30.17
C GLN A 801 0.97 -18.78 -30.29
N SER A 802 1.39 -17.70 -30.94
CA SER A 802 0.53 -16.56 -31.27
C SER A 802 -0.66 -17.03 -32.13
N VAL A 803 -1.87 -16.54 -31.81
CA VAL A 803 -3.03 -16.98 -32.57
C VAL A 803 -2.99 -16.28 -33.93
N ILE A 804 -2.33 -15.13 -34.03
CA ILE A 804 -2.23 -14.42 -35.31
C ILE A 804 -1.50 -15.31 -36.34
N SER A 805 -0.55 -16.13 -35.90
CA SER A 805 0.31 -16.97 -36.79
C SER A 805 -0.24 -18.39 -36.98
N LEU A 806 -1.37 -18.71 -36.35
CA LEU A 806 -1.88 -20.09 -36.26
C LEU A 806 -2.48 -20.53 -37.58
N ASP A 807 -2.07 -21.72 -38.04
CA ASP A 807 -2.62 -22.37 -39.24
C ASP A 807 -3.57 -23.49 -38.80
N LEU A 808 -4.83 -23.42 -39.22
CA LEU A 808 -5.83 -24.41 -38.82
C LEU A 808 -6.44 -25.13 -40.03
N TYR A 809 -5.67 -25.29 -41.11
CA TYR A 809 -6.18 -25.93 -42.34
C TYR A 809 -6.62 -27.38 -42.07
N THR A 810 -5.95 -28.09 -41.16
CA THR A 810 -6.28 -29.49 -40.84
C THR A 810 -7.75 -29.60 -40.39
N CYS A 811 -8.32 -28.51 -39.85
CA CYS A 811 -9.72 -28.45 -39.44
C CYS A 811 -10.68 -28.42 -40.64
N GLU A 812 -10.19 -28.18 -41.86
CA GLU A 812 -11.02 -28.01 -43.04
C GLU A 812 -10.70 -29.07 -44.11
N LEU A 813 -10.34 -30.30 -43.70
CA LEU A 813 -10.08 -31.38 -44.66
C LEU A 813 -11.40 -32.07 -45.01
N ALA B 5 5.57 -45.50 3.90
CA ALA B 5 5.43 -45.63 5.37
C ALA B 5 4.01 -46.15 5.71
N ARG B 6 2.98 -45.32 5.47
CA ARG B 6 1.56 -45.71 5.69
C ARG B 6 1.17 -46.85 4.74
N TRP B 7 0.31 -47.74 5.24
CA TRP B 7 -0.21 -48.86 4.50
C TRP B 7 -1.57 -48.52 3.87
N PHE B 8 -2.36 -47.67 4.55
CA PHE B 8 -3.68 -47.27 4.05
C PHE B 8 -3.80 -45.75 3.98
N PRO B 9 -3.64 -45.14 2.78
CA PRO B 9 -3.66 -43.67 2.63
C PRO B 9 -4.95 -43.07 3.20
N LYS B 10 -4.83 -41.88 3.80
CA LYS B 10 -5.98 -41.16 4.33
C LYS B 10 -6.63 -40.39 3.18
N THR B 11 -7.87 -40.74 2.85
CA THR B 11 -8.60 -40.20 1.71
C THR B 11 -9.70 -39.25 2.19
N LEU B 12 -10.10 -39.41 3.47
CA LEU B 12 -11.08 -38.54 4.14
C LEU B 12 -10.62 -37.09 4.07
N PRO B 13 -11.44 -36.14 3.56
CA PRO B 13 -11.01 -34.76 3.39
C PRO B 13 -11.09 -33.89 4.67
N CYS B 14 -10.85 -34.50 5.83
CA CYS B 14 -10.94 -33.89 7.15
C CYS B 14 -9.69 -34.27 7.95
N ASP B 15 -9.23 -33.38 8.82
CA ASP B 15 -8.15 -33.68 9.76
C ASP B 15 -8.71 -34.60 10.86
N VAL B 16 -7.95 -35.66 11.17
CA VAL B 16 -8.31 -36.60 12.22
C VAL B 16 -7.18 -36.60 13.24
N THR B 17 -7.54 -36.33 14.50
CA THR B 17 -6.60 -36.15 15.58
C THR B 17 -7.03 -37.07 16.73
N LEU B 18 -6.04 -37.65 17.43
CA LEU B 18 -6.29 -38.57 18.54
C LEU B 18 -5.78 -37.95 19.83
N ASP B 19 -6.64 -37.96 20.85
CA ASP B 19 -6.31 -37.59 22.22
C ASP B 19 -6.65 -38.80 23.12
N VAL B 20 -5.64 -39.67 23.30
CA VAL B 20 -5.84 -41.02 23.85
C VAL B 20 -6.28 -40.91 25.32
N SER B 21 -5.77 -39.89 26.01
CA SER B 21 -6.02 -39.65 27.44
C SER B 21 -7.53 -39.47 27.73
N LYS B 22 -8.19 -38.60 26.94
CA LYS B 22 -9.60 -38.24 27.13
C LYS B 22 -10.52 -39.14 26.28
N ASN B 23 -9.96 -40.11 25.57
CA ASN B 23 -10.74 -41.03 24.71
C ASN B 23 -11.46 -40.28 23.59
N HIS B 24 -10.76 -39.32 22.97
CA HIS B 24 -11.37 -38.43 21.96
C HIS B 24 -10.77 -38.70 20.58
N VAL B 25 -11.67 -38.85 19.60
CA VAL B 25 -11.33 -38.94 18.19
C VAL B 25 -11.94 -37.70 17.50
N ILE B 26 -11.08 -36.74 17.17
CA ILE B 26 -11.46 -35.43 16.67
C ILE B 26 -11.36 -35.42 15.15
N VAL B 27 -12.50 -35.21 14.49
CA VAL B 27 -12.57 -35.08 13.06
C VAL B 27 -13.03 -33.65 12.73
N ASP B 28 -12.11 -32.88 12.14
CA ASP B 28 -12.33 -31.48 11.77
C ASP B 28 -12.43 -31.32 10.24
N CYS B 29 -13.64 -31.10 9.76
CA CYS B 29 -13.94 -30.91 8.34
C CYS B 29 -14.26 -29.44 8.05
N THR B 30 -13.68 -28.51 8.82
CA THR B 30 -14.01 -27.09 8.68
C THR B 30 -13.63 -26.64 7.26
N ASP B 31 -14.58 -26.05 6.52
CA ASP B 31 -14.29 -25.31 5.30
C ASP B 31 -13.60 -26.21 4.28
N LYS B 32 -14.30 -27.26 3.83
CA LYS B 32 -13.75 -28.23 2.90
C LYS B 32 -14.63 -28.34 1.66
N HIS B 33 -15.46 -27.33 1.42
CA HIS B 33 -16.32 -27.26 0.25
C HIS B 33 -17.08 -28.57 0.06
N LEU B 34 -17.53 -29.15 1.18
CA LEU B 34 -18.34 -30.36 1.16
C LEU B 34 -19.79 -30.01 0.85
N THR B 35 -20.44 -30.82 0.02
CA THR B 35 -21.90 -30.77 -0.19
C THR B 35 -22.58 -32.02 0.39
N GLU B 36 -21.79 -32.91 0.98
CA GLU B 36 -22.28 -34.14 1.62
C GLU B 36 -21.37 -34.44 2.82
N ILE B 37 -21.93 -35.06 3.86
CA ILE B 37 -21.09 -35.60 4.90
C ILE B 37 -20.23 -36.67 4.25
N PRO B 38 -18.89 -36.63 4.41
CA PRO B 38 -18.02 -37.60 3.75
C PRO B 38 -18.19 -39.00 4.38
N GLY B 39 -18.03 -40.03 3.53
CA GLY B 39 -17.99 -41.41 4.00
C GLY B 39 -16.66 -41.70 4.67
N GLY B 40 -16.65 -42.75 5.50
CA GLY B 40 -15.40 -43.25 6.10
C GLY B 40 -14.99 -42.50 7.34
N ILE B 41 -15.90 -41.70 7.93
CA ILE B 41 -15.62 -41.03 9.19
C ILE B 41 -15.39 -42.12 10.25
N PRO B 42 -14.29 -42.09 11.02
CA PRO B 42 -14.01 -43.15 11.99
C PRO B 42 -15.21 -43.41 12.90
N THR B 43 -15.47 -44.70 13.16
CA THR B 43 -16.60 -45.16 13.99
C THR B 43 -16.43 -44.64 15.42
N ASN B 44 -15.18 -44.49 15.88
CA ASN B 44 -14.86 -44.02 17.24
C ASN B 44 -14.93 -42.47 17.35
N THR B 45 -15.40 -41.77 16.31
CA THR B 45 -15.41 -40.28 16.31
C THR B 45 -16.26 -39.74 17.47
N THR B 46 -15.64 -38.92 18.33
CA THR B 46 -16.29 -38.28 19.45
C THR B 46 -16.67 -36.84 19.10
N ASN B 47 -15.74 -36.09 18.47
CA ASN B 47 -15.94 -34.65 18.10
C ASN B 47 -15.86 -34.48 16.58
N LEU B 48 -17.00 -34.14 15.98
CA LEU B 48 -17.12 -34.01 14.55
C LEU B 48 -17.52 -32.57 14.22
N THR B 49 -16.69 -31.88 13.46
CA THR B 49 -16.93 -30.47 13.12
C THR B 49 -17.07 -30.31 11.61
N LEU B 50 -18.21 -29.78 11.18
CA LEU B 50 -18.55 -29.64 9.77
C LEU B 50 -18.89 -28.19 9.41
N THR B 51 -18.42 -27.25 10.23
CA THR B 51 -18.68 -25.80 10.07
C THR B 51 -18.20 -25.33 8.68
N ILE B 52 -18.98 -24.44 8.06
CA ILE B 52 -18.64 -23.77 6.79
C ILE B 52 -18.47 -24.84 5.71
N ASN B 53 -19.58 -25.45 5.35
CA ASN B 53 -19.72 -26.36 4.23
C ASN B 53 -21.11 -26.04 3.65
N HIS B 54 -21.56 -26.84 2.67
CA HIS B 54 -22.84 -26.59 2.02
C HIS B 54 -23.65 -27.88 2.02
N ILE B 55 -23.69 -28.55 3.18
CA ILE B 55 -24.39 -29.81 3.30
C ILE B 55 -25.86 -29.48 3.51
N PRO B 56 -26.77 -29.83 2.58
CA PRO B 56 -28.10 -29.24 2.59
C PRO B 56 -29.09 -29.96 3.53
N ASP B 57 -28.69 -31.09 4.11
CA ASP B 57 -29.60 -31.90 4.94
C ASP B 57 -28.84 -32.77 5.94
N ILE B 58 -29.53 -33.01 7.06
CA ILE B 58 -29.18 -34.03 8.04
C ILE B 58 -30.32 -35.06 8.11
N SER B 59 -29.94 -36.34 8.28
CA SER B 59 -30.82 -37.50 8.23
C SER B 59 -30.31 -38.57 9.18
N PRO B 60 -31.14 -39.59 9.53
CA PRO B 60 -30.68 -40.76 10.28
C PRO B 60 -29.35 -41.35 9.78
N ALA B 61 -29.18 -41.37 8.45
CA ALA B 61 -27.95 -41.86 7.78
C ALA B 61 -26.72 -40.98 8.09
N SER B 62 -26.93 -39.71 8.46
CA SER B 62 -25.85 -38.74 8.66
C SER B 62 -24.83 -39.27 9.67
N PHE B 63 -25.31 -39.72 10.83
CA PHE B 63 -24.44 -40.07 11.96
C PHE B 63 -24.61 -41.55 12.40
N HIS B 64 -25.29 -42.36 11.58
CA HIS B 64 -25.70 -43.77 11.89
C HIS B 64 -24.60 -44.51 12.68
N ARG B 65 -23.38 -44.59 12.12
CA ARG B 65 -22.31 -45.41 12.67
C ARG B 65 -21.68 -44.73 13.89
N LEU B 66 -21.90 -43.42 14.04
CA LEU B 66 -21.08 -42.57 14.91
C LEU B 66 -21.75 -42.45 16.28
N VAL B 67 -21.99 -43.60 16.91
CA VAL B 67 -22.84 -43.69 18.11
C VAL B 67 -22.11 -43.07 19.33
N HIS B 68 -20.79 -42.83 19.21
CA HIS B 68 -19.98 -42.33 20.32
C HIS B 68 -19.80 -40.79 20.28
N LEU B 69 -20.54 -40.09 19.41
CA LEU B 69 -20.41 -38.63 19.29
C LEU B 69 -20.80 -37.98 20.61
N VAL B 70 -19.90 -37.14 21.12
CA VAL B 70 -20.18 -36.24 22.23
C VAL B 70 -20.45 -34.82 21.72
N GLU B 71 -19.80 -34.41 20.62
CA GLU B 71 -19.97 -33.05 20.07
C GLU B 71 -20.16 -33.10 18.55
N ILE B 72 -21.26 -32.52 18.08
CA ILE B 72 -21.43 -32.19 16.67
C ILE B 72 -21.44 -30.67 16.53
N ASP B 73 -20.49 -30.14 15.74
CA ASP B 73 -20.46 -28.73 15.40
C ASP B 73 -20.84 -28.59 13.93
N PHE B 74 -22.09 -28.24 13.66
CA PHE B 74 -22.63 -28.19 12.29
C PHE B 74 -23.07 -26.76 11.97
N ARG B 75 -22.19 -25.78 12.23
CA ARG B 75 -22.50 -24.35 12.07
C ARG B 75 -22.32 -23.91 10.62
N CYS B 76 -23.12 -22.92 10.20
CA CYS B 76 -22.86 -22.13 9.02
C CYS B 76 -22.76 -23.03 7.76
N ASN B 77 -23.76 -23.90 7.60
CA ASN B 77 -23.95 -24.61 6.38
C ASN B 77 -25.09 -23.96 5.58
N CYS B 78 -25.79 -22.99 6.17
CA CYS B 78 -26.76 -22.17 5.47
C CYS B 78 -26.94 -20.84 6.21
N VAL B 79 -25.92 -19.98 6.12
CA VAL B 79 -25.90 -18.70 6.78
C VAL B 79 -27.03 -17.82 6.25
N PRO B 80 -27.73 -17.07 7.12
CA PRO B 80 -28.69 -16.07 6.64
C PRO B 80 -28.05 -15.12 5.61
N ILE B 81 -28.82 -14.82 4.57
CA ILE B 81 -28.45 -14.10 3.38
C ILE B 81 -27.46 -12.97 3.69
N ARG B 82 -27.79 -12.08 4.65
CA ARG B 82 -27.05 -10.82 4.83
C ARG B 82 -25.82 -11.07 5.69
N LEU B 83 -25.81 -12.18 6.43
CA LEU B 83 -24.66 -12.59 7.24
C LEU B 83 -23.63 -13.34 6.38
N GLY B 84 -24.07 -13.97 5.29
CA GLY B 84 -23.25 -14.91 4.51
C GLY B 84 -22.66 -14.29 3.25
N SER B 85 -21.91 -15.11 2.50
CA SER B 85 -21.29 -14.72 1.24
C SER B 85 -22.37 -14.31 0.24
N LYS B 86 -22.19 -13.18 -0.44
CA LYS B 86 -23.06 -12.80 -1.56
C LYS B 86 -22.65 -13.51 -2.85
N SER B 87 -21.47 -14.14 -2.88
CA SER B 87 -21.00 -14.90 -4.07
C SER B 87 -21.46 -16.37 -4.02
N ASN B 88 -21.79 -16.89 -2.82
CA ASN B 88 -22.32 -18.25 -2.64
C ASN B 88 -23.45 -18.22 -1.59
N MET B 89 -24.57 -17.62 -1.98
CA MET B 89 -25.74 -17.52 -1.13
C MET B 89 -26.33 -18.93 -0.98
N CYS B 90 -26.82 -19.26 0.22
CA CYS B 90 -27.43 -20.57 0.45
C CYS B 90 -28.85 -20.55 -0.12
N PRO B 91 -29.21 -21.47 -1.03
CA PRO B 91 -30.50 -21.42 -1.71
C PRO B 91 -31.71 -21.83 -0.84
N ARG B 92 -31.54 -22.85 0.02
CA ARG B 92 -32.63 -23.38 0.86
C ARG B 92 -32.09 -23.71 2.25
N ARG B 93 -32.89 -23.41 3.27
CA ARG B 93 -32.50 -23.65 4.67
C ARG B 93 -32.11 -25.13 4.83
N LEU B 94 -31.22 -25.41 5.77
CA LEU B 94 -30.89 -26.76 6.18
C LEU B 94 -32.16 -27.53 6.56
N GLN B 95 -32.23 -28.79 6.09
CA GLN B 95 -33.36 -29.70 6.35
C GLN B 95 -32.86 -30.76 7.33
N ILE B 96 -33.50 -30.86 8.50
CA ILE B 96 -33.13 -31.86 9.49
C ILE B 96 -34.29 -32.86 9.60
N LYS B 97 -34.05 -34.11 9.17
CA LYS B 97 -35.09 -35.14 9.15
C LYS B 97 -35.29 -35.67 10.58
N PRO B 98 -36.47 -36.24 10.90
CA PRO B 98 -36.70 -36.83 12.22
C PRO B 98 -35.71 -37.97 12.48
N ARG B 99 -35.33 -38.10 13.77
CA ARG B 99 -34.53 -39.20 14.32
C ARG B 99 -33.03 -39.00 14.03
N SER B 100 -32.64 -37.83 13.50
CA SER B 100 -31.24 -37.61 13.10
C SER B 100 -30.33 -37.64 14.32
N PHE B 101 -30.84 -37.21 15.49
CA PHE B 101 -30.00 -37.12 16.70
C PHE B 101 -30.41 -38.10 17.80
N SER B 102 -31.59 -38.73 17.70
CA SER B 102 -32.16 -39.48 18.86
C SER B 102 -31.34 -40.75 19.15
N GLY B 103 -30.60 -41.24 18.16
CA GLY B 103 -29.69 -42.37 18.33
C GLY B 103 -28.37 -42.02 19.01
N LEU B 104 -28.07 -40.72 19.22
CA LEU B 104 -26.74 -40.33 19.71
C LEU B 104 -26.80 -40.18 21.23
N THR B 105 -26.73 -41.33 21.88
CA THR B 105 -26.96 -41.48 23.30
C THR B 105 -25.96 -40.68 24.14
N TYR B 106 -24.78 -40.36 23.58
CA TYR B 106 -23.72 -39.75 24.37
C TYR B 106 -23.53 -38.25 24.02
N LEU B 107 -24.41 -37.69 23.19
CA LEU B 107 -24.24 -36.34 22.64
C LEU B 107 -24.46 -35.28 23.72
N LYS B 108 -23.42 -34.50 24.02
CA LYS B 108 -23.41 -33.45 25.01
C LYS B 108 -23.60 -32.04 24.40
N SER B 109 -22.98 -31.78 23.25
CA SER B 109 -22.93 -30.42 22.66
C SER B 109 -23.38 -30.49 21.19
N LEU B 110 -24.37 -29.68 20.83
CA LEU B 110 -24.80 -29.57 19.46
C LEU B 110 -24.85 -28.08 19.09
N TYR B 111 -24.08 -27.71 18.06
CA TYR B 111 -24.10 -26.37 17.47
C TYR B 111 -24.77 -26.43 16.09
N LEU B 112 -25.91 -25.74 15.94
CA LEU B 112 -26.58 -25.66 14.67
C LEU B 112 -26.80 -24.20 14.26
N ASP B 113 -25.87 -23.33 14.71
CA ASP B 113 -25.92 -21.91 14.39
C ASP B 113 -25.84 -21.71 12.87
N GLY B 114 -26.51 -20.69 12.38
CA GLY B 114 -26.22 -20.18 11.06
C GLY B 114 -26.68 -21.11 9.96
N ASN B 115 -27.91 -21.62 10.05
CA ASN B 115 -28.42 -22.63 9.14
C ASN B 115 -29.82 -22.29 8.64
N GLN B 116 -30.32 -21.07 8.96
CA GLN B 116 -31.66 -20.58 8.56
C GLN B 116 -32.79 -21.47 9.12
N LEU B 117 -32.58 -22.11 10.28
CA LEU B 117 -33.60 -22.95 10.93
C LEU B 117 -34.78 -22.08 11.43
N LEU B 118 -35.99 -22.63 11.28
CA LEU B 118 -37.27 -21.96 11.61
C LEU B 118 -37.78 -22.37 12.99
N GLU B 119 -37.34 -23.52 13.50
CA GLU B 119 -37.84 -24.09 14.75
C GLU B 119 -36.69 -24.73 15.52
N ILE B 120 -36.89 -24.87 16.83
CA ILE B 120 -35.98 -25.61 17.65
C ILE B 120 -36.07 -27.08 17.23
N PRO B 121 -34.96 -27.72 16.81
CA PRO B 121 -34.98 -29.10 16.35
C PRO B 121 -35.40 -30.04 17.49
N GLN B 122 -36.29 -30.98 17.17
CA GLN B 122 -36.85 -31.91 18.13
C GLN B 122 -36.09 -33.23 18.02
N GLY B 123 -36.35 -34.13 18.97
CA GLY B 123 -35.78 -35.46 18.95
C GLY B 123 -34.35 -35.46 19.44
N LEU B 124 -33.99 -34.48 20.27
CA LEU B 124 -32.64 -34.38 20.76
C LEU B 124 -32.49 -35.32 21.96
N PRO B 125 -31.32 -35.99 22.10
CA PRO B 125 -31.11 -36.92 23.19
C PRO B 125 -31.09 -36.27 24.57
N PRO B 126 -31.46 -37.00 25.63
CA PRO B 126 -31.49 -36.45 26.99
C PRO B 126 -30.08 -36.19 27.58
N SER B 127 -29.05 -36.63 26.87
CA SER B 127 -27.66 -36.37 27.27
C SER B 127 -27.26 -34.91 27.03
N LEU B 128 -28.02 -34.16 26.20
CA LEU B 128 -27.54 -32.86 25.67
C LEU B 128 -27.41 -31.82 26.80
N GLN B 129 -26.19 -31.32 27.01
CA GLN B 129 -25.88 -30.22 27.94
C GLN B 129 -25.83 -28.85 27.24
N LEU B 130 -25.46 -28.81 25.95
CA LEU B 130 -25.25 -27.50 25.24
C LEU B 130 -25.90 -27.54 23.86
N LEU B 131 -26.80 -26.58 23.61
CA LEU B 131 -27.45 -26.39 22.33
C LEU B 131 -27.26 -24.94 21.90
N SER B 132 -26.92 -24.74 20.62
CA SER B 132 -26.57 -23.42 20.08
C SER B 132 -27.30 -23.21 18.76
N LEU B 133 -28.16 -22.20 18.72
CA LEU B 133 -28.94 -21.94 17.55
C LEU B 133 -28.89 -20.46 17.18
N GLU B 134 -27.73 -19.82 17.37
CA GLU B 134 -27.52 -18.41 16.94
C GLU B 134 -27.70 -18.29 15.42
N ALA B 135 -28.12 -17.11 14.96
CA ALA B 135 -28.09 -16.77 13.52
C ALA B 135 -28.93 -17.77 12.74
N ASN B 136 -30.06 -18.15 13.36
CA ASN B 136 -31.12 -18.87 12.69
C ASN B 136 -32.30 -17.90 12.55
N ASN B 137 -33.51 -18.44 12.34
CA ASN B 137 -34.74 -17.68 12.15
C ASN B 137 -35.81 -18.19 13.13
N ILE B 138 -35.41 -18.39 14.39
CA ILE B 138 -36.25 -18.90 15.46
C ILE B 138 -36.57 -17.72 16.37
N PHE B 139 -37.82 -17.24 16.32
CA PHE B 139 -38.20 -16.03 17.00
C PHE B 139 -39.53 -16.19 17.76
N SER B 140 -39.91 -17.45 18.06
CA SER B 140 -40.99 -17.76 19.00
C SER B 140 -40.60 -18.99 19.81
N ILE B 141 -40.42 -18.80 21.13
CA ILE B 141 -40.06 -19.87 22.05
C ILE B 141 -41.33 -20.34 22.79
N ARG B 142 -41.66 -21.64 22.59
CA ARG B 142 -42.79 -22.31 23.19
C ARG B 142 -42.28 -23.35 24.17
N LYS B 143 -42.91 -23.39 25.36
CA LYS B 143 -42.60 -24.32 26.45
C LYS B 143 -42.55 -25.76 25.91
N GLU B 144 -43.46 -26.07 24.97
CA GLU B 144 -43.63 -27.42 24.43
C GLU B 144 -42.38 -27.88 23.65
N GLN B 145 -41.65 -26.92 23.04
CA GLN B 145 -40.50 -27.21 22.18
C GLN B 145 -39.24 -27.37 23.03
N LEU B 146 -39.34 -27.03 24.33
CA LEU B 146 -38.21 -27.09 25.24
C LEU B 146 -38.26 -28.30 26.18
N THR B 147 -39.33 -29.12 26.14
CA THR B 147 -39.45 -30.20 27.15
C THR B 147 -38.33 -31.21 26.90
N GLU B 148 -37.96 -31.41 25.62
CA GLU B 148 -36.86 -32.32 25.21
C GLU B 148 -35.51 -31.91 25.82
N LEU B 149 -35.37 -30.68 26.33
CA LEU B 149 -34.08 -30.17 26.84
C LEU B 149 -33.98 -30.26 28.37
N ALA B 150 -34.56 -31.31 28.97
CA ALA B 150 -34.62 -31.49 30.43
C ALA B 150 -33.25 -31.23 31.08
N ASN B 151 -32.19 -31.75 30.47
CA ASN B 151 -30.87 -31.75 31.09
C ASN B 151 -29.99 -30.58 30.59
N ILE B 152 -30.58 -29.63 29.87
CA ILE B 152 -29.78 -28.61 29.18
C ILE B 152 -29.18 -27.65 30.22
N GLU B 153 -27.89 -27.31 30.05
CA GLU B 153 -27.20 -26.37 30.94
C GLU B 153 -26.82 -25.06 30.21
N ILE B 154 -26.65 -25.11 28.89
CA ILE B 154 -26.21 -23.96 28.12
C ILE B 154 -27.06 -23.90 26.85
N LEU B 155 -27.73 -22.76 26.67
CA LEU B 155 -28.65 -22.56 25.56
C LEU B 155 -28.39 -21.17 24.95
N TYR B 156 -27.93 -21.16 23.69
CA TYR B 156 -27.67 -19.93 22.92
C TYR B 156 -28.77 -19.78 21.87
N LEU B 157 -29.50 -18.66 21.90
CA LEU B 157 -30.64 -18.47 21.00
C LEU B 157 -30.57 -17.12 20.27
N GLY B 158 -29.47 -16.36 20.45
CA GLY B 158 -29.34 -14.96 20.02
C GLY B 158 -29.19 -14.83 18.51
N GLN B 159 -29.23 -13.59 18.01
CA GLN B 159 -28.92 -13.21 16.61
C GLN B 159 -29.92 -13.88 15.68
N ASN B 160 -31.14 -14.13 16.18
CA ASN B 160 -32.21 -14.70 15.40
C ASN B 160 -33.20 -13.63 14.92
N CYS B 161 -33.14 -12.40 15.46
CA CYS B 161 -33.99 -11.30 14.98
C CYS B 161 -33.35 -9.94 15.30
N TYR B 162 -32.50 -9.48 14.38
CA TYR B 162 -31.85 -8.17 14.46
C TYR B 162 -31.61 -7.66 13.04
N TYR B 163 -31.03 -6.45 12.91
CA TYR B 163 -30.98 -5.74 11.63
C TYR B 163 -30.22 -6.53 10.56
N ARG B 164 -29.25 -7.37 10.94
CA ARG B 164 -28.51 -8.18 9.95
C ARG B 164 -29.27 -9.47 9.59
N ASN B 165 -30.30 -9.82 10.37
CA ASN B 165 -31.00 -11.10 10.25
C ASN B 165 -32.44 -10.88 10.74
N PRO B 166 -33.21 -10.04 10.03
CA PRO B 166 -34.48 -9.55 10.55
C PRO B 166 -35.58 -10.61 10.60
N CYS B 167 -36.48 -10.53 11.59
CA CYS B 167 -37.67 -11.36 11.64
C CYS B 167 -38.96 -10.54 11.50
N TYR B 168 -38.88 -9.21 11.58
CA TYR B 168 -39.99 -8.29 11.25
C TYR B 168 -41.16 -8.37 12.26
N VAL B 169 -40.96 -9.01 13.41
CA VAL B 169 -41.89 -8.97 14.55
C VAL B 169 -41.08 -8.91 15.85
N SER B 170 -41.77 -8.63 16.96
CA SER B 170 -41.25 -8.85 18.29
C SER B 170 -40.96 -10.34 18.49
N TYR B 171 -39.89 -10.66 19.22
CA TYR B 171 -39.61 -11.99 19.74
C TYR B 171 -40.72 -12.35 20.73
N SER B 172 -41.12 -13.63 20.77
CA SER B 172 -42.16 -14.15 21.68
C SER B 172 -41.58 -15.30 22.52
N ILE B 173 -41.75 -15.20 23.84
CA ILE B 173 -41.41 -16.25 24.76
C ILE B 173 -42.61 -16.51 25.67
N GLU B 174 -43.15 -17.74 25.59
CA GLU B 174 -44.24 -18.12 26.45
C GLU B 174 -43.80 -18.04 27.91
N LYS B 175 -44.77 -17.67 28.75
CA LYS B 175 -44.67 -17.65 30.19
C LYS B 175 -44.03 -18.96 30.67
N ASP B 176 -43.03 -18.84 31.56
CA ASP B 176 -42.46 -20.00 32.27
C ASP B 176 -41.80 -20.98 31.28
N ALA B 177 -41.57 -20.56 30.03
CA ALA B 177 -40.97 -21.43 28.98
C ALA B 177 -39.70 -22.12 29.49
N PHE B 178 -38.90 -21.41 30.29
CA PHE B 178 -37.59 -21.93 30.70
C PHE B 178 -37.63 -22.49 32.12
N LEU B 179 -38.76 -22.34 32.83
CA LEU B 179 -38.80 -22.58 34.29
C LEU B 179 -38.40 -24.03 34.62
N ASN B 180 -38.95 -24.98 33.85
CA ASN B 180 -38.78 -26.42 34.11
C ASN B 180 -37.48 -26.96 33.50
N LEU B 181 -36.60 -26.09 32.96
CA LEU B 181 -35.25 -26.50 32.59
C LEU B 181 -34.37 -26.39 33.84
N THR B 182 -34.47 -27.42 34.70
CA THR B 182 -34.06 -27.33 36.10
C THR B 182 -32.54 -27.26 36.27
N LYS B 183 -31.76 -27.46 35.19
CA LYS B 183 -30.28 -27.40 35.27
C LYS B 183 -29.68 -26.32 34.35
N LEU B 184 -30.52 -25.47 33.75
CA LEU B 184 -30.05 -24.40 32.85
C LEU B 184 -29.19 -23.38 33.61
N LYS B 185 -27.92 -23.23 33.20
CA LYS B 185 -26.97 -22.27 33.82
C LYS B 185 -26.82 -21.00 32.99
N VAL B 186 -26.78 -21.14 31.65
CA VAL B 186 -26.42 -20.03 30.76
C VAL B 186 -27.51 -19.89 29.72
N LEU B 187 -28.15 -18.71 29.70
CA LEU B 187 -29.17 -18.40 28.71
C LEU B 187 -28.77 -17.10 28.01
N SER B 188 -28.74 -17.14 26.68
CA SER B 188 -28.41 -16.00 25.88
C SER B 188 -29.52 -15.70 24.89
N LEU B 189 -30.14 -14.54 25.04
CA LEU B 189 -31.22 -14.11 24.14
C LEU B 189 -30.88 -12.76 23.53
N LYS B 190 -29.58 -12.52 23.33
CA LYS B 190 -29.10 -11.25 22.79
C LYS B 190 -29.57 -11.05 21.34
N ASP B 191 -29.56 -9.81 20.89
CA ASP B 191 -29.70 -9.48 19.48
C ASP B 191 -30.95 -10.15 18.89
N ASN B 192 -32.10 -10.00 19.57
CA ASN B 192 -33.27 -10.83 19.28
C ASN B 192 -34.60 -10.07 19.26
N ASN B 193 -34.60 -8.74 19.45
CA ASN B 193 -35.87 -7.99 19.39
C ASN B 193 -36.83 -8.42 20.52
N VAL B 194 -36.29 -8.80 21.69
CA VAL B 194 -37.08 -9.17 22.86
C VAL B 194 -37.67 -7.90 23.50
N THR B 195 -38.91 -8.00 23.97
CA THR B 195 -39.63 -6.81 24.51
C THR B 195 -39.69 -6.86 26.04
N THR B 196 -39.68 -8.05 26.65
CA THR B 196 -39.69 -8.15 28.12
C THR B 196 -38.79 -9.27 28.60
N VAL B 197 -38.27 -9.09 29.82
CA VAL B 197 -37.55 -10.14 30.48
C VAL B 197 -38.49 -11.34 30.59
N PRO B 198 -38.17 -12.52 30.02
CA PRO B 198 -39.05 -13.68 30.13
C PRO B 198 -39.01 -14.16 31.59
N THR B 199 -40.17 -14.57 32.12
CA THR B 199 -40.29 -15.07 33.50
C THR B 199 -41.23 -16.28 33.46
N VAL B 200 -41.10 -17.19 34.42
CA VAL B 200 -40.09 -17.18 35.47
C VAL B 200 -38.89 -17.95 34.94
N LEU B 201 -37.67 -17.43 35.19
CA LEU B 201 -36.43 -18.13 34.83
C LEU B 201 -36.11 -19.14 35.93
N PRO B 202 -35.38 -20.24 35.63
CA PRO B 202 -34.96 -21.17 36.66
C PRO B 202 -33.88 -20.53 37.53
N SER B 203 -33.86 -20.91 38.81
CA SER B 203 -33.04 -20.26 39.85
C SER B 203 -31.57 -20.72 39.75
N THR B 204 -31.31 -21.69 38.86
CA THR B 204 -29.98 -22.24 38.60
C THR B 204 -29.14 -21.36 37.66
N LEU B 205 -29.73 -20.37 36.98
CA LEU B 205 -28.99 -19.49 36.03
C LEU B 205 -27.76 -18.89 36.71
N THR B 206 -26.60 -19.02 36.06
CA THR B 206 -25.39 -18.32 36.43
C THR B 206 -25.14 -17.11 35.50
N GLU B 207 -25.70 -17.17 34.29
CA GLU B 207 -25.38 -16.16 33.28
C GLU B 207 -26.63 -15.93 32.42
N LEU B 208 -27.03 -14.66 32.30
CA LEU B 208 -28.19 -14.28 31.54
C LEU B 208 -27.78 -13.11 30.64
N TYR B 209 -27.97 -13.28 29.32
CA TYR B 209 -27.59 -12.28 28.30
C TYR B 209 -28.86 -11.80 27.60
N LEU B 210 -29.19 -10.51 27.78
CA LEU B 210 -30.44 -9.95 27.25
C LEU B 210 -30.17 -8.68 26.44
N TYR B 211 -28.92 -8.52 25.98
CA TYR B 211 -28.48 -7.27 25.43
C TYR B 211 -28.91 -7.16 23.96
N ASN B 212 -28.89 -5.92 23.46
CA ASN B 212 -29.31 -5.52 22.12
C ASN B 212 -30.71 -6.05 21.83
N ASN B 213 -31.68 -5.59 22.62
CA ASN B 213 -33.07 -5.99 22.47
C ASN B 213 -33.95 -4.74 22.50
N MET B 214 -35.26 -4.93 22.70
CA MET B 214 -36.23 -3.83 22.80
C MET B 214 -36.92 -3.89 24.18
N ILE B 215 -36.13 -4.12 25.22
CA ILE B 215 -36.67 -4.12 26.57
C ILE B 215 -36.67 -2.66 27.07
N ALA B 216 -37.87 -2.13 27.40
CA ALA B 216 -38.00 -0.74 27.85
C ALA B 216 -38.01 -0.65 29.38
N GLU B 217 -38.45 -1.74 30.04
CA GLU B 217 -38.71 -1.73 31.48
C GLU B 217 -38.32 -3.06 32.10
N ILE B 218 -37.64 -2.99 33.25
CA ILE B 218 -37.42 -4.11 34.13
C ILE B 218 -38.50 -4.04 35.21
N GLN B 219 -39.28 -5.12 35.38
CA GLN B 219 -40.20 -5.22 36.51
C GLN B 219 -39.41 -5.55 37.77
N GLU B 220 -39.96 -5.14 38.92
CA GLU B 220 -39.29 -5.24 40.23
C GLU B 220 -38.97 -6.71 40.56
N ASP B 221 -39.68 -7.64 39.94
CA ASP B 221 -39.59 -9.06 40.29
C ASP B 221 -38.96 -9.91 39.16
N ASP B 222 -38.59 -9.27 38.03
CA ASP B 222 -38.04 -9.98 36.84
C ASP B 222 -36.86 -10.93 37.19
N PHE B 223 -36.05 -10.58 38.21
CA PHE B 223 -34.86 -11.32 38.62
C PHE B 223 -34.95 -11.81 40.08
N ASN B 224 -36.19 -11.96 40.58
CA ASN B 224 -36.56 -12.33 41.98
C ASN B 224 -35.81 -13.54 42.54
N ASN B 225 -35.72 -14.61 41.75
CA ASN B 225 -35.32 -15.93 42.28
C ASN B 225 -33.87 -16.26 41.92
N LEU B 226 -33.19 -15.36 41.19
CA LEU B 226 -31.91 -15.69 40.54
C LEU B 226 -30.75 -15.50 41.51
N ASN B 227 -30.77 -16.29 42.59
CA ASN B 227 -29.81 -16.13 43.69
C ASN B 227 -28.47 -16.77 43.31
N GLN B 228 -28.38 -17.41 42.13
CA GLN B 228 -27.09 -17.97 41.68
C GLN B 228 -26.49 -17.17 40.50
N LEU B 229 -27.20 -16.14 40.03
CA LEU B 229 -26.76 -15.38 38.85
C LEU B 229 -25.43 -14.68 39.15
N GLN B 230 -24.46 -14.84 38.23
CA GLN B 230 -23.12 -14.27 38.33
C GLN B 230 -22.91 -13.16 37.29
N ILE B 231 -23.53 -13.31 36.12
CA ILE B 231 -23.39 -12.36 35.03
C ILE B 231 -24.78 -12.00 34.49
N LEU B 232 -25.04 -10.69 34.44
CA LEU B 232 -26.25 -10.16 33.86
C LEU B 232 -25.85 -9.05 32.89
N ASP B 233 -26.34 -9.14 31.64
CA ASP B 233 -26.07 -8.14 30.61
C ASP B 233 -27.40 -7.69 30.03
N LEU B 234 -27.75 -6.43 30.27
CA LEU B 234 -29.01 -5.81 29.81
C LEU B 234 -28.70 -4.67 28.84
N SER B 235 -27.42 -4.58 28.39
CA SER B 235 -26.89 -3.49 27.52
C SER B 235 -27.70 -3.38 26.23
N GLY B 236 -27.74 -2.18 25.62
CA GLY B 236 -28.33 -2.02 24.31
C GLY B 236 -29.85 -2.15 24.33
N ASN B 237 -30.46 -1.82 25.48
CA ASN B 237 -31.91 -1.63 25.62
C ASN B 237 -32.14 -0.17 25.97
N CYS B 238 -32.80 0.58 25.08
CA CYS B 238 -32.79 2.06 25.08
C CYS B 238 -31.35 2.52 24.81
N PRO B 239 -30.83 2.21 23.61
CA PRO B 239 -29.46 2.58 23.25
C PRO B 239 -29.22 4.09 23.10
N ARG B 240 -28.00 4.51 23.44
CA ARG B 240 -27.43 5.76 23.05
C ARG B 240 -26.91 5.60 21.62
N CYS B 241 -27.49 6.33 20.67
CA CYS B 241 -27.35 6.07 19.27
C CYS B 241 -26.42 7.06 18.59
N TYR B 242 -25.89 8.04 19.33
CA TYR B 242 -25.03 9.01 18.72
C TYR B 242 -23.80 8.32 18.08
N ASN B 243 -23.60 8.53 16.78
CA ASN B 243 -22.45 8.05 15.99
C ASN B 243 -22.40 6.51 16.01
N ALA B 244 -23.55 5.86 16.21
CA ALA B 244 -23.59 4.44 16.16
C ALA B 244 -23.32 4.00 14.72
N PRO B 245 -22.50 2.96 14.51
CA PRO B 245 -22.20 2.45 13.16
C PRO B 245 -23.15 1.34 12.70
N PHE B 246 -24.33 1.23 13.35
CA PHE B 246 -25.37 0.29 12.98
C PHE B 246 -26.71 1.01 13.11
N PRO B 247 -27.79 0.54 12.43
CA PRO B 247 -29.12 1.11 12.61
C PRO B 247 -29.54 1.03 14.08
N CYS B 248 -29.88 2.17 14.65
CA CYS B 248 -30.03 2.36 16.09
C CYS B 248 -31.33 3.12 16.34
N THR B 249 -32.26 2.49 17.07
CA THR B 249 -33.52 3.14 17.42
C THR B 249 -33.56 3.34 18.95
N PRO B 250 -33.58 4.61 19.40
CA PRO B 250 -33.60 4.91 20.83
C PRO B 250 -35.02 4.66 21.37
N CYS B 251 -35.12 4.52 22.70
CA CYS B 251 -36.41 4.52 23.35
C CYS B 251 -37.07 5.89 23.14
N LYS B 252 -38.40 5.89 23.00
CA LYS B 252 -39.15 7.15 22.83
C LYS B 252 -38.87 8.05 24.04
N ASN B 253 -39.14 9.35 23.88
CA ASN B 253 -39.17 10.30 25.02
C ASN B 253 -37.75 10.42 25.62
N ASN B 254 -36.71 10.13 24.82
CA ASN B 254 -35.31 10.07 25.29
C ASN B 254 -35.21 9.27 26.61
N SER B 255 -35.98 8.19 26.72
CA SER B 255 -36.13 7.51 27.97
C SER B 255 -34.94 6.60 28.20
N PRO B 256 -34.51 6.35 29.46
CA PRO B 256 -33.56 5.28 29.75
C PRO B 256 -34.29 3.93 29.85
N LEU B 257 -33.54 2.83 29.84
CA LEU B 257 -34.06 1.57 30.34
C LEU B 257 -34.49 1.84 31.78
N GLN B 258 -35.74 1.52 32.14
CA GLN B 258 -36.26 1.85 33.50
C GLN B 258 -36.02 0.64 34.41
N ILE B 259 -35.14 0.77 35.40
CA ILE B 259 -34.79 -0.32 36.31
C ILE B 259 -35.19 0.09 37.74
N PRO B 260 -36.22 -0.51 38.35
CA PRO B 260 -36.61 -0.16 39.72
C PRO B 260 -35.45 -0.36 40.68
N VAL B 261 -35.48 0.41 41.77
CA VAL B 261 -34.35 0.54 42.66
C VAL B 261 -34.08 -0.79 43.36
N ASN B 262 -35.08 -1.69 43.41
CA ASN B 262 -34.92 -2.96 44.15
C ASN B 262 -34.79 -4.15 43.19
N ALA B 263 -34.59 -3.89 41.89
CA ALA B 263 -34.63 -4.98 40.87
C ALA B 263 -33.53 -6.04 41.07
N PHE B 264 -32.42 -5.67 41.71
CA PHE B 264 -31.23 -6.54 41.81
C PHE B 264 -31.12 -7.20 43.19
N ASP B 265 -32.07 -6.90 44.09
CA ASP B 265 -32.00 -7.29 45.52
C ASP B 265 -31.68 -8.77 45.71
N ALA B 266 -32.19 -9.64 44.83
CA ALA B 266 -31.96 -11.07 44.95
C ALA B 266 -30.58 -11.53 44.43
N LEU B 267 -29.84 -10.67 43.70
CA LEU B 267 -28.61 -11.09 42.96
C LEU B 267 -27.38 -11.01 43.87
N THR B 268 -27.38 -11.80 44.94
CA THR B 268 -26.33 -11.73 45.96
C THR B 268 -25.00 -12.25 45.40
N GLU B 269 -25.06 -13.10 44.35
CA GLU B 269 -23.84 -13.73 43.77
C GLU B 269 -23.30 -12.96 42.57
N LEU B 270 -23.99 -11.90 42.12
CA LEU B 270 -23.63 -11.19 40.87
C LEU B 270 -22.19 -10.67 40.94
N LYS B 271 -21.40 -11.04 39.93
CA LYS B 271 -20.04 -10.60 39.76
C LYS B 271 -19.93 -9.59 38.62
N VAL B 272 -20.73 -9.75 37.56
CA VAL B 272 -20.64 -8.88 36.40
C VAL B 272 -22.03 -8.30 36.10
N LEU B 273 -22.12 -6.97 36.03
CA LEU B 273 -23.31 -6.26 35.59
C LEU B 273 -22.95 -5.35 34.40
N ARG B 274 -23.61 -5.57 33.27
CA ARG B 274 -23.30 -4.81 32.08
C ARG B 274 -24.52 -3.98 31.71
N LEU B 275 -24.39 -2.65 31.82
CA LEU B 275 -25.43 -1.70 31.48
C LEU B 275 -24.87 -0.69 30.47
N HIS B 276 -24.38 -1.22 29.35
CA HIS B 276 -23.79 -0.41 28.25
C HIS B 276 -24.94 0.03 27.33
N SER B 277 -24.95 1.30 26.95
CA SER B 277 -25.89 1.81 25.98
C SER B 277 -27.33 1.55 26.45
N ASN B 278 -27.67 2.10 27.62
CA ASN B 278 -29.03 2.01 28.20
C ASN B 278 -29.64 3.41 28.43
N SER B 279 -28.95 4.44 27.93
CA SER B 279 -29.32 5.87 28.05
C SER B 279 -29.63 6.25 29.50
N LEU B 280 -28.89 5.68 30.45
CA LEU B 280 -29.03 5.99 31.86
C LEU B 280 -28.57 7.42 32.13
N GLN B 281 -29.33 8.13 32.98
CA GLN B 281 -29.01 9.50 33.39
C GLN B 281 -28.61 9.53 34.86
N HIS B 282 -28.98 8.47 35.60
CA HIS B 282 -28.76 8.36 37.01
C HIS B 282 -28.42 6.89 37.26
N VAL B 283 -27.62 6.66 38.29
CA VAL B 283 -27.27 5.34 38.77
C VAL B 283 -27.64 5.33 40.25
N PRO B 284 -28.91 5.01 40.59
CA PRO B 284 -29.36 4.94 41.98
C PRO B 284 -28.55 3.99 42.86
N PRO B 285 -27.93 4.47 43.97
CA PRO B 285 -27.16 3.62 44.87
C PRO B 285 -27.92 2.41 45.43
N ARG B 286 -29.23 2.57 45.56
CA ARG B 286 -30.11 1.57 46.08
C ARG B 286 -30.03 0.30 45.20
N TRP B 287 -29.62 0.43 43.92
CA TRP B 287 -29.44 -0.74 43.03
C TRP B 287 -28.55 -1.78 43.70
N PHE B 288 -27.48 -1.32 44.35
CA PHE B 288 -26.38 -2.19 44.78
C PHE B 288 -26.44 -2.48 46.28
N LYS B 289 -27.60 -2.31 46.92
CA LYS B 289 -27.75 -2.49 48.37
C LYS B 289 -27.33 -3.91 48.79
N ASN B 290 -27.73 -4.94 48.03
CA ASN B 290 -27.53 -6.35 48.43
C ASN B 290 -26.47 -7.06 47.58
N ILE B 291 -25.74 -6.32 46.75
CA ILE B 291 -24.68 -6.92 45.93
C ILE B 291 -23.36 -6.36 46.44
N ASN B 292 -22.70 -7.10 47.32
CA ASN B 292 -21.46 -6.64 47.91
C ASN B 292 -20.28 -7.24 47.12
N ASN B 293 -20.57 -8.21 46.24
CA ASN B 293 -19.53 -9.02 45.54
C ASN B 293 -19.29 -8.57 44.09
N LEU B 294 -19.97 -7.52 43.62
CA LEU B 294 -19.86 -7.13 42.21
C LEU B 294 -18.41 -6.71 41.92
N GLN B 295 -17.89 -7.20 40.78
CA GLN B 295 -16.47 -7.09 40.42
C GLN B 295 -16.29 -6.23 39.16
N GLU B 296 -17.18 -6.41 38.18
CA GLU B 296 -17.14 -5.74 36.89
C GLU B 296 -18.46 -4.97 36.66
N LEU B 297 -18.36 -3.66 36.40
CA LEU B 297 -19.52 -2.81 36.08
C LEU B 297 -19.22 -1.93 34.85
N ASP B 298 -19.99 -2.16 33.78
CA ASP B 298 -19.89 -1.41 32.53
C ASP B 298 -21.10 -0.47 32.42
N LEU B 299 -20.82 0.84 32.45
CA LEU B 299 -21.81 1.89 32.33
C LEU B 299 -21.46 2.82 31.17
N SER B 300 -20.74 2.29 30.18
CA SER B 300 -20.31 3.02 29.00
C SER B 300 -21.51 3.28 28.09
N GLN B 301 -21.43 4.35 27.30
CA GLN B 301 -22.45 4.74 26.32
C GLN B 301 -23.77 5.02 27.04
N ASN B 302 -23.73 5.88 28.06
CA ASN B 302 -24.93 6.40 28.68
C ASN B 302 -24.86 7.93 28.62
N PHE B 303 -25.60 8.60 29.51
CA PHE B 303 -25.59 10.04 29.65
C PHE B 303 -25.31 10.38 31.13
N LEU B 304 -24.19 9.85 31.64
CA LEU B 304 -23.85 9.91 33.06
C LEU B 304 -22.76 10.95 33.33
N ALA B 305 -22.64 11.96 32.46
CA ALA B 305 -21.64 13.02 32.62
C ALA B 305 -21.79 13.70 34.00
N LYS B 306 -23.01 14.13 34.36
CA LYS B 306 -23.18 14.83 35.66
C LYS B 306 -22.94 13.82 36.80
N GLU B 307 -23.50 12.62 36.65
CA GLU B 307 -23.46 11.54 37.63
C GLU B 307 -22.01 11.19 38.01
N ILE B 308 -21.08 11.30 37.06
CA ILE B 308 -19.67 10.98 37.35
C ILE B 308 -19.13 11.89 38.47
N GLY B 309 -19.69 13.12 38.55
CA GLY B 309 -19.28 14.15 39.52
C GLY B 309 -19.95 13.99 40.89
N ASP B 310 -20.81 12.98 41.02
CA ASP B 310 -21.64 12.75 42.20
C ASP B 310 -21.40 11.30 42.63
N ALA B 311 -22.12 10.36 42.01
CA ALA B 311 -21.74 8.93 41.97
C ALA B 311 -21.73 8.32 43.38
N LYS B 312 -22.81 8.55 44.11
CA LYS B 312 -22.95 8.04 45.48
C LYS B 312 -22.89 6.51 45.44
N PHE B 313 -23.35 5.89 44.33
CA PHE B 313 -23.45 4.43 44.21
C PHE B 313 -22.09 3.75 44.43
N LEU B 314 -20.99 4.47 44.20
CA LEU B 314 -19.64 3.88 44.30
C LEU B 314 -19.33 3.42 45.74
N HIS B 315 -19.94 4.10 46.74
CA HIS B 315 -19.76 3.78 48.17
C HIS B 315 -20.20 2.33 48.47
N PHE B 316 -21.07 1.76 47.62
CA PHE B 316 -21.55 0.39 47.80
C PHE B 316 -20.76 -0.64 46.96
N LEU B 317 -19.59 -0.26 46.41
CA LEU B 317 -18.84 -1.13 45.47
C LEU B 317 -17.39 -1.34 45.94
N PRO B 318 -17.18 -1.79 47.20
CA PRO B 318 -15.82 -1.92 47.73
C PRO B 318 -15.03 -3.09 47.14
N ASN B 319 -15.70 -4.05 46.51
CA ASN B 319 -15.02 -5.20 45.87
C ASN B 319 -14.89 -5.05 44.34
N LEU B 320 -15.31 -3.90 43.78
CA LEU B 320 -15.30 -3.70 42.33
C LEU B 320 -13.85 -3.69 41.83
N ILE B 321 -13.57 -4.50 40.81
CA ILE B 321 -12.27 -4.66 40.14
C ILE B 321 -12.19 -3.74 38.91
N GLN B 322 -13.30 -3.62 38.17
CA GLN B 322 -13.33 -3.00 36.84
C GLN B 322 -14.55 -2.10 36.73
N LEU B 323 -14.34 -0.80 36.44
CA LEU B 323 -15.42 0.16 36.25
C LEU B 323 -15.21 0.85 34.90
N ASP B 324 -16.27 0.88 34.06
CA ASP B 324 -16.20 1.57 32.76
C ASP B 324 -17.32 2.61 32.67
N LEU B 325 -16.93 3.88 32.56
CA LEU B 325 -17.83 5.00 32.41
C LEU B 325 -17.54 5.73 31.10
N SER B 326 -17.11 4.98 30.07
CA SER B 326 -16.67 5.57 28.80
C SER B 326 -17.88 6.05 27.98
N PHE B 327 -17.74 7.18 27.32
CA PHE B 327 -18.70 7.70 26.35
C PHE B 327 -20.01 8.03 27.06
N ASN B 328 -19.90 8.98 28.00
CA ASN B 328 -21.02 9.47 28.77
C ASN B 328 -21.18 10.98 28.57
N PHE B 329 -20.42 11.58 27.65
CA PHE B 329 -20.43 13.02 27.43
C PHE B 329 -21.79 13.49 26.91
N GLU B 330 -22.13 14.73 27.25
CA GLU B 330 -23.30 15.44 26.77
C GLU B 330 -23.00 15.99 25.37
N LEU B 331 -23.90 15.73 24.42
CA LEU B 331 -23.69 16.14 23.05
C LEU B 331 -23.50 17.66 23.02
N GLN B 332 -22.50 18.10 22.25
CA GLN B 332 -22.18 19.53 22.00
C GLN B 332 -21.72 20.24 23.29
N VAL B 333 -21.25 19.49 24.29
CA VAL B 333 -20.65 20.04 25.47
C VAL B 333 -19.19 19.58 25.55
N TYR B 334 -18.30 20.56 25.66
CA TYR B 334 -16.87 20.38 25.81
C TYR B 334 -16.45 20.97 27.16
N ARG B 335 -16.46 20.14 28.21
CA ARG B 335 -16.19 20.59 29.57
C ARG B 335 -14.76 21.12 29.68
N ALA B 336 -14.58 22.06 30.60
CA ALA B 336 -13.26 22.63 30.90
C ALA B 336 -12.36 21.57 31.52
N SER B 337 -12.93 20.70 32.38
CA SER B 337 -12.13 19.75 33.13
C SER B 337 -12.93 18.50 33.49
N MET B 338 -12.24 17.50 34.06
CA MET B 338 -12.90 16.31 34.55
C MET B 338 -13.20 16.41 36.05
N ASN B 339 -14.49 16.26 36.38
CA ASN B 339 -15.02 16.31 37.73
C ASN B 339 -15.29 14.85 38.14
N LEU B 340 -14.32 14.23 38.83
CA LEU B 340 -14.51 12.93 39.48
C LEU B 340 -14.97 13.17 40.93
N SER B 341 -16.13 12.62 41.29
CA SER B 341 -16.64 12.64 42.66
C SER B 341 -15.60 12.01 43.61
N GLN B 342 -15.58 12.54 44.85
CA GLN B 342 -14.72 12.01 45.94
C GLN B 342 -15.06 10.54 46.20
N ALA B 343 -16.26 10.12 45.81
CA ALA B 343 -16.75 8.77 46.00
C ALA B 343 -15.82 7.72 45.38
N PHE B 344 -15.08 8.10 44.33
CA PHE B 344 -14.15 7.16 43.67
C PHE B 344 -13.15 6.59 44.69
N SER B 345 -12.81 7.36 45.73
CA SER B 345 -11.82 6.94 46.78
C SER B 345 -12.28 5.68 47.53
N SER B 346 -13.58 5.35 47.48
CA SER B 346 -14.12 4.23 48.25
C SER B 346 -13.96 2.90 47.50
N LEU B 347 -13.40 2.95 46.27
CA LEU B 347 -13.30 1.79 45.37
C LEU B 347 -12.00 1.05 45.66
N LYS B 348 -11.91 0.47 46.85
CA LYS B 348 -10.62 0.04 47.42
C LYS B 348 -10.05 -1.12 46.60
N SER B 349 -10.89 -1.85 45.86
CA SER B 349 -10.43 -3.03 45.09
C SER B 349 -10.10 -2.67 43.63
N LEU B 350 -10.46 -1.46 43.18
CA LEU B 350 -10.44 -1.12 41.73
C LEU B 350 -9.05 -1.34 41.12
N LYS B 351 -9.00 -2.19 40.08
CA LYS B 351 -7.78 -2.41 39.27
C LYS B 351 -7.83 -1.61 37.95
N ILE B 352 -9.02 -1.44 37.36
CA ILE B 352 -9.15 -0.92 35.99
C ILE B 352 -10.26 0.13 35.97
N LEU B 353 -9.91 1.37 35.63
CA LEU B 353 -10.89 2.44 35.48
C LEU B 353 -10.79 3.01 34.06
N ARG B 354 -11.91 3.05 33.34
CA ARG B 354 -11.91 3.55 31.97
C ARG B 354 -12.95 4.66 31.85
N ILE B 355 -12.51 5.85 31.44
CA ILE B 355 -13.38 6.97 31.23
C ILE B 355 -12.97 7.68 29.93
N ARG B 356 -13.11 6.96 28.80
CA ARG B 356 -12.98 7.59 27.52
C ARG B 356 -14.25 8.41 27.27
N GLY B 357 -14.16 9.36 26.35
CA GLY B 357 -15.33 10.02 25.83
C GLY B 357 -16.12 10.73 26.92
N TYR B 358 -15.40 11.35 27.85
CA TYR B 358 -15.90 12.36 28.76
C TYR B 358 -15.86 13.72 28.07
N VAL B 359 -14.77 13.95 27.31
CA VAL B 359 -14.63 15.06 26.40
C VAL B 359 -14.43 16.36 27.20
N PHE B 360 -13.16 16.71 27.45
CA PHE B 360 -12.79 17.90 28.24
C PHE B 360 -11.43 18.47 27.83
N LYS B 361 -11.24 19.76 28.11
CA LYS B 361 -10.14 20.54 27.51
C LYS B 361 -8.81 20.35 28.24
N GLU B 362 -8.85 20.18 29.56
CA GLU B 362 -7.65 20.28 30.38
C GLU B 362 -7.75 19.32 31.56
N LEU B 363 -6.75 18.45 31.67
CA LEU B 363 -6.57 17.59 32.79
C LEU B 363 -5.52 18.22 33.71
N LYS B 364 -5.90 18.37 34.99
CA LYS B 364 -5.01 18.86 36.05
C LYS B 364 -4.91 17.78 37.15
N SER B 365 -3.75 17.75 37.79
CA SER B 365 -3.36 16.78 38.83
C SER B 365 -4.44 16.57 39.89
N PHE B 366 -5.03 17.68 40.35
CA PHE B 366 -5.99 17.69 41.45
C PHE B 366 -7.23 16.84 41.08
N GLN B 367 -7.61 16.89 39.80
CA GLN B 367 -8.82 16.23 39.29
C GLN B 367 -8.75 14.71 39.50
N LEU B 368 -7.53 14.14 39.60
CA LEU B 368 -7.33 12.70 39.82
C LEU B 368 -7.10 12.35 41.30
N SER B 369 -7.24 13.34 42.20
CA SER B 369 -6.95 13.16 43.64
C SER B 369 -7.82 12.05 44.22
N PRO B 370 -9.10 11.91 43.81
CA PRO B 370 -9.93 10.80 44.29
C PRO B 370 -9.36 9.39 44.09
N LEU B 371 -8.32 9.27 43.26
CA LEU B 371 -7.73 7.99 42.91
C LEU B 371 -6.39 7.77 43.64
N HIS B 372 -5.89 8.80 44.35
CA HIS B 372 -4.49 8.77 44.85
C HIS B 372 -4.26 7.54 45.75
N ASN B 373 -5.29 7.11 46.48
CA ASN B 373 -5.15 6.07 47.49
C ASN B 373 -5.83 4.77 47.05
N LEU B 374 -6.13 4.61 45.75
CA LEU B 374 -6.56 3.30 45.23
C LEU B 374 -5.31 2.43 44.99
N GLN B 375 -5.01 1.56 45.96
CA GLN B 375 -3.73 0.86 46.04
C GLN B 375 -3.61 -0.14 44.88
N ASN B 376 -4.73 -0.73 44.45
CA ASN B 376 -4.66 -1.82 43.49
C ASN B 376 -4.87 -1.31 42.06
N LEU B 377 -5.00 0.00 41.86
CA LEU B 377 -5.29 0.55 40.54
C LEU B 377 -4.12 0.26 39.60
N GLU B 378 -4.43 -0.38 38.46
CA GLU B 378 -3.44 -0.88 37.52
C GLU B 378 -3.56 -0.18 36.17
N VAL B 379 -4.78 0.19 35.76
CA VAL B 379 -5.06 0.79 34.45
C VAL B 379 -5.93 2.03 34.63
N LEU B 380 -5.47 3.17 34.13
CA LEU B 380 -6.29 4.34 34.01
C LEU B 380 -6.38 4.74 32.54
N ASP B 381 -7.59 4.66 31.98
CA ASP B 381 -7.81 4.91 30.57
C ASP B 381 -8.59 6.22 30.41
N LEU B 382 -7.90 7.27 29.95
CA LEU B 382 -8.56 8.54 29.64
C LEU B 382 -8.48 8.86 28.13
N GLY B 383 -8.51 7.81 27.29
CA GLY B 383 -8.47 7.98 25.82
C GLY B 383 -9.72 8.67 25.25
N THR B 384 -9.59 9.19 24.02
CA THR B 384 -10.67 9.78 23.22
C THR B 384 -11.44 10.76 24.08
N ASN B 385 -10.73 11.79 24.57
CA ASN B 385 -11.29 12.81 25.42
C ASN B 385 -11.03 14.22 24.88
N PHE B 386 -10.31 14.32 23.77
CA PHE B 386 -9.94 15.60 23.15
C PHE B 386 -9.28 16.54 24.17
N ILE B 387 -8.47 15.96 25.05
CA ILE B 387 -7.69 16.72 26.01
C ILE B 387 -6.66 17.55 25.24
N LYS B 388 -6.67 18.88 25.45
CA LYS B 388 -5.72 19.83 24.85
C LYS B 388 -4.46 20.00 25.73
N ILE B 389 -4.62 19.91 27.05
CA ILE B 389 -3.52 20.22 27.99
C ILE B 389 -3.47 19.17 29.11
N ALA B 390 -2.27 18.65 29.36
CA ALA B 390 -2.00 17.76 30.47
C ALA B 390 -0.51 17.76 30.76
N ASN B 391 -0.18 18.20 31.98
CA ASN B 391 1.14 18.10 32.50
C ASN B 391 1.38 16.63 32.87
N LEU B 392 2.25 15.98 32.09
CA LEU B 392 2.53 14.56 32.22
C LEU B 392 3.15 14.25 33.59
N SER B 393 3.72 15.27 34.25
CA SER B 393 4.42 15.04 35.52
C SER B 393 3.45 14.52 36.59
N MET B 394 2.16 14.83 36.48
CA MET B 394 1.16 14.44 37.49
C MET B 394 1.17 12.92 37.70
N PHE B 395 1.70 12.16 36.75
CA PHE B 395 1.62 10.70 36.83
C PHE B 395 2.73 10.16 37.73
N LYS B 396 3.57 11.05 38.27
CA LYS B 396 4.58 10.64 39.30
C LYS B 396 3.86 10.06 40.54
N GLN B 397 2.61 10.50 40.77
CA GLN B 397 1.78 10.00 41.87
C GLN B 397 1.10 8.67 41.49
N PHE B 398 1.52 8.04 40.39
CA PHE B 398 0.82 6.86 39.85
C PHE B 398 1.80 5.81 39.36
N LYS B 399 2.97 5.72 40.02
CA LYS B 399 4.05 4.81 39.64
C LYS B 399 3.57 3.35 39.70
N ARG B 400 2.53 3.07 40.49
CA ARG B 400 2.09 1.70 40.75
C ARG B 400 1.31 1.15 39.55
N LEU B 401 0.80 2.05 38.69
CA LEU B 401 -0.05 1.66 37.55
C LEU B 401 0.80 0.97 36.49
N LYS B 402 0.19 0.02 35.77
CA LYS B 402 0.80 -0.69 34.65
C LYS B 402 0.61 0.05 33.32
N VAL B 403 -0.54 0.72 33.14
CA VAL B 403 -0.89 1.45 31.91
C VAL B 403 -1.62 2.74 32.24
N ILE B 404 -1.07 3.86 31.77
CA ILE B 404 -1.76 5.13 31.75
C ILE B 404 -2.00 5.49 30.28
N ASP B 405 -3.27 5.51 29.88
CA ASP B 405 -3.67 5.53 28.48
C ASP B 405 -4.29 6.89 28.15
N LEU B 406 -3.55 7.74 27.42
CA LEU B 406 -4.07 9.03 26.95
C LEU B 406 -4.16 9.05 25.41
N SER B 407 -4.31 7.86 24.82
CA SER B 407 -4.44 7.67 23.35
C SER B 407 -5.63 8.44 22.78
N VAL B 408 -5.45 9.05 21.61
CA VAL B 408 -6.52 9.76 20.91
C VAL B 408 -6.93 10.97 21.75
N ASN B 409 -6.07 11.96 21.79
CA ASN B 409 -6.39 13.19 22.46
C ASN B 409 -5.83 14.32 21.59
N LYS B 410 -5.80 15.54 22.14
CA LYS B 410 -5.37 16.71 21.44
C LYS B 410 -4.22 17.37 22.20
N ILE B 411 -3.46 16.59 22.97
CA ILE B 411 -2.37 17.11 23.76
C ILE B 411 -1.28 17.66 22.82
N SER B 412 -0.81 18.86 23.14
CA SER B 412 0.44 19.44 22.61
C SER B 412 0.96 20.47 23.60
N PRO B 413 2.28 20.54 23.90
CA PRO B 413 2.86 21.75 24.47
C PRO B 413 2.64 22.94 23.52
N VAL B 437 -5.13 -4.71 25.38
CA VAL B 437 -5.51 -3.65 24.41
C VAL B 437 -6.93 -3.98 23.90
N LEU B 438 -7.79 -2.96 23.79
CA LEU B 438 -9.16 -3.12 23.26
C LEU B 438 -9.12 -3.00 21.73
N GLU B 439 -9.96 -3.79 21.03
CA GLU B 439 -10.13 -3.71 19.57
C GLU B 439 -10.41 -2.25 19.17
N GLN B 440 -9.98 -1.85 17.95
CA GLN B 440 -10.03 -0.41 17.53
C GLN B 440 -11.49 0.07 17.49
N LEU B 441 -12.40 -0.85 17.18
CA LEU B 441 -13.84 -0.69 17.39
C LEU B 441 -14.20 -1.53 18.64
N TYR B 442 -14.76 -0.88 19.66
CA TYR B 442 -15.00 -1.52 20.98
C TYR B 442 -16.23 -0.91 21.68
N TYR B 443 -16.21 0.40 21.88
CA TYR B 443 -17.29 1.10 22.51
C TYR B 443 -18.45 1.28 21.52
N PHE B 444 -18.18 1.27 20.22
CA PHE B 444 -19.22 1.60 19.25
C PHE B 444 -19.72 0.39 18.47
N ARG B 445 -19.18 -0.81 18.67
CA ARG B 445 -19.69 -1.90 17.86
C ARG B 445 -20.97 -2.48 18.48
N TYR B 446 -21.74 -3.15 17.63
CA TYR B 446 -23.06 -3.64 17.97
C TYR B 446 -22.93 -4.71 19.05
N ASP B 447 -22.17 -5.76 18.72
CA ASP B 447 -22.04 -6.92 19.58
C ASP B 447 -20.59 -7.38 19.55
N LYS B 448 -19.81 -6.90 20.52
CA LYS B 448 -18.39 -7.18 20.57
C LYS B 448 -18.10 -8.63 21.01
N TYR B 449 -19.11 -9.41 21.39
CA TYR B 449 -18.93 -10.80 21.83
C TYR B 449 -19.44 -11.78 20.75
N ALA B 450 -19.80 -11.25 19.59
CA ALA B 450 -20.36 -12.08 18.52
C ALA B 450 -19.35 -13.16 18.10
N ARG B 451 -19.85 -14.38 17.96
CA ARG B 451 -19.13 -15.57 17.55
C ARG B 451 -19.09 -15.62 16.02
N SER B 452 -17.90 -15.90 15.47
CA SER B 452 -17.72 -16.10 14.03
C SER B 452 -18.01 -17.57 13.67
N CYS B 453 -18.23 -17.83 12.38
CA CYS B 453 -18.47 -19.18 11.88
C CYS B 453 -17.23 -20.09 12.11
N ARG B 454 -16.00 -19.57 11.93
CA ARG B 454 -14.74 -20.40 11.90
C ARG B 454 -14.50 -21.16 13.22
N SER B 468 2.56 -4.86 21.20
CA SER B 468 2.17 -4.27 22.48
C SER B 468 3.36 -4.26 23.45
N CYS B 469 3.51 -3.19 24.25
CA CYS B 469 4.67 -3.00 25.13
C CYS B 469 4.34 -3.08 26.64
N TYR B 470 3.10 -3.39 26.98
CA TYR B 470 2.68 -3.47 28.40
C TYR B 470 3.61 -4.40 29.20
N LYS B 471 4.04 -5.48 28.56
CA LYS B 471 4.88 -6.55 29.10
C LYS B 471 6.17 -5.98 29.72
N TYR B 472 6.62 -4.81 29.27
CA TYR B 472 7.92 -4.25 29.67
C TYR B 472 7.81 -3.53 31.02
N GLY B 473 6.58 -3.25 31.49
CA GLY B 473 6.36 -2.50 32.76
C GLY B 473 5.48 -1.29 32.57
N GLN B 474 5.70 -0.25 33.39
CA GLN B 474 4.86 0.95 33.41
C GLN B 474 4.82 1.58 32.02
N THR B 475 3.62 1.74 31.50
CA THR B 475 3.40 2.25 30.15
C THR B 475 2.62 3.57 30.18
N LEU B 476 3.20 4.61 29.56
CA LEU B 476 2.50 5.84 29.30
C LEU B 476 2.24 5.93 27.79
N ASP B 477 0.96 5.90 27.39
CA ASP B 477 0.55 5.82 25.98
C ASP B 477 0.05 7.19 25.56
N LEU B 478 0.85 7.92 24.78
CA LEU B 478 0.50 9.27 24.31
C LEU B 478 0.24 9.22 22.78
N SER B 479 -0.06 8.03 22.29
CA SER B 479 -0.30 7.83 20.87
C SER B 479 -1.51 8.63 20.41
N LYS B 480 -1.43 9.14 19.18
CA LYS B 480 -2.50 9.85 18.50
C LYS B 480 -2.86 11.07 19.34
N ASN B 481 -1.85 11.90 19.56
CA ASN B 481 -2.03 13.21 20.10
C ASN B 481 -1.50 14.21 19.07
N SER B 482 -1.33 15.47 19.48
CA SER B 482 -0.84 16.51 18.59
C SER B 482 0.52 17.04 19.05
N ILE B 483 1.37 16.16 19.57
CA ILE B 483 2.71 16.57 20.05
C ILE B 483 3.62 16.85 18.84
N PHE B 484 4.00 18.12 18.65
CA PHE B 484 4.89 18.59 17.57
C PHE B 484 6.35 18.67 18.04
N PHE B 485 6.56 19.05 19.30
CA PHE B 485 7.87 19.32 19.84
C PHE B 485 7.96 18.77 21.25
N ILE B 486 9.05 18.08 21.56
CA ILE B 486 9.30 17.54 22.88
C ILE B 486 10.63 18.08 23.40
N LYS B 487 10.70 18.19 24.73
CA LYS B 487 11.91 18.55 25.43
C LYS B 487 11.91 17.76 26.75
N SER B 488 13.08 17.72 27.39
CA SER B 488 13.31 16.87 28.58
C SER B 488 12.30 17.15 29.70
N SER B 489 11.93 18.41 29.89
CA SER B 489 11.11 18.78 31.05
C SER B 489 9.67 18.29 30.92
N ASP B 490 9.22 17.92 29.71
CA ASP B 490 7.90 17.31 29.47
C ASP B 490 7.81 15.97 30.23
N PHE B 491 8.96 15.34 30.50
CA PHE B 491 9.05 14.02 31.12
C PHE B 491 9.59 14.10 32.56
N GLN B 492 9.67 15.32 33.11
CA GLN B 492 10.12 15.54 34.47
C GLN B 492 9.28 14.66 35.42
N HIS B 493 10.00 13.90 36.25
CA HIS B 493 9.45 13.09 37.33
C HIS B 493 8.89 11.76 36.81
N LEU B 494 9.19 11.37 35.57
CA LEU B 494 8.59 10.15 34.99
C LEU B 494 9.67 9.10 34.71
N SER B 495 10.73 9.06 35.54
CA SER B 495 11.89 8.20 35.33
C SER B 495 11.55 6.73 35.49
N PHE B 496 10.44 6.44 36.17
CA PHE B 496 9.98 5.06 36.40
C PHE B 496 9.47 4.37 35.11
N LEU B 497 9.13 5.15 34.05
CA LEU B 497 8.48 4.56 32.81
C LEU B 497 9.39 3.55 32.12
N LYS B 498 8.78 2.41 31.76
CA LYS B 498 9.43 1.36 31.01
C LYS B 498 9.04 1.42 29.53
N CYS B 499 7.82 1.87 29.21
CA CYS B 499 7.34 2.02 27.82
C CYS B 499 6.67 3.39 27.64
N LEU B 500 7.10 4.12 26.62
CA LEU B 500 6.43 5.35 26.20
C LEU B 500 5.97 5.18 24.75
N ASN B 501 4.67 5.41 24.51
CA ASN B 501 4.12 5.32 23.17
C ASN B 501 3.85 6.74 22.65
N LEU B 502 4.66 7.19 21.70
CA LEU B 502 4.47 8.49 21.04
C LEU B 502 3.95 8.29 19.60
N SER B 503 3.50 7.07 19.28
CA SER B 503 3.03 6.74 17.94
C SER B 503 1.98 7.73 17.48
N GLY B 504 2.08 8.15 16.22
CA GLY B 504 1.02 8.91 15.56
C GLY B 504 0.87 10.30 16.16
N ASN B 505 1.99 10.96 16.43
CA ASN B 505 2.03 12.38 16.79
C ASN B 505 2.59 13.14 15.59
N LEU B 506 3.11 14.36 15.81
CA LEU B 506 3.50 15.25 14.76
C LEU B 506 4.97 15.62 14.89
N ILE B 507 5.75 14.74 15.52
CA ILE B 507 7.12 15.08 15.93
C ILE B 507 8.04 15.09 14.70
N SER B 508 8.57 16.28 14.42
CA SER B 508 9.31 16.62 13.24
C SER B 508 10.72 17.16 13.55
N GLN B 509 11.20 16.94 14.78
CA GLN B 509 12.40 17.68 15.20
C GLN B 509 13.64 16.82 14.95
N THR B 510 14.79 17.49 14.87
CA THR B 510 16.11 16.86 14.74
C THR B 510 16.58 16.40 16.14
N LEU B 511 15.97 15.33 16.66
CA LEU B 511 16.36 14.79 17.95
C LEU B 511 17.89 14.71 18.03
N ASN B 512 18.44 15.16 19.16
CA ASN B 512 19.90 15.22 19.29
C ASN B 512 20.38 14.53 20.57
N GLY B 513 19.50 13.80 21.26
CA GLY B 513 19.88 13.04 22.43
C GLY B 513 19.65 13.80 23.73
N SER B 514 18.91 14.92 23.69
CA SER B 514 18.66 15.74 24.85
C SER B 514 17.18 15.73 25.28
N GLU B 515 16.28 15.02 24.57
CA GLU B 515 14.82 15.30 24.67
C GLU B 515 14.13 14.39 25.71
N PHE B 516 14.71 13.22 26.01
CA PHE B 516 14.13 12.23 26.91
C PHE B 516 15.03 11.98 28.12
N GLN B 517 15.71 13.03 28.62
CA GLN B 517 16.79 12.87 29.62
C GLN B 517 16.25 12.14 30.86
N PRO B 518 15.09 12.54 31.40
CA PRO B 518 14.56 11.89 32.60
C PRO B 518 14.24 10.40 32.48
N LEU B 519 14.08 9.89 31.26
CA LEU B 519 13.48 8.58 31.06
C LEU B 519 14.59 7.52 31.14
N ALA B 520 15.23 7.47 32.30
CA ALA B 520 16.41 6.67 32.57
C ALA B 520 16.07 5.17 32.58
N GLU B 521 14.82 4.79 32.78
CA GLU B 521 14.50 3.36 32.92
C GLU B 521 13.84 2.80 31.65
N LEU B 522 13.56 3.65 30.66
CA LEU B 522 12.69 3.29 29.49
C LEU B 522 13.29 2.10 28.74
N ARG B 523 12.50 1.03 28.56
CA ARG B 523 12.91 -0.16 27.81
C ARG B 523 12.35 -0.14 26.38
N TYR B 524 11.24 0.57 26.15
CA TYR B 524 10.52 0.51 24.86
C TYR B 524 10.05 1.92 24.48
N LEU B 525 10.46 2.38 23.30
CA LEU B 525 9.95 3.61 22.74
C LEU B 525 9.31 3.32 21.39
N ASP B 526 8.03 3.67 21.27
CA ASP B 526 7.31 3.60 20.02
C ASP B 526 7.21 5.01 19.49
N PHE B 527 8.02 5.29 18.47
CA PHE B 527 8.08 6.58 17.84
C PHE B 527 7.49 6.50 16.43
N SER B 528 6.73 5.43 16.13
CA SER B 528 6.21 5.18 14.76
C SER B 528 5.21 6.26 14.37
N ASN B 529 5.07 6.52 13.07
CA ASN B 529 4.04 7.44 12.56
C ASN B 529 4.27 8.86 13.12
N ASN B 530 5.53 9.30 13.12
CA ASN B 530 5.91 10.68 13.37
C ASN B 530 6.66 11.15 12.11
N ARG B 531 7.40 12.24 12.21
CA ARG B 531 8.25 12.70 11.12
C ARG B 531 9.69 12.87 11.60
N LEU B 532 10.30 11.78 12.07
CA LEU B 532 11.65 11.85 12.57
C LEU B 532 12.58 12.47 11.51
N ASP B 533 13.38 13.45 11.94
CA ASP B 533 14.46 14.01 11.12
C ASP B 533 15.80 13.53 11.70
N LEU B 534 16.35 12.47 11.12
CA LEU B 534 17.57 11.84 11.58
C LEU B 534 18.81 12.61 11.09
N LEU B 535 18.90 13.90 11.40
CA LEU B 535 20.07 14.70 11.10
C LEU B 535 21.25 14.28 12.01
N HIS B 536 20.94 13.94 13.26
CA HIS B 536 21.94 13.76 14.30
C HIS B 536 22.13 12.28 14.63
N SER B 537 23.39 11.82 14.64
CA SER B 537 23.67 10.44 14.98
C SER B 537 23.60 10.20 16.49
N THR B 538 23.31 11.25 17.28
CA THR B 538 23.14 11.15 18.73
C THR B 538 21.67 10.99 19.12
N ALA B 539 20.76 10.86 18.14
CA ALA B 539 19.33 10.74 18.44
C ALA B 539 19.08 9.51 19.33
N PHE B 540 18.26 9.70 20.38
CA PHE B 540 17.79 8.64 21.29
C PHE B 540 18.91 8.14 22.25
N GLU B 541 20.14 8.64 22.16
CA GLU B 541 21.25 8.02 22.92
C GLU B 541 21.09 8.18 24.44
N GLU B 542 20.31 9.18 24.90
CA GLU B 542 20.06 9.37 26.31
C GLU B 542 19.17 8.26 26.89
N LEU B 543 18.50 7.46 26.05
CA LEU B 543 17.68 6.38 26.57
C LEU B 543 18.57 5.16 26.81
N ARG B 544 19.34 5.21 27.90
CA ARG B 544 20.47 4.29 28.12
C ARG B 544 19.97 2.86 28.36
N LYS B 545 18.69 2.67 28.68
CA LYS B 545 18.18 1.32 28.91
C LYS B 545 17.25 0.84 27.79
N LEU B 546 17.25 1.51 26.64
CA LEU B 546 16.31 1.21 25.54
C LEU B 546 16.62 -0.14 24.89
N GLU B 547 15.65 -1.06 24.92
CA GLU B 547 15.82 -2.41 24.31
C GLU B 547 15.16 -2.48 22.92
N VAL B 548 14.07 -1.72 22.71
CA VAL B 548 13.33 -1.74 21.45
C VAL B 548 12.98 -0.30 21.09
N LEU B 549 13.37 0.08 19.87
CA LEU B 549 13.00 1.34 19.28
C LEU B 549 12.23 1.08 17.97
N ASP B 550 11.05 1.70 17.87
CA ASP B 550 10.25 1.61 16.66
C ASP B 550 10.17 2.99 16.05
N ILE B 551 10.85 3.20 14.92
CA ILE B 551 10.78 4.46 14.19
C ILE B 551 10.21 4.21 12.78
N SER B 552 9.37 3.17 12.67
CA SER B 552 8.63 2.84 11.45
C SER B 552 7.67 3.97 11.06
N SER B 553 7.40 4.05 9.75
CA SER B 553 6.43 5.01 9.21
C SER B 553 6.80 6.43 9.62
N ASN B 554 8.09 6.76 9.49
CA ASN B 554 8.62 8.10 9.67
C ASN B 554 9.24 8.52 8.32
N SER B 555 8.53 8.28 7.22
CA SER B 555 9.10 8.39 5.86
C SER B 555 9.30 9.85 5.42
N HIS B 556 8.66 10.80 6.09
CA HIS B 556 8.48 12.14 5.54
C HIS B 556 9.80 12.73 4.98
N TYR B 557 10.80 12.92 5.85
CA TYR B 557 12.03 13.65 5.48
C TYR B 557 12.95 12.79 4.62
N PHE B 558 12.67 11.49 4.55
CA PHE B 558 13.40 10.59 3.70
C PHE B 558 12.92 10.66 2.23
N GLN B 559 11.87 11.43 1.95
CA GLN B 559 11.29 11.54 0.61
C GLN B 559 11.86 12.73 -0.17
N SER B 560 12.70 13.57 0.45
CA SER B 560 13.16 14.78 -0.26
C SER B 560 14.68 14.74 -0.39
N GLU B 561 15.16 14.96 -1.62
CA GLU B 561 16.54 14.90 -1.94
C GLU B 561 17.34 15.98 -1.17
N GLY B 562 18.61 15.67 -0.90
CA GLY B 562 19.53 16.63 -0.34
C GLY B 562 19.40 16.78 1.16
N ILE B 563 18.63 15.91 1.82
CA ILE B 563 18.52 16.00 3.29
C ILE B 563 19.45 14.95 3.91
N THR B 564 20.26 15.41 4.85
CA THR B 564 21.25 14.59 5.57
C THR B 564 20.53 13.69 6.59
N HIS B 565 20.79 12.39 6.51
CA HIS B 565 20.28 11.37 7.42
C HIS B 565 21.46 10.53 7.96
N MET B 566 21.48 10.31 9.27
CA MET B 566 22.52 9.55 9.90
C MET B 566 21.96 8.22 10.37
N LEU B 567 21.98 7.21 9.48
CA LEU B 567 21.55 5.85 9.86
C LEU B 567 22.53 5.21 10.85
N ASN B 568 23.70 5.81 11.08
CA ASN B 568 24.71 5.27 12.01
C ASN B 568 24.36 5.64 13.47
N PHE B 569 23.17 6.20 13.70
CA PHE B 569 22.75 6.56 15.06
C PHE B 569 22.73 5.34 16.01
N THR B 570 22.82 4.12 15.46
CA THR B 570 22.69 2.88 16.28
C THR B 570 23.88 2.73 17.25
N LYS B 571 25.03 3.33 16.91
CA LYS B 571 26.28 3.11 17.66
C LYS B 571 26.09 3.47 19.13
N ASN B 572 25.35 4.54 19.43
CA ASN B 572 25.26 5.07 20.81
C ASN B 572 24.31 4.25 21.71
N LEU B 573 23.47 3.38 21.14
CA LEU B 573 22.41 2.67 21.90
C LEU B 573 22.90 1.30 22.37
N LYS B 574 23.37 1.27 23.61
CA LYS B 574 24.31 0.25 24.05
C LYS B 574 23.59 -1.05 24.40
N VAL B 575 22.28 -0.99 24.69
CA VAL B 575 21.56 -2.22 25.05
C VAL B 575 20.37 -2.47 24.10
N LEU B 576 20.33 -1.77 22.95
CA LEU B 576 19.23 -1.92 21.99
C LEU B 576 19.25 -3.34 21.41
N GLN B 577 18.13 -4.07 21.53
CA GLN B 577 18.01 -5.44 21.01
C GLN B 577 17.26 -5.47 19.68
N LYS B 578 16.26 -4.59 19.49
CA LYS B 578 15.33 -4.65 18.35
C LYS B 578 15.07 -3.24 17.82
N LEU B 579 15.31 -3.05 16.53
CA LEU B 579 15.09 -1.76 15.86
C LEU B 579 14.12 -1.99 14.70
N MET B 580 13.03 -1.25 14.70
CA MET B 580 12.08 -1.33 13.62
C MET B 580 12.12 -0.03 12.83
N MET B 581 12.50 -0.11 11.55
CA MET B 581 12.49 1.10 10.72
C MET B 581 11.79 0.84 9.37
N ASN B 582 10.57 0.31 9.49
CA ASN B 582 9.79 -0.13 8.35
C ASN B 582 9.10 1.08 7.69
N ASP B 583 8.88 0.98 6.37
CA ASP B 583 8.00 1.89 5.63
C ASP B 583 8.53 3.32 5.79
N ASN B 584 9.85 3.47 5.68
CA ASN B 584 10.49 4.77 5.85
C ASN B 584 10.97 5.30 4.49
N ASP B 585 10.79 4.51 3.43
CA ASP B 585 11.13 4.97 2.09
C ASP B 585 12.61 5.40 2.06
N ILE B 586 13.47 4.74 2.84
CA ILE B 586 14.88 5.16 2.95
C ILE B 586 15.61 4.82 1.65
N SER B 587 16.11 5.85 0.97
CA SER B 587 16.79 5.68 -0.30
C SER B 587 18.17 6.38 -0.31
N SER B 588 18.54 7.01 0.81
CA SER B 588 19.77 7.79 0.88
C SER B 588 20.22 7.82 2.35
N SER B 589 21.52 7.95 2.57
CA SER B 589 22.09 7.97 3.91
C SER B 589 23.46 8.63 3.83
N THR B 590 23.71 9.61 4.71
CA THR B 590 24.98 10.29 4.72
C THR B 590 26.04 9.30 5.21
N SER B 591 25.70 8.51 6.23
CA SER B 591 26.58 7.44 6.74
C SER B 591 26.42 6.17 5.90
N ARG B 592 27.49 5.38 5.88
CA ARG B 592 27.65 4.26 5.00
C ARG B 592 27.43 2.93 5.73
N THR B 593 27.41 2.96 7.07
CA THR B 593 27.36 1.75 7.89
C THR B 593 26.52 1.99 9.14
N MET B 594 25.74 0.98 9.52
CA MET B 594 25.07 0.96 10.82
C MET B 594 25.88 0.01 11.72
N GLU B 595 26.09 0.44 12.97
CA GLU B 595 26.96 -0.27 13.92
C GLU B 595 26.21 -0.50 15.24
N SER B 596 26.35 -1.70 15.80
CA SER B 596 25.86 -1.99 17.12
C SER B 596 26.52 -3.27 17.64
N GLU B 597 26.79 -3.29 18.94
CA GLU B 597 27.31 -4.46 19.62
C GLU B 597 26.16 -5.31 20.17
N SER B 598 24.96 -4.71 20.26
CA SER B 598 23.81 -5.29 21.00
C SER B 598 22.68 -5.77 20.06
N LEU B 599 22.48 -5.10 18.92
CA LEU B 599 21.23 -5.25 18.12
C LEU B 599 21.08 -6.67 17.56
N ARG B 600 19.91 -7.29 17.79
CA ARG B 600 19.66 -8.67 17.38
C ARG B 600 18.63 -8.73 16.25
N THR B 601 17.70 -7.79 16.21
CA THR B 601 16.64 -7.78 15.21
C THR B 601 16.57 -6.43 14.53
N LEU B 602 16.69 -6.43 13.20
CA LEU B 602 16.46 -5.19 12.43
C LEU B 602 15.35 -5.44 11.41
N GLU B 603 14.27 -4.68 11.55
CA GLU B 603 13.20 -4.62 10.56
C GLU B 603 13.42 -3.38 9.69
N PHE B 604 13.64 -3.60 8.39
CA PHE B 604 13.94 -2.58 7.44
C PHE B 604 13.07 -2.74 6.18
N ARG B 605 11.81 -3.12 6.40
CA ARG B 605 10.85 -3.45 5.35
C ARG B 605 10.41 -2.14 4.72
N GLY B 606 10.10 -2.12 3.42
CA GLY B 606 9.42 -0.93 2.84
C GLY B 606 10.32 0.28 2.77
N ASN B 607 11.56 0.06 2.32
CA ASN B 607 12.56 1.11 2.07
C ASN B 607 13.08 0.94 0.65
N HIS B 608 14.20 1.59 0.31
CA HIS B 608 14.68 1.57 -1.05
C HIS B 608 16.14 1.13 -1.10
N LEU B 609 16.42 -0.09 -0.58
CA LEU B 609 17.76 -0.63 -0.68
C LEU B 609 18.13 -0.80 -2.17
N ASP B 610 17.15 -0.93 -3.06
CA ASP B 610 17.47 -1.01 -4.48
C ASP B 610 18.20 0.26 -4.94
N VAL B 611 17.85 1.44 -4.39
CA VAL B 611 18.51 2.69 -4.75
C VAL B 611 19.89 2.73 -4.09
N LEU B 612 19.99 2.35 -2.82
CA LEU B 612 21.31 2.35 -2.11
C LEU B 612 22.30 1.39 -2.75
N TRP B 613 21.80 0.27 -3.32
CA TRP B 613 22.60 -0.80 -3.87
C TRP B 613 22.53 -0.81 -5.41
N ARG B 614 22.35 0.36 -6.03
CA ARG B 614 22.41 0.53 -7.49
C ARG B 614 23.65 -0.22 -8.01
N ASP B 615 23.50 -1.04 -9.06
CA ASP B 615 24.63 -1.77 -9.63
C ASP B 615 25.71 -0.76 -10.09
N GLY B 616 26.92 -0.92 -9.57
CA GLY B 616 28.03 0.00 -9.78
C GLY B 616 28.41 0.78 -8.52
N ASP B 617 27.51 0.85 -7.54
CA ASP B 617 27.73 1.63 -6.35
C ASP B 617 27.99 0.67 -5.18
N ASN B 618 29.25 0.62 -4.72
CA ASN B 618 29.70 -0.31 -3.69
C ASN B 618 29.45 0.25 -2.29
N ARG B 619 29.09 1.53 -2.16
CA ARG B 619 29.32 2.27 -0.92
C ARG B 619 28.46 1.76 0.25
N TYR B 620 27.29 1.18 -0.03
CA TYR B 620 26.34 0.79 1.02
C TYR B 620 26.27 -0.74 1.15
N LEU B 621 27.16 -1.47 0.46
CA LEU B 621 27.15 -2.92 0.49
C LEU B 621 27.52 -3.48 1.88
N GLN B 622 27.91 -2.63 2.84
CA GLN B 622 28.22 -3.10 4.20
C GLN B 622 27.38 -2.35 5.24
N LEU B 623 26.19 -1.90 4.79
CA LEU B 623 25.29 -1.15 5.63
C LEU B 623 25.05 -1.86 6.97
N PHE B 624 24.87 -3.17 6.95
CA PHE B 624 24.44 -3.95 8.11
C PHE B 624 25.58 -4.81 8.68
N LYS B 625 26.74 -4.85 8.03
CA LYS B 625 27.86 -5.76 8.36
C LYS B 625 28.28 -5.63 9.83
N ASN B 626 28.26 -4.41 10.37
CA ASN B 626 28.84 -4.09 11.67
C ASN B 626 27.76 -4.10 12.77
N LEU B 627 26.59 -4.68 12.46
CA LEU B 627 25.61 -5.07 13.46
C LEU B 627 25.98 -6.49 13.92
N LEU B 628 26.98 -6.60 14.80
CA LEU B 628 27.76 -7.86 14.91
C LEU B 628 26.92 -8.98 15.52
N LYS B 629 25.92 -8.65 16.34
CA LYS B 629 25.11 -9.74 16.93
C LYS B 629 23.76 -9.86 16.23
N LEU B 630 23.55 -9.21 15.07
CA LEU B 630 22.25 -9.28 14.39
C LEU B 630 21.97 -10.71 13.98
N GLU B 631 20.75 -11.18 14.28
CA GLU B 631 20.29 -12.53 13.94
C GLU B 631 19.08 -12.50 12.98
N GLU B 632 18.25 -11.46 13.05
CA GLU B 632 17.05 -11.36 12.23
C GLU B 632 17.12 -10.05 11.44
N LEU B 633 17.04 -10.16 10.11
CA LEU B 633 17.01 -8.99 9.23
C LEU B 633 15.87 -9.18 8.24
N ASP B 634 14.97 -8.20 8.19
CA ASP B 634 13.81 -8.17 7.28
C ASP B 634 14.01 -7.04 6.28
N ILE B 635 14.44 -7.39 5.06
CA ILE B 635 14.55 -6.42 3.94
C ILE B 635 13.59 -6.82 2.82
N SER B 636 12.38 -7.26 3.20
CA SER B 636 11.29 -7.41 2.29
C SER B 636 10.83 -6.02 1.80
N LYS B 637 10.22 -5.99 0.62
CA LYS B 637 9.56 -4.80 0.05
C LYS B 637 10.58 -3.66 -0.03
N ASN B 638 11.70 -3.94 -0.71
CA ASN B 638 12.75 -2.95 -0.93
C ASN B 638 13.01 -2.82 -2.43
N SER B 639 12.03 -3.25 -3.24
CA SER B 639 12.11 -3.30 -4.72
C SER B 639 13.44 -3.87 -5.20
N LEU B 640 13.93 -4.90 -4.52
CA LEU B 640 15.22 -5.49 -4.92
C LEU B 640 14.96 -6.53 -6.00
N SER B 641 14.99 -6.07 -7.26
CA SER B 641 14.71 -6.95 -8.39
C SER B 641 15.91 -7.86 -8.65
N PHE B 642 17.09 -7.47 -8.17
CA PHE B 642 18.26 -8.36 -8.12
C PHE B 642 19.10 -7.99 -6.89
N LEU B 643 20.01 -8.87 -6.46
CA LEU B 643 20.95 -8.54 -5.42
C LEU B 643 22.32 -8.39 -6.05
N PRO B 644 22.93 -7.17 -6.03
CA PRO B 644 24.31 -7.02 -6.52
C PRO B 644 25.22 -7.96 -5.72
N SER B 645 26.29 -8.42 -6.37
CA SER B 645 27.30 -9.21 -5.67
C SER B 645 27.94 -8.32 -4.59
N GLY B 646 28.12 -8.92 -3.41
CA GLY B 646 28.63 -8.22 -2.27
C GLY B 646 27.59 -8.03 -1.18
N VAL B 647 26.30 -8.14 -1.54
CA VAL B 647 25.23 -8.06 -0.56
C VAL B 647 25.46 -9.12 0.54
N PHE B 648 25.70 -10.36 0.13
CA PHE B 648 25.73 -11.49 1.08
C PHE B 648 26.99 -11.45 1.93
N ASP B 649 28.13 -11.16 1.29
CA ASP B 649 29.40 -10.92 1.94
C ASP B 649 29.27 -9.79 2.96
N GLY B 650 28.47 -8.77 2.64
CA GLY B 650 28.25 -7.63 3.53
C GLY B 650 27.32 -7.91 4.70
N MET B 651 26.73 -9.10 4.78
CA MET B 651 25.79 -9.46 5.86
C MET B 651 26.58 -9.76 7.14
N PRO B 652 26.04 -9.41 8.33
CA PRO B 652 26.77 -9.60 9.58
C PRO B 652 26.84 -11.09 9.88
N PRO B 653 27.86 -11.56 10.63
CA PRO B 653 28.24 -12.97 10.60
C PRO B 653 27.23 -13.94 11.22
N ASN B 654 26.37 -13.46 12.13
CA ASN B 654 25.51 -14.38 12.87
C ASN B 654 24.05 -14.35 12.39
N LEU B 655 23.80 -13.90 11.16
CA LEU B 655 22.44 -13.78 10.60
C LEU B 655 21.79 -15.17 10.55
N LYS B 656 20.64 -15.31 11.22
CA LYS B 656 19.91 -16.57 11.28
C LYS B 656 18.68 -16.54 10.35
N ASN B 657 17.98 -15.40 10.35
CA ASN B 657 16.64 -15.24 9.80
C ASN B 657 16.65 -14.02 8.84
N LEU B 658 16.58 -14.28 7.53
CA LEU B 658 16.61 -13.26 6.50
C LEU B 658 15.33 -13.37 5.65
N SER B 659 14.56 -12.28 5.60
CA SER B 659 13.44 -12.14 4.67
C SER B 659 13.82 -11.21 3.52
N LEU B 660 13.63 -11.73 2.30
CA LEU B 660 13.80 -11.01 1.05
C LEU B 660 12.49 -11.02 0.26
N ALA B 661 11.37 -11.13 0.97
CA ALA B 661 10.06 -11.35 0.36
C ALA B 661 9.62 -10.08 -0.37
N LYS B 662 8.75 -10.25 -1.37
CA LYS B 662 7.96 -9.13 -1.95
C LYS B 662 8.93 -8.07 -2.48
N ASN B 663 9.92 -8.50 -3.24
CA ASN B 663 10.95 -7.62 -3.73
C ASN B 663 10.91 -7.59 -5.26
N GLY B 664 10.07 -8.43 -5.89
CA GLY B 664 10.14 -8.63 -7.34
C GLY B 664 11.49 -9.21 -7.79
N LEU B 665 12.14 -10.03 -6.95
CA LEU B 665 13.41 -10.67 -7.31
C LEU B 665 13.21 -11.57 -8.52
N LYS B 666 13.98 -11.34 -9.60
CA LYS B 666 13.84 -12.11 -10.85
C LYS B 666 14.96 -13.13 -11.02
N SER B 667 16.03 -12.98 -10.23
CA SER B 667 17.16 -13.88 -10.28
C SER B 667 17.82 -13.88 -8.90
N PHE B 668 18.58 -14.95 -8.64
CA PHE B 668 19.16 -15.17 -7.35
C PHE B 668 20.30 -16.19 -7.49
N ILE B 669 21.51 -15.77 -7.12
CA ILE B 669 22.69 -16.59 -7.18
C ILE B 669 22.78 -17.37 -5.87
N TRP B 670 22.23 -18.59 -5.88
CA TRP B 670 22.05 -19.44 -4.70
C TRP B 670 23.38 -19.71 -3.99
N GLU B 671 24.47 -19.79 -4.77
CA GLU B 671 25.82 -20.15 -4.27
C GLU B 671 26.30 -19.12 -3.26
N LYS B 672 25.84 -17.87 -3.41
CA LYS B 672 26.27 -16.80 -2.52
C LYS B 672 25.73 -17.02 -1.11
N LEU B 673 24.78 -17.95 -0.93
CA LEU B 673 24.30 -18.26 0.44
C LEU B 673 25.43 -18.87 1.29
N ARG B 674 26.50 -19.34 0.64
CA ARG B 674 27.68 -19.88 1.35
C ARG B 674 28.19 -18.89 2.40
N TYR B 675 28.11 -17.58 2.13
CA TYR B 675 28.63 -16.53 3.03
C TYR B 675 27.82 -16.41 4.34
N LEU B 676 26.58 -16.92 4.36
CA LEU B 676 25.69 -16.77 5.52
C LEU B 676 25.77 -18.07 6.34
N LYS B 677 26.87 -18.22 7.10
CA LYS B 677 27.25 -19.50 7.67
C LYS B 677 26.29 -19.91 8.80
N ASN B 678 25.50 -18.98 9.33
CA ASN B 678 24.59 -19.29 10.42
C ASN B 678 23.13 -19.22 9.99
N LEU B 679 22.87 -19.21 8.67
CA LEU B 679 21.54 -18.98 8.13
C LEU B 679 20.63 -20.18 8.43
N GLU B 680 19.46 -19.90 9.02
CA GLU B 680 18.51 -20.96 9.37
C GLU B 680 17.19 -20.82 8.60
N THR B 681 16.70 -19.58 8.47
CA THR B 681 15.44 -19.25 7.79
C THR B 681 15.72 -18.27 6.63
N LEU B 682 15.37 -18.69 5.41
CA LEU B 682 15.40 -17.84 4.22
C LEU B 682 13.98 -17.71 3.65
N ASP B 683 13.44 -16.48 3.68
CA ASP B 683 12.10 -16.18 3.16
C ASP B 683 12.23 -15.43 1.83
N LEU B 684 11.89 -16.10 0.74
CA LEU B 684 11.91 -15.55 -0.62
C LEU B 684 10.50 -15.54 -1.22
N SER B 685 9.50 -15.45 -0.36
CA SER B 685 8.12 -15.56 -0.81
C SER B 685 7.74 -14.32 -1.64
N HIS B 686 6.79 -14.51 -2.56
CA HIS B 686 6.23 -13.39 -3.37
C HIS B 686 7.33 -12.67 -4.17
N ASN B 687 7.97 -13.42 -5.07
CA ASN B 687 9.01 -12.90 -5.96
C ASN B 687 8.75 -13.47 -7.35
N GLN B 688 9.75 -13.44 -8.23
CA GLN B 688 9.65 -13.93 -9.61
C GLN B 688 10.75 -14.96 -9.91
N LEU B 689 11.15 -15.74 -8.90
CA LEU B 689 12.18 -16.74 -9.11
C LEU B 689 11.62 -17.87 -9.98
N THR B 690 12.45 -18.41 -10.87
CA THR B 690 12.03 -19.43 -11.77
C THR B 690 12.82 -20.72 -11.50
N THR B 691 13.87 -20.67 -10.68
CA THR B 691 14.69 -21.86 -10.48
C THR B 691 15.11 -21.98 -9.01
N VAL B 692 15.42 -23.21 -8.65
CA VAL B 692 16.01 -23.57 -7.38
C VAL B 692 17.47 -23.93 -7.65
N PRO B 693 18.32 -24.01 -6.60
CA PRO B 693 19.72 -24.37 -6.80
C PRO B 693 19.84 -25.81 -7.32
N GLU B 694 20.91 -26.08 -8.10
CA GLU B 694 21.19 -27.43 -8.58
C GLU B 694 21.36 -28.39 -7.40
N ARG B 695 22.00 -27.90 -6.33
CA ARG B 695 22.29 -28.64 -5.11
C ARG B 695 22.21 -27.72 -3.89
N LEU B 696 21.12 -27.82 -3.14
CA LEU B 696 20.91 -26.93 -2.01
C LEU B 696 22.03 -27.12 -0.99
N SER B 697 22.51 -28.36 -0.80
CA SER B 697 23.51 -28.66 0.26
C SER B 697 24.81 -27.88 -0.01
N ASN B 698 25.14 -27.70 -1.30
CA ASN B 698 26.33 -26.98 -1.80
C ASN B 698 26.18 -25.46 -1.62
N CYS B 699 25.00 -25.00 -1.18
CA CYS B 699 24.69 -23.55 -1.02
C CYS B 699 24.71 -23.18 0.45
N SER B 700 24.15 -24.03 1.28
CA SER B 700 24.02 -23.74 2.69
C SER B 700 23.87 -25.06 3.45
N ARG B 701 24.76 -25.31 4.41
CA ARG B 701 24.67 -26.51 5.25
C ARG B 701 23.76 -26.24 6.47
N SER B 702 23.42 -24.97 6.75
CA SER B 702 22.74 -24.60 7.99
C SER B 702 21.23 -24.44 7.80
N LEU B 703 20.80 -24.26 6.54
CA LEU B 703 19.44 -23.80 6.24
C LEU B 703 18.43 -24.87 6.69
N LYS B 704 17.48 -24.44 7.53
CA LYS B 704 16.42 -25.29 8.03
C LYS B 704 15.08 -24.95 7.36
N ASN B 705 14.78 -23.66 7.13
CA ASN B 705 13.46 -23.22 6.69
C ASN B 705 13.59 -22.42 5.40
N LEU B 706 13.09 -22.99 4.30
CA LEU B 706 13.15 -22.37 3.00
C LEU B 706 11.73 -22.08 2.52
N ILE B 707 11.37 -20.80 2.45
CA ILE B 707 10.09 -20.34 2.01
C ILE B 707 10.22 -19.77 0.60
N LEU B 708 9.62 -20.48 -0.37
CA LEU B 708 9.66 -20.11 -1.78
C LEU B 708 8.25 -19.91 -2.33
N LYS B 709 7.25 -19.74 -1.46
CA LYS B 709 5.89 -19.63 -1.96
C LYS B 709 5.76 -18.41 -2.86
N ASN B 710 4.83 -18.51 -3.82
CA ASN B 710 4.43 -17.43 -4.70
C ASN B 710 5.61 -16.93 -5.54
N ASN B 711 6.24 -17.86 -6.27
CA ASN B 711 7.23 -17.57 -7.28
C ASN B 711 6.76 -18.19 -8.60
N GLN B 712 7.68 -18.36 -9.55
CA GLN B 712 7.36 -18.81 -10.89
C GLN B 712 8.13 -20.10 -11.21
N ILE B 713 8.38 -20.94 -10.21
CA ILE B 713 9.20 -22.13 -10.42
C ILE B 713 8.37 -23.15 -11.19
N ARG B 714 8.92 -23.69 -12.29
CA ARG B 714 8.20 -24.61 -13.18
C ARG B 714 8.71 -26.03 -13.03
N SER B 715 9.96 -26.16 -12.57
CA SER B 715 10.57 -27.47 -12.36
C SER B 715 11.64 -27.35 -11.27
N LEU B 716 11.93 -28.48 -10.63
CA LEU B 716 13.01 -28.60 -9.68
C LEU B 716 14.22 -29.18 -10.41
N THR B 717 15.41 -28.76 -9.98
CA THR B 717 16.66 -29.30 -10.50
C THR B 717 16.73 -30.79 -10.10
N LYS B 718 17.52 -31.54 -10.87
CA LYS B 718 17.52 -32.99 -10.81
C LYS B 718 17.92 -33.48 -9.41
N TYR B 719 18.88 -32.82 -8.76
CA TYR B 719 19.38 -33.28 -7.47
C TYR B 719 19.11 -32.27 -6.35
N PHE B 720 18.07 -31.43 -6.53
CA PHE B 720 17.76 -30.26 -5.69
C PHE B 720 18.13 -30.52 -4.22
N LEU B 721 17.45 -31.46 -3.55
CA LEU B 721 17.54 -31.57 -2.07
C LEU B 721 18.55 -32.65 -1.62
N GLN B 722 19.36 -33.19 -2.54
CA GLN B 722 20.30 -34.28 -2.20
C GLN B 722 21.27 -33.83 -1.10
N ASP B 723 21.17 -34.52 0.04
CA ASP B 723 22.09 -34.46 1.20
C ASP B 723 21.84 -33.22 2.05
N ALA B 724 20.74 -32.50 1.80
CA ALA B 724 20.43 -31.34 2.63
C ALA B 724 19.65 -31.81 3.86
N PHE B 725 20.35 -32.54 4.75
CA PHE B 725 19.76 -33.40 5.80
C PHE B 725 19.12 -32.58 6.93
N GLN B 726 19.64 -31.38 7.15
CA GLN B 726 19.17 -30.49 8.23
C GLN B 726 17.98 -29.62 7.76
N LEU B 727 17.60 -29.67 6.47
CA LEU B 727 16.35 -28.98 6.00
C LEU B 727 15.13 -29.54 6.75
N ARG B 728 14.26 -28.67 7.24
CA ARG B 728 13.14 -29.08 8.10
C ARG B 728 11.79 -28.51 7.64
N TYR B 729 11.80 -27.42 6.87
CA TYR B 729 10.55 -26.76 6.43
C TYR B 729 10.75 -26.22 5.01
N LEU B 730 9.87 -26.63 4.09
CA LEU B 730 9.99 -26.28 2.69
C LEU B 730 8.61 -25.90 2.15
N ASP B 731 8.50 -24.66 1.67
CA ASP B 731 7.26 -24.14 1.15
C ASP B 731 7.46 -23.80 -0.32
N LEU B 732 6.88 -24.64 -1.18
CA LEU B 732 6.93 -24.48 -2.62
C LEU B 732 5.53 -24.19 -3.15
N SER B 733 4.64 -23.72 -2.28
CA SER B 733 3.26 -23.51 -2.68
C SER B 733 3.12 -22.29 -3.61
N SER B 734 2.02 -22.23 -4.37
CA SER B 734 1.73 -21.16 -5.32
C SER B 734 2.92 -20.89 -6.25
N ASN B 735 3.39 -21.96 -6.90
CA ASN B 735 4.38 -21.93 -7.98
C ASN B 735 3.74 -22.56 -9.22
N LYS B 736 4.54 -22.93 -10.23
CA LYS B 736 3.99 -23.55 -11.45
C LYS B 736 4.61 -24.92 -11.66
N ILE B 737 4.86 -25.67 -10.58
CA ILE B 737 5.59 -26.96 -10.73
C ILE B 737 4.69 -28.02 -11.38
N GLN B 738 5.23 -28.74 -12.38
CA GLN B 738 4.46 -29.74 -13.10
C GLN B 738 4.76 -31.16 -12.59
N MET B 739 6.05 -31.46 -12.42
CA MET B 739 6.57 -32.80 -12.13
C MET B 739 7.58 -32.66 -11.00
N ILE B 740 7.61 -33.65 -10.11
CA ILE B 740 8.66 -33.79 -9.10
C ILE B 740 9.08 -35.26 -9.09
N GLN B 741 10.39 -35.52 -9.29
CA GLN B 741 10.96 -36.89 -9.32
C GLN B 741 11.74 -37.12 -8.03
N LYS B 742 11.97 -38.40 -7.69
CA LYS B 742 12.62 -38.80 -6.43
C LYS B 742 14.06 -38.22 -6.34
N THR B 743 14.78 -38.10 -7.46
CA THR B 743 16.14 -37.56 -7.43
C THR B 743 16.16 -36.14 -6.84
N SER B 744 15.16 -35.32 -7.17
CA SER B 744 15.02 -33.93 -6.66
C SER B 744 14.62 -33.92 -5.18
N PHE B 745 13.81 -34.92 -4.81
CA PHE B 745 13.16 -35.00 -3.51
C PHE B 745 13.49 -36.35 -2.86
N PRO B 746 14.77 -36.67 -2.58
CA PRO B 746 15.11 -37.95 -1.96
C PRO B 746 14.37 -38.12 -0.63
N GLU B 747 13.99 -39.37 -0.33
CA GLU B 747 13.13 -39.68 0.82
C GLU B 747 13.90 -39.51 2.13
N ASN B 748 15.24 -39.66 2.10
CA ASN B 748 16.07 -39.51 3.31
C ASN B 748 16.03 -38.06 3.84
N VAL B 749 15.63 -37.10 2.98
CA VAL B 749 15.41 -35.69 3.38
C VAL B 749 13.94 -35.48 3.73
N LEU B 750 13.05 -35.90 2.82
CA LEU B 750 11.65 -35.54 2.94
C LEU B 750 11.07 -36.02 4.28
N ASN B 751 11.59 -37.14 4.80
CA ASN B 751 11.01 -37.81 5.98
C ASN B 751 11.32 -37.02 7.25
N ASN B 752 12.38 -36.19 7.23
CA ASN B 752 12.80 -35.36 8.38
C ASN B 752 12.05 -34.04 8.44
N LEU B 753 11.32 -33.68 7.37
CA LEU B 753 10.63 -32.38 7.28
C LEU B 753 9.44 -32.36 8.24
N LYS B 754 9.33 -31.29 9.04
CA LYS B 754 8.14 -31.05 9.84
C LYS B 754 6.96 -30.64 8.95
N MET B 755 7.25 -30.04 7.78
CA MET B 755 6.17 -29.56 6.89
C MET B 755 6.71 -29.34 5.47
N LEU B 756 5.93 -29.77 4.50
CA LEU B 756 6.22 -29.63 3.11
C LEU B 756 4.95 -29.09 2.45
N LEU B 757 5.03 -27.89 1.87
CA LEU B 757 3.85 -27.23 1.32
C LEU B 757 3.97 -27.25 -0.22
N LEU B 758 2.93 -27.76 -0.88
CA LEU B 758 2.98 -28.06 -2.31
C LEU B 758 1.75 -27.53 -3.04
N HIS B 759 0.86 -26.86 -2.32
CA HIS B 759 -0.45 -26.60 -2.81
C HIS B 759 -0.38 -25.50 -3.88
N HIS B 760 -1.40 -25.49 -4.75
CA HIS B 760 -1.58 -24.50 -5.76
C HIS B 760 -0.37 -24.50 -6.71
N ASN B 761 -0.08 -25.67 -7.29
CA ASN B 761 0.95 -25.85 -8.30
C ASN B 761 0.25 -26.28 -9.59
N ARG B 762 0.99 -26.86 -10.57
CA ARG B 762 0.40 -27.22 -11.86
C ARG B 762 0.69 -28.69 -12.16
N PHE B 763 0.41 -29.57 -11.19
CA PHE B 763 0.87 -30.97 -11.23
C PHE B 763 0.19 -31.68 -12.40
N LEU B 764 1.00 -32.40 -13.18
CA LEU B 764 0.60 -33.17 -14.32
C LEU B 764 0.59 -34.64 -13.88
N CYS B 765 -0.60 -35.23 -13.89
CA CYS B 765 -0.79 -36.56 -13.31
C CYS B 765 -0.82 -37.64 -14.40
N THR B 766 0.32 -37.79 -15.05
CA THR B 766 0.56 -38.83 -16.00
C THR B 766 1.31 -39.94 -15.27
N CYS B 767 1.64 -40.98 -16.03
CA CYS B 767 2.36 -42.13 -15.53
C CYS B 767 3.78 -41.74 -15.11
N ASP B 768 4.29 -40.60 -15.60
CA ASP B 768 5.60 -40.07 -15.16
C ASP B 768 5.56 -39.67 -13.68
N ALA B 769 4.36 -39.40 -13.15
CA ALA B 769 4.16 -38.86 -11.81
C ALA B 769 3.91 -39.99 -10.79
N VAL B 770 4.10 -41.23 -11.21
CA VAL B 770 3.72 -42.36 -10.37
C VAL B 770 4.38 -42.22 -8.98
N TRP B 771 5.70 -41.95 -8.93
CA TRP B 771 6.42 -41.91 -7.63
C TRP B 771 5.84 -40.83 -6.70
N PHE B 772 5.65 -39.63 -7.24
CA PHE B 772 5.25 -38.49 -6.44
C PHE B 772 3.84 -38.68 -5.88
N VAL B 773 2.94 -39.17 -6.73
CA VAL B 773 1.59 -39.43 -6.32
C VAL B 773 1.64 -40.50 -5.22
N TRP B 774 2.38 -41.58 -5.44
CA TRP B 774 2.49 -42.66 -4.44
C TRP B 774 2.99 -42.07 -3.11
N TRP B 775 4.08 -41.31 -3.18
CA TRP B 775 4.74 -40.81 -1.98
C TRP B 775 3.80 -39.86 -1.23
N VAL B 776 3.07 -39.00 -1.95
CA VAL B 776 2.15 -38.04 -1.33
C VAL B 776 1.03 -38.79 -0.62
N GLN B 777 0.53 -39.86 -1.23
CA GLN B 777 -0.59 -40.61 -0.68
C GLN B 777 -0.15 -41.36 0.58
N HIS B 778 1.11 -41.81 0.62
CA HIS B 778 1.60 -42.73 1.65
C HIS B 778 2.44 -42.06 2.75
N THR B 779 2.94 -40.83 2.54
CA THR B 779 3.89 -40.20 3.51
C THR B 779 3.17 -39.73 4.79
N GLU B 780 3.93 -39.67 5.88
CA GLU B 780 3.46 -39.20 7.19
C GLU B 780 3.77 -37.70 7.33
N VAL B 781 4.64 -37.18 6.46
CA VAL B 781 5.07 -35.78 6.47
C VAL B 781 3.85 -34.91 6.29
N THR B 782 3.79 -33.82 7.06
CA THR B 782 2.64 -32.94 7.04
C THR B 782 2.65 -32.13 5.72
N ILE B 783 1.55 -32.22 4.97
CA ILE B 783 1.31 -31.49 3.76
C ILE B 783 -0.07 -30.89 3.87
N PRO B 784 -0.20 -29.57 4.02
CA PRO B 784 -1.50 -28.93 4.19
C PRO B 784 -2.26 -28.86 2.87
N TYR B 785 -3.59 -28.80 2.98
CA TYR B 785 -4.50 -28.57 1.89
C TYR B 785 -4.54 -29.74 0.89
N LEU B 786 -4.12 -30.95 1.28
CA LEU B 786 -4.28 -32.15 0.43
C LEU B 786 -5.74 -32.31 -0.04
N ALA B 787 -6.68 -31.93 0.82
CA ALA B 787 -8.08 -32.16 0.58
C ALA B 787 -8.67 -31.10 -0.36
N THR B 788 -8.04 -29.93 -0.47
CA THR B 788 -8.67 -28.80 -1.16
C THR B 788 -7.83 -28.24 -2.33
N ASP B 789 -6.48 -28.30 -2.29
CA ASP B 789 -5.67 -27.48 -3.24
C ASP B 789 -4.33 -28.14 -3.59
N VAL B 790 -4.29 -29.47 -3.59
CA VAL B 790 -3.18 -30.23 -4.17
C VAL B 790 -3.77 -31.12 -5.26
N THR B 791 -3.81 -30.55 -6.46
CA THR B 791 -4.73 -30.89 -7.50
C THR B 791 -3.93 -31.20 -8.77
N CYS B 792 -4.37 -32.16 -9.57
CA CYS B 792 -3.89 -32.33 -10.94
C CYS B 792 -4.47 -31.21 -11.80
N VAL B 793 -3.75 -30.73 -12.81
CA VAL B 793 -4.34 -29.78 -13.77
C VAL B 793 -4.58 -30.50 -15.10
N GLY B 794 -4.17 -31.76 -15.18
CA GLY B 794 -4.27 -32.59 -16.36
C GLY B 794 -3.66 -33.96 -16.10
N PRO B 795 -3.65 -34.90 -17.09
CA PRO B 795 -4.23 -34.65 -18.40
C PRO B 795 -5.76 -34.88 -18.37
N GLY B 796 -6.46 -34.21 -19.30
CA GLY B 796 -7.91 -34.32 -19.53
C GLY B 796 -8.68 -34.99 -18.41
N ALA B 797 -8.56 -36.33 -18.34
CA ALA B 797 -9.34 -37.17 -17.42
C ALA B 797 -9.26 -36.63 -15.98
N HIS B 798 -8.01 -36.42 -15.51
CA HIS B 798 -7.72 -36.19 -14.10
C HIS B 798 -7.72 -34.69 -13.77
N LYS B 799 -8.13 -33.83 -14.73
CA LYS B 799 -8.15 -32.37 -14.51
C LYS B 799 -9.07 -32.02 -13.34
N GLY B 800 -8.53 -31.24 -12.40
CA GLY B 800 -9.23 -30.77 -11.20
C GLY B 800 -9.31 -31.81 -10.08
N GLN B 801 -8.72 -32.98 -10.29
CA GLN B 801 -8.81 -34.09 -9.33
C GLN B 801 -7.69 -34.01 -8.29
N SER B 802 -8.07 -34.21 -7.01
CA SER B 802 -7.15 -34.27 -5.88
C SER B 802 -6.12 -35.39 -6.11
N VAL B 803 -4.84 -35.09 -5.85
CA VAL B 803 -3.75 -36.04 -5.99
C VAL B 803 -3.94 -37.18 -4.98
N ILE B 804 -4.48 -36.84 -3.81
CA ILE B 804 -4.64 -37.81 -2.73
C ILE B 804 -5.58 -38.95 -3.20
N SER B 805 -6.57 -38.65 -4.05
CA SER B 805 -7.61 -39.62 -4.50
C SER B 805 -7.25 -40.31 -5.83
N LEU B 806 -6.10 -39.97 -6.43
CA LEU B 806 -5.76 -40.36 -7.81
C LEU B 806 -5.39 -41.84 -7.88
N ASP B 807 -6.02 -42.56 -8.81
CA ASP B 807 -5.78 -43.97 -9.08
C ASP B 807 -5.02 -44.07 -10.40
N LEU B 808 -3.83 -44.67 -10.36
CA LEU B 808 -2.91 -44.73 -11.49
C LEU B 808 -2.57 -46.17 -11.85
N TYR B 809 -3.50 -47.11 -11.57
CA TYR B 809 -3.28 -48.54 -11.85
C TYR B 809 -3.01 -48.78 -13.34
N THR B 810 -3.63 -47.99 -14.25
CA THR B 810 -3.43 -48.20 -15.70
C THR B 810 -1.95 -48.10 -16.07
N CYS B 811 -1.16 -47.39 -15.27
CA CYS B 811 0.31 -47.28 -15.45
C CYS B 811 1.03 -48.59 -15.12
N GLU B 812 0.38 -49.54 -14.45
CA GLU B 812 1.03 -50.77 -13.96
C GLU B 812 0.47 -52.03 -14.64
N LEU B 813 -0.06 -51.93 -15.86
CA LEU B 813 -0.59 -53.11 -16.57
C LEU B 813 0.55 -53.77 -17.36
C1 NAG E . 38.80 6.66 -14.99
C2 NAG E . 38.39 5.28 -14.52
C3 NAG E . 39.25 4.78 -13.33
C4 NAG E . 40.74 4.93 -13.60
C5 NAG E . 41.01 6.36 -14.08
C6 NAG E . 42.49 6.52 -14.41
C7 NAG E . 36.13 4.36 -14.63
C8 NAG E . 34.77 4.39 -13.98
N2 NAG E . 37.00 5.24 -14.14
O3 NAG E . 38.97 3.38 -13.16
O4 NAG E . 41.49 4.60 -12.43
O5 NAG E . 40.22 6.61 -15.26
O6 NAG E . 42.71 7.75 -15.15
O7 NAG E . 36.37 3.56 -15.52
C1 NAG E . 42.42 3.51 -12.55
C2 NAG E . 43.49 3.70 -11.47
C3 NAG E . 44.35 2.45 -11.21
C4 NAG E . 43.53 1.18 -11.08
C5 NAG E . 42.51 1.07 -12.20
C6 NAG E . 41.51 -0.04 -11.83
C7 NAG E . 44.12 6.06 -11.09
C8 NAG E . 45.05 7.22 -11.44
N2 NAG E . 44.31 4.89 -11.74
O3 NAG E . 44.93 2.62 -9.91
O4 NAG E . 44.39 0.03 -11.00
O5 NAG E . 41.75 2.28 -12.33
O6 NAG E . 40.43 0.54 -11.04
O7 NAG E . 43.25 6.23 -10.25
C1 NAG F . 12.14 9.02 -39.21
C2 NAG F . 11.64 9.77 -37.99
C3 NAG F . 11.85 11.27 -38.13
C4 NAG F . 13.31 11.57 -38.47
C5 NAG F . 13.86 10.73 -39.63
C6 NAG F . 15.38 10.94 -39.67
C7 NAG F . 9.82 8.62 -36.82
C8 NAG F . 8.33 8.54 -36.68
N2 NAG F . 10.24 9.47 -37.74
O3 NAG F . 11.49 11.86 -36.87
O4 NAG F . 13.49 12.97 -38.78
O5 NAG F . 13.54 9.32 -39.47
O6 NAG F . 16.08 10.04 -38.79
O7 NAG F . 10.59 7.98 -36.12
C1 NAG F . 13.90 13.70 -37.59
C2 NAG F . 14.75 14.90 -37.95
C3 NAG F . 15.06 15.71 -36.67
C4 NAG F . 13.78 16.10 -35.94
C5 NAG F . 12.99 14.84 -35.61
C6 NAG F . 11.62 15.13 -34.98
C7 NAG F . 16.03 14.28 -40.00
C8 NAG F . 17.40 13.97 -40.55
N2 NAG F . 15.96 14.48 -38.66
O3 NAG F . 15.75 16.91 -36.97
O4 NAG F . 14.04 16.90 -34.78
O5 NAG F . 12.77 14.10 -36.83
O6 NAG F . 11.69 15.27 -33.55
O7 NAG F . 15.07 14.35 -40.74
C1 NAG G . -38.70 -5.93 15.85
C2 NAG G . -38.45 -5.96 14.36
C3 NAG G . -39.21 -4.82 13.66
C4 NAG G . -40.70 -4.87 14.02
C5 NAG G . -40.80 -4.80 15.53
C6 NAG G . -42.26 -4.79 15.98
C7 NAG G . -36.31 -6.70 13.42
C8 NAG G . -34.88 -6.31 13.20
N2 NAG G . -37.03 -5.84 14.16
O3 NAG G . -39.06 -4.92 12.25
O4 NAG G . -41.37 -3.74 13.47
O5 NAG G . -40.11 -5.92 16.06
O6 NAG G . -42.34 -4.61 17.40
O7 NAG G . -36.77 -7.73 12.92
C1 NAG G . -42.51 -4.02 12.64
C2 NAG G . -43.31 -2.71 12.64
C3 NAG G . -44.37 -2.68 11.56
C4 NAG G . -43.74 -2.94 10.20
C5 NAG G . -42.99 -4.27 10.22
C6 NAG G . -42.17 -4.41 8.93
C7 NAG G . -43.44 -1.50 14.80
C8 NAG G . -44.07 -1.42 16.17
N2 NAG G . -43.90 -2.45 13.96
O3 NAG G . -44.96 -1.37 11.56
O4 NAG G . -44.76 -2.93 9.18
O5 NAG G . -42.08 -4.40 11.34
O6 NAG G . -41.00 -3.58 9.00
O7 NAG G . -42.53 -0.72 14.52
C1 NAG H . -15.15 -32.44 22.27
C2 NAG H . -14.43 -31.16 22.59
C3 NAG H . -14.39 -30.99 24.10
C4 NAG H . -15.81 -30.93 24.67
C5 NAG H . -16.65 -32.14 24.17
C6 NAG H . -18.16 -32.10 24.47
C7 NAG H . -12.76 -30.52 20.94
C8 NAG H . -11.27 -30.49 20.69
N2 NAG H . -13.08 -31.13 22.08
O3 NAG H . -13.65 -29.81 24.38
O4 NAG H . -15.64 -30.84 26.10
O5 NAG H . -16.51 -32.34 22.75
O6 NAG H . -18.83 -30.93 23.98
O7 NAG H . -13.58 -30.02 20.16
C1 NAG H . -16.08 -29.57 26.65
C2 NAG H . -16.17 -29.69 28.19
C3 NAG H . -16.46 -28.32 28.85
C4 NAG H . -15.44 -27.30 28.36
C5 NAG H . -15.65 -27.20 26.85
C6 NAG H . -14.93 -26.05 26.13
C7 NAG H . -18.34 -30.97 28.24
C8 NAG H . -18.92 -32.30 28.66
N2 NAG H . -17.06 -30.80 28.57
O3 NAG H . -16.37 -28.37 30.28
O4 NAG H . -15.55 -26.06 29.10
O5 NAG H . -15.23 -28.47 26.31
O6 NAG H . -13.97 -25.42 26.98
O7 NAG H . -19.00 -30.13 27.61
C1 NAG I . 1.52 20.00 -3.87
C2 NAG I . 1.28 19.54 -5.30
C3 NAG I . 1.51 18.02 -5.36
C4 NAG I . 2.86 17.62 -4.80
C5 NAG I . 2.91 18.16 -3.37
C6 NAG I . 4.19 17.75 -2.63
C7 NAG I . -0.53 20.46 -6.74
C8 NAG I . -2.00 20.67 -6.90
N2 NAG I . -0.09 19.82 -5.64
O3 NAG I . 1.42 17.59 -6.71
O4 NAG I . 2.98 16.17 -4.90
O5 NAG I . 2.80 19.61 -3.37
O6 NAG I . 5.22 18.59 -3.16
O7 NAG I . 0.19 20.86 -7.60
C1 NAG J . -24.73 18.23 8.40
C2 NAG J . -25.49 19.57 8.43
C3 NAG J . -25.67 20.06 9.86
C4 NAG J . -26.52 18.99 10.56
C5 NAG J . -25.74 17.68 10.51
C6 NAG J . -26.48 16.56 11.22
C7 NAG J . -25.18 20.82 6.44
C8 NAG J . -24.41 21.91 5.74
N2 NAG J . -24.78 20.58 7.68
O3 NAG J . -26.30 21.34 9.89
O4 NAG J . -26.82 19.40 11.92
O5 NAG J . -25.48 17.29 9.16
O6 NAG J . -25.60 15.44 11.38
O7 NAG J . -26.13 20.19 5.93
C1 NAG K . -34.69 -6.41 -21.36
C2 NAG K . -35.55 -5.13 -21.40
C3 NAG K . -37.01 -5.47 -21.15
C4 NAG K . -37.46 -6.44 -22.25
C5 NAG K . -36.62 -7.75 -22.28
C6 NAG K . -36.90 -8.52 -23.59
C7 NAG K . -34.26 -3.15 -20.80
C8 NAG K . -33.93 -2.08 -19.76
N2 NAG K . -35.12 -4.12 -20.45
O3 NAG K . -37.82 -4.29 -21.16
O4 NAG K . -38.84 -6.80 -22.04
O5 NAG K . -35.20 -7.54 -22.14
O6 NAG K . -36.38 -7.76 -24.70
O7 NAG K . -33.77 -3.10 -21.93
C1 NAG L . 3.45 40.20 8.49
C2 NAG L . 3.21 40.73 9.90
C3 NAG L . 1.96 41.60 9.87
C4 NAG L . 2.05 42.68 8.78
C5 NAG L . 2.54 42.11 7.44
C6 NAG L . 2.81 43.20 6.44
C7 NAG L . 3.87 39.23 11.74
C8 NAG L . 3.38 38.16 12.69
N2 NAG L . 2.96 39.68 10.89
O3 NAG L . 1.72 42.19 11.15
O4 NAG L . 0.73 43.21 8.62
O5 NAG L . 3.73 41.32 7.64
O6 NAG L . 3.09 42.61 5.17
O7 NAG L . 5.02 39.64 11.76
C1 NAG M . 26.14 39.83 2.35
C2 NAG M . 26.46 40.91 3.35
C3 NAG M . 27.62 41.72 2.72
C4 NAG M . 28.83 40.80 2.47
C5 NAG M . 28.41 39.73 1.49
C6 NAG M . 29.52 38.72 1.26
C7 NAG M . 24.43 41.54 4.59
C8 NAG M . 23.17 42.41 4.59
N2 NAG M . 25.30 41.75 3.60
O3 NAG M . 27.98 42.86 3.52
O4 NAG M . 29.91 41.47 1.88
O5 NAG M . 27.30 39.06 2.02
O6 NAG M . 30.09 39.08 -0.01
O7 NAG M . 24.64 40.67 5.40
C1 NAG N . -14.39 29.51 14.26
C2 NAG N . -15.56 30.08 15.02
C3 NAG N . -15.29 31.51 15.41
C4 NAG N . -14.00 31.60 16.22
C5 NAG N . -12.85 30.83 15.55
C6 NAG N . -11.64 30.65 16.47
C7 NAG N . -17.87 29.57 14.61
C8 NAG N . -18.92 29.27 13.57
N2 NAG N . -16.69 29.96 14.15
O3 NAG N . -16.41 31.97 16.16
O4 NAG N . -13.64 32.99 16.31
O5 NAG N . -13.27 29.53 15.14
O6 NAG N . -11.18 31.91 16.99
O7 NAG N . -18.01 29.44 15.81
C1 NAG O . -13.18 8.03 -16.35
C2 NAG O . -12.46 8.62 -17.57
C3 NAG O . -10.96 8.29 -17.50
C4 NAG O . -10.29 8.71 -16.18
C5 NAG O . -11.11 8.09 -15.02
C6 NAG O . -10.60 8.53 -13.64
C7 NAG O . -13.76 8.91 -19.69
C8 NAG O . -14.28 8.20 -20.91
N2 NAG O . -13.05 8.15 -18.84
O3 NAG O . -10.40 8.94 -18.64
O4 NAG O . -8.88 8.35 -16.06
O5 NAG O . -12.53 8.41 -15.13
O6 NAG O . -11.53 8.10 -12.62
O7 NAG O . -14.01 10.09 -19.52
S SO4 P . -21.45 22.32 12.14
O1 SO4 P . -21.44 20.93 11.61
O2 SO4 P . -20.29 22.77 12.94
O3 SO4 P . -22.67 22.37 12.96
O4 SO4 P . -21.59 23.30 11.04
S SO4 Q . 8.77 40.69 7.52
O1 SO4 Q . 9.33 41.85 6.81
O2 SO4 Q . 9.48 40.46 8.81
O3 SO4 Q . 7.33 40.95 7.79
O4 SO4 Q . 8.86 39.50 6.62
S SO4 R . 23.83 17.09 -14.97
O1 SO4 R . 23.86 18.40 -15.73
O2 SO4 R . 25.10 16.96 -14.20
O3 SO4 R . 22.66 16.80 -14.05
O4 SO4 R . 23.81 16.01 -15.96
S SO4 S . -11.28 4.46 -21.99
O1 SO4 S . -9.79 4.46 -22.14
O2 SO4 S . -11.76 5.21 -20.78
O3 SO4 S . -11.66 3.07 -21.74
O4 SO4 S . -11.92 4.94 -23.25
O 9K9 T . -11.23 18.72 18.32
C2 9K9 T . -12.27 18.06 18.30
C 9K9 T . -13.25 18.13 19.39
N3 9K9 T . -13.38 18.81 20.56
C4 9K9 T . -14.57 18.39 21.08
N1 9K9 T . -12.49 17.24 17.27
C3 9K9 T . -13.58 16.48 17.19
N4 9K9 T . -13.71 15.70 16.09
N 9K9 T . -14.56 16.47 18.15
C1 9K9 T . -14.43 17.25 19.24
N2 9K9 T . -15.19 17.46 20.32
C5 9K9 T . -16.48 16.76 20.57
C6 9K9 T . -17.48 17.03 19.45
O3 9K9 T . -18.58 17.78 19.84
O1 9K9 T . -16.30 15.33 20.60
C8 9K9 T . -17.40 14.66 19.98
C9 9K9 T . -16.91 13.43 19.25
O2 9K9 T . -15.85 13.79 18.32
C7 9K9 T . -17.99 15.68 19.01
O4 9K9 T . -19.40 15.69 19.00
P 9K9 T . -19.96 17.07 19.55
O6 9K9 T . -20.71 17.83 18.50
O5 9K9 T . -20.74 16.72 20.77
O 9K9 U . 16.15 20.89 10.54
C2 9K9 U . 17.09 20.46 9.82
C 9K9 U . 18.19 21.33 9.41
N3 9K9 U . 18.55 22.61 9.58
C4 9K9 U . 19.73 22.80 8.92
N1 9K9 U . 17.11 19.18 9.38
C3 9K9 U . 18.07 18.66 8.60
N4 9K9 U . 18.00 17.35 8.26
N 9K9 U . 19.10 19.42 8.17
C1 9K9 U . 19.20 20.70 8.54
N2 9K9 U . 20.12 21.67 8.31
C5 9K9 U . 21.29 21.45 7.47
C6 9K9 U . 22.10 20.26 7.97
O3 9K9 U . 23.34 20.64 8.51
O1 9K9 U . 20.89 21.16 6.12
C8 9K9 U . 21.75 20.15 5.56
C9 9K9 U . 21.00 19.22 4.58
O2 9K9 U . 20.13 18.31 5.30
C7 9K9 U . 22.33 19.40 6.75
O4 9K9 U . 23.71 19.19 6.59
P 9K9 U . 24.54 20.06 7.64
O6 9K9 U . 25.12 21.20 6.87
O5 9K9 U . 25.44 19.13 8.43
C1 NAG V . 1.24 2.41 20.46
C2 NAG V . 1.21 0.90 20.47
C3 NAG V . 0.67 0.39 19.15
C4 NAG V . -0.63 1.08 18.80
C5 NAG V . -0.33 2.59 18.74
C6 NAG V . -1.46 3.45 18.19
C7 NAG V . 2.99 -0.48 21.43
C8 NAG V . 4.47 -0.71 21.44
N2 NAG V . 2.58 0.49 20.63
O3 NAG V . 0.50 -1.03 19.16
O4 NAG V . -1.07 0.58 17.54
O5 NAG V . 0.00 2.99 20.07
O6 NAG V . -2.64 3.21 18.94
O7 NAG V . 2.23 -1.14 22.12
C1 NAG W . 28.08 8.95 11.54
C2 NAG W . 29.04 9.22 12.69
C3 NAG W . 29.42 10.69 12.69
C4 NAG W . 30.03 11.09 11.36
C5 NAG W . 29.10 10.72 10.19
C6 NAG W . 29.83 11.03 8.89
C7 NAG W . 28.71 7.82 14.69
C8 NAG W . 28.03 7.78 16.02
N2 NAG W . 28.48 8.95 14.02
O3 NAG W . 30.33 10.98 13.76
O4 NAG W . 30.22 12.51 11.39
O5 NAG W . 28.67 9.34 10.27
O6 NAG W . 29.30 10.26 7.79
O7 NAG W . 29.39 6.89 14.28
C1 NAG X . 20.70 19.48 21.70
C2 NAG X . 21.99 19.85 22.44
C3 NAG X . 21.83 21.06 23.39
C4 NAG X . 20.63 21.94 23.07
C5 NAG X . 19.43 21.00 22.91
C6 NAG X . 18.02 21.57 23.12
C7 NAG X . 23.33 17.83 23.03
C8 NAG X . 23.33 16.58 23.89
N2 NAG X . 22.34 18.70 23.28
O3 NAG X . 23.03 21.82 23.35
O4 NAG X . 20.38 22.91 24.09
O5 NAG X . 19.69 20.50 21.60
O6 NAG X . 17.81 22.71 22.30
O7 NAG X . 24.15 18.01 22.12
C1 NAG Y . 4.43 20.36 35.40
C2 NAG Y . 4.92 21.81 35.40
C3 NAG Y . 6.34 21.91 35.99
C4 NAG Y . 6.38 21.29 37.38
C5 NAG Y . 5.67 19.93 37.40
C6 NAG Y . 5.48 19.44 38.82
C7 NAG Y . 4.13 23.39 33.70
C8 NAG Y . 4.37 23.90 32.30
N2 NAG Y . 4.87 22.34 34.04
O3 NAG Y . 6.83 23.27 36.07
O4 NAG Y . 7.76 21.10 37.78
O5 NAG Y . 4.39 19.96 36.78
O6 NAG Y . 5.18 18.05 38.74
O7 NAG Y . 3.33 23.93 34.45
S SO4 Z . 26.05 14.14 14.68
O1 SO4 Z . 27.46 14.46 14.36
O2 SO4 Z . 25.93 13.05 15.68
O3 SO4 Z . 25.29 15.32 15.22
O4 SO4 Z . 25.50 13.59 13.42
S SO4 AA . -6.46 -43.63 -17.46
O1 SO4 AA . -5.45 -44.31 -18.34
O2 SO4 AA . -5.85 -43.00 -16.25
O3 SO4 AA . -7.12 -42.49 -18.16
O4 SO4 AA . -7.44 -44.68 -17.06
S SO4 BA . -22.22 -5.45 24.02
O1 SO4 BA . -21.02 -5.21 23.15
O2 SO4 BA . -21.95 -6.26 25.27
O3 SO4 BA . -22.82 -4.14 24.42
O4 SO4 BA . -23.20 -6.20 23.20
#